data_3KFJ
# 
_entry.id   3KFJ 
# 
_audit_conform.dict_name       mmcif_pdbx.dic 
_audit_conform.dict_version    5.378 
_audit_conform.dict_location   http://mmcif.pdb.org/dictionaries/ascii/mmcif_pdbx.dic 
# 
loop_
_database_2.database_id 
_database_2.database_code 
_database_2.pdbx_database_accession 
_database_2.pdbx_DOI 
PDB   3KFJ         pdb_00003kfj 10.2210/pdb3kfj/pdb 
RCSB  RCSB055928   ?            ?                   
WWPDB D_1000055928 ?            ?                   
# 
loop_
_pdbx_database_related.db_name 
_pdbx_database_related.db_id 
_pdbx_database_related.details 
_pdbx_database_related.content_type 
PDB 3C7I . unspecified 
PDB 2HUW . unspecified 
PDB 3IMD . unspecified 
PDB 3IMJ . unspecified 
PDB 3IN7 . unspecified 
PDB 3IN8 . unspecified 
# 
_pdbx_database_status.status_code                     REL 
_pdbx_database_status.entry_id                        3KFJ 
_pdbx_database_status.recvd_initial_deposition_date   2009-10-27 
_pdbx_database_status.deposit_site                    RCSB 
_pdbx_database_status.process_site                    RCSB 
_pdbx_database_status.status_code_sf                  REL 
_pdbx_database_status.status_code_mr                  ? 
_pdbx_database_status.SG_entry                        ? 
_pdbx_database_status.status_code_cs                  ? 
_pdbx_database_status.pdb_format_compatible           Y 
_pdbx_database_status.status_code_nmr_data            ? 
_pdbx_database_status.methods_development_category    ? 
# 
_audit_author.name           'Clements, J.H.' 
_audit_author.pdbx_ordinal   1 
# 
_citation.id                        primary 
_citation.title                     
;Thermodynamic and structural effects of conformational constraints in protein-ligand interactions. Entropic paradoxy associated with ligand preorganization.
;
_citation.journal_abbrev            J.Am.Chem.Soc. 
_citation.journal_volume            131 
_citation.page_first                16758 
_citation.page_last                 16770 
_citation.year                      2009 
_citation.journal_id_ASTM           JACSAT 
_citation.country                   US 
_citation.journal_id_ISSN           0002-7863 
_citation.journal_id_CSD            0004 
_citation.book_publisher            ? 
_citation.pdbx_database_id_PubMed   19886660 
_citation.pdbx_database_id_DOI      10.1021/ja904698q 
# 
loop_
_citation_author.citation_id 
_citation_author.name 
_citation_author.ordinal 
_citation_author.identifier_ORCID 
primary 'DeLorbe, J.E.'    1 ? 
primary 'Clements, J.H.'   2 ? 
primary 'Teresk, M.G.'     3 ? 
primary 'Benfield, A.P.'   4 ? 
primary 'Plake, H.R.'      5 ? 
primary 'Millspaugh, L.E.' 6 ? 
primary 'Martin, S.F.'     7 ? 
# 
_cell.entry_id           3KFJ 
_cell.length_a           41.873 
_cell.length_b           41.873 
_cell.length_c           108.811 
_cell.angle_alpha        90.00 
_cell.angle_beta         90.00 
_cell.angle_gamma        90.00 
_cell.Z_PDB              8 
_cell.pdbx_unique_axis   ? 
_cell.length_a_esd       ? 
_cell.length_b_esd       ? 
_cell.length_c_esd       ? 
_cell.angle_alpha_esd    ? 
_cell.angle_beta_esd     ? 
_cell.angle_gamma_esd    ? 
# 
_symmetry.entry_id                         3KFJ 
_symmetry.space_group_name_H-M             'P 43 21 2' 
_symmetry.pdbx_full_space_group_name_H-M   ? 
_symmetry.cell_setting                     ? 
_symmetry.Int_Tables_number                96 
_symmetry.space_group_name_Hall            ? 
# 
loop_
_entity.id 
_entity.type 
_entity.src_method 
_entity.pdbx_description 
_entity.formula_weight 
_entity.pdbx_number_of_molecules 
_entity.pdbx_ec 
_entity.pdbx_mutation 
_entity.pdbx_fragment 
_entity.details 
1 polymer     man 'Growth factor receptor-bound protein 2'                                                           13758.543 1  
? ? 'SH2 domain, residues 53-163' ? 
2 non-polymer syn 'N-{(2S)-4-(methylamino)-4-oxo-2-[4-(phosphonooxy)benzyl]butanoyl}-L-alpha-glutamyl-L-aspartamide' 559.464   1  
? ? ?                             ? 
3 non-polymer syn 'CHLORIDE ION'                                                                                     35.453    2  
? ? ?                             ? 
4 non-polymer syn 'MAGNESIUM ION'                                                                                    24.305    1  
? ? ?                             ? 
5 water       nat water                                                                                              18.015    92 
? ? ?                             ? 
# 
_entity_name_com.entity_id   1 
_entity_name_com.name        'Adapter protein GRB2, SH2/SH3 adapter GRB2, Protein Ash' 
# 
_entity_poly.entity_id                      1 
_entity_poly.type                           'polypeptide(L)' 
_entity_poly.nstd_linkage                   no 
_entity_poly.nstd_monomer                   no 
_entity_poly.pdbx_seq_one_letter_code       
;IEMKPHPWFFGKIPRAKAEEMLSKQRHDGAFLIRESESAPGDFSLSVKFGNDVQHFKVLRDGAGKYFLWVVKFNSLNELV
DYHRSTSVSRNQQIFLRDIEQVPQQPTYVQAHHHHHH
;
_entity_poly.pdbx_seq_one_letter_code_can   
;IEMKPHPWFFGKIPRAKAEEMLSKQRHDGAFLIRESESAPGDFSLSVKFGNDVQHFKVLRDGAGKYFLWVVKFNSLNELV
DYHRSTSVSRNQQIFLRDIEQVPQQPTYVQAHHHHHH
;
_entity_poly.pdbx_strand_id                 A 
_entity_poly.pdbx_target_identifier         ? 
# 
loop_
_entity_poly_seq.entity_id 
_entity_poly_seq.num 
_entity_poly_seq.mon_id 
_entity_poly_seq.hetero 
1 1   ILE n 
1 2   GLU n 
1 3   MET n 
1 4   LYS n 
1 5   PRO n 
1 6   HIS n 
1 7   PRO n 
1 8   TRP n 
1 9   PHE n 
1 10  PHE n 
1 11  GLY n 
1 12  LYS n 
1 13  ILE n 
1 14  PRO n 
1 15  ARG n 
1 16  ALA n 
1 17  LYS n 
1 18  ALA n 
1 19  GLU n 
1 20  GLU n 
1 21  MET n 
1 22  LEU n 
1 23  SER n 
1 24  LYS n 
1 25  GLN n 
1 26  ARG n 
1 27  HIS n 
1 28  ASP n 
1 29  GLY n 
1 30  ALA n 
1 31  PHE n 
1 32  LEU n 
1 33  ILE n 
1 34  ARG n 
1 35  GLU n 
1 36  SER n 
1 37  GLU n 
1 38  SER n 
1 39  ALA n 
1 40  PRO n 
1 41  GLY n 
1 42  ASP n 
1 43  PHE n 
1 44  SER n 
1 45  LEU n 
1 46  SER n 
1 47  VAL n 
1 48  LYS n 
1 49  PHE n 
1 50  GLY n 
1 51  ASN n 
1 52  ASP n 
1 53  VAL n 
1 54  GLN n 
1 55  HIS n 
1 56  PHE n 
1 57  LYS n 
1 58  VAL n 
1 59  LEU n 
1 60  ARG n 
1 61  ASP n 
1 62  GLY n 
1 63  ALA n 
1 64  GLY n 
1 65  LYS n 
1 66  TYR n 
1 67  PHE n 
1 68  LEU n 
1 69  TRP n 
1 70  VAL n 
1 71  VAL n 
1 72  LYS n 
1 73  PHE n 
1 74  ASN n 
1 75  SER n 
1 76  LEU n 
1 77  ASN n 
1 78  GLU n 
1 79  LEU n 
1 80  VAL n 
1 81  ASP n 
1 82  TYR n 
1 83  HIS n 
1 84  ARG n 
1 85  SER n 
1 86  THR n 
1 87  SER n 
1 88  VAL n 
1 89  SER n 
1 90  ARG n 
1 91  ASN n 
1 92  GLN n 
1 93  GLN n 
1 94  ILE n 
1 95  PHE n 
1 96  LEU n 
1 97  ARG n 
1 98  ASP n 
1 99  ILE n 
1 100 GLU n 
1 101 GLN n 
1 102 VAL n 
1 103 PRO n 
1 104 GLN n 
1 105 GLN n 
1 106 PRO n 
1 107 THR n 
1 108 TYR n 
1 109 VAL n 
1 110 GLN n 
1 111 ALA n 
1 112 HIS n 
1 113 HIS n 
1 114 HIS n 
1 115 HIS n 
1 116 HIS n 
1 117 HIS n 
# 
_entity_src_gen.entity_id                          1 
_entity_src_gen.pdbx_src_id                        1 
_entity_src_gen.pdbx_alt_source_flag               sample 
_entity_src_gen.pdbx_seq_type                      ? 
_entity_src_gen.pdbx_beg_seq_num                   ? 
_entity_src_gen.pdbx_end_seq_num                   ? 
_entity_src_gen.gene_src_common_name               human 
_entity_src_gen.gene_src_genus                     ? 
_entity_src_gen.pdbx_gene_src_gene                 'GRB2, ASH' 
_entity_src_gen.gene_src_species                   ? 
_entity_src_gen.gene_src_strain                    ? 
_entity_src_gen.gene_src_tissue                    ? 
_entity_src_gen.gene_src_tissue_fraction           ? 
_entity_src_gen.gene_src_details                   'Sequence was expressed with a 6-His tag' 
_entity_src_gen.pdbx_gene_src_fragment             ? 
_entity_src_gen.pdbx_gene_src_scientific_name      'Homo sapiens' 
_entity_src_gen.pdbx_gene_src_ncbi_taxonomy_id     9606 
_entity_src_gen.pdbx_gene_src_variant              ? 
_entity_src_gen.pdbx_gene_src_cell_line            ? 
_entity_src_gen.pdbx_gene_src_atcc                 ? 
_entity_src_gen.pdbx_gene_src_organ                ? 
_entity_src_gen.pdbx_gene_src_organelle            ? 
_entity_src_gen.pdbx_gene_src_cell                 ? 
_entity_src_gen.pdbx_gene_src_cellular_location    ? 
_entity_src_gen.host_org_common_name               ? 
_entity_src_gen.pdbx_host_org_scientific_name      'Escherichia coli' 
_entity_src_gen.pdbx_host_org_ncbi_taxonomy_id     562 
_entity_src_gen.host_org_genus                     ? 
_entity_src_gen.pdbx_host_org_gene                 ? 
_entity_src_gen.pdbx_host_org_organ                ? 
_entity_src_gen.host_org_species                   ? 
_entity_src_gen.pdbx_host_org_tissue               ? 
_entity_src_gen.pdbx_host_org_tissue_fraction      ? 
_entity_src_gen.pdbx_host_org_strain               SG13009 
_entity_src_gen.pdbx_host_org_variant              ? 
_entity_src_gen.pdbx_host_org_cell_line            ? 
_entity_src_gen.pdbx_host_org_atcc                 ? 
_entity_src_gen.pdbx_host_org_culture_collection   ? 
_entity_src_gen.pdbx_host_org_cell                 ? 
_entity_src_gen.pdbx_host_org_organelle            ? 
_entity_src_gen.pdbx_host_org_cellular_location    ? 
_entity_src_gen.pdbx_host_org_vector_type          plasmid 
_entity_src_gen.pdbx_host_org_vector               ? 
_entity_src_gen.host_org_details                   ? 
_entity_src_gen.expression_system_id               ? 
_entity_src_gen.plasmid_name                       pQE-60 
_entity_src_gen.plasmid_details                    ? 
_entity_src_gen.pdbx_description                   ? 
# 
_struct_ref.id                         1 
_struct_ref.db_name                    UNP 
_struct_ref.db_code                    GRB2_HUMAN 
_struct_ref.pdbx_db_accession          P62993 
_struct_ref.entity_id                  1 
_struct_ref.pdbx_seq_one_letter_code   
;IEMKPHPWFFGKIPRAKAEEMLSKQRHDGAFLIRESESAPGDFSLSVKFGNDVQHFKVLRDGAGKYFLWVVKFNSLNELV
DYHRSTSVSRNQQIFLRDIEQVPQQPTYVQA
;
_struct_ref.pdbx_align_begin           53 
_struct_ref.pdbx_db_isoform            ? 
# 
_struct_ref_seq.align_id                      1 
_struct_ref_seq.ref_id                        1 
_struct_ref_seq.pdbx_PDB_id_code              3KFJ 
_struct_ref_seq.pdbx_strand_id                A 
_struct_ref_seq.seq_align_beg                 1 
_struct_ref_seq.pdbx_seq_align_beg_ins_code   ? 
_struct_ref_seq.seq_align_end                 111 
_struct_ref_seq.pdbx_seq_align_end_ins_code   ? 
_struct_ref_seq.pdbx_db_accession             P62993 
_struct_ref_seq.db_align_beg                  53 
_struct_ref_seq.pdbx_db_align_beg_ins_code    ? 
_struct_ref_seq.db_align_end                  163 
_struct_ref_seq.pdbx_db_align_end_ins_code    ? 
_struct_ref_seq.pdbx_auth_seq_align_beg       53 
_struct_ref_seq.pdbx_auth_seq_align_end       163 
# 
loop_
_struct_ref_seq_dif.align_id 
_struct_ref_seq_dif.pdbx_pdb_id_code 
_struct_ref_seq_dif.mon_id 
_struct_ref_seq_dif.pdbx_pdb_strand_id 
_struct_ref_seq_dif.seq_num 
_struct_ref_seq_dif.pdbx_pdb_ins_code 
_struct_ref_seq_dif.pdbx_seq_db_name 
_struct_ref_seq_dif.pdbx_seq_db_accession_code 
_struct_ref_seq_dif.db_mon_id 
_struct_ref_seq_dif.pdbx_seq_db_seq_num 
_struct_ref_seq_dif.details 
_struct_ref_seq_dif.pdbx_auth_seq_num 
_struct_ref_seq_dif.pdbx_ordinal 
1 3KFJ HIS A 112 ? UNP P62993 ? ? 'expression tag' 164 1 
1 3KFJ HIS A 113 ? UNP P62993 ? ? 'expression tag' 165 2 
1 3KFJ HIS A 114 ? UNP P62993 ? ? 'expression tag' 166 3 
1 3KFJ HIS A 115 ? UNP P62993 ? ? 'expression tag' 167 4 
1 3KFJ HIS A 116 ? UNP P62993 ? ? 'expression tag' 168 5 
1 3KFJ HIS A 117 ? UNP P62993 ? ? 'expression tag' 169 6 
# 
loop_
_chem_comp.id 
_chem_comp.type 
_chem_comp.mon_nstd_flag 
_chem_comp.name 
_chem_comp.pdbx_synonyms 
_chem_comp.formula 
_chem_comp.formula_weight 
ALA 'L-peptide linking' y ALANINE                                                                                            ? 
'C3 H7 N O2'       89.093  
ARG 'L-peptide linking' y ARGININE                                                                                           ? 
'C6 H15 N4 O2 1'   175.209 
ASN 'L-peptide linking' y ASPARAGINE                                                                                         ? 
'C4 H8 N2 O3'      132.118 
ASP 'L-peptide linking' y 'ASPARTIC ACID'                                                                                    ? 
'C4 H7 N O4'       133.103 
CL  non-polymer         . 'CHLORIDE ION'                                                                                     ? 
'Cl -1'            35.453  
GLN 'L-peptide linking' y GLUTAMINE                                                                                          ? 
'C5 H10 N2 O3'     146.144 
GLU 'L-peptide linking' y 'GLUTAMIC ACID'                                                                                    ? 
'C5 H9 N O4'       147.129 
GLY 'peptide linking'   y GLYCINE                                                                                            ? 
'C2 H5 N O2'       75.067  
HIS 'L-peptide linking' y HISTIDINE                                                                                          ? 
'C6 H10 N3 O2 1'   156.162 
HOH non-polymer         . WATER                                                                                              ? 
'H2 O'             18.015  
ILE 'L-peptide linking' y ISOLEUCINE                                                                                         ? 
'C6 H13 N O2'      131.173 
LEU 'L-peptide linking' y LEUCINE                                                                                            ? 
'C6 H13 N O2'      131.173 
LYS 'L-peptide linking' y LYSINE                                                                                             ? 
'C6 H15 N2 O2 1'   147.195 
MET 'L-peptide linking' y METHIONINE                                                                                         ? 
'C5 H11 N O2 S'    149.211 
MG  non-polymer         . 'MAGNESIUM ION'                                                                                    ? 
'Mg 2'             24.305  
PHE 'L-peptide linking' y PHENYLALANINE                                                                                      ? 
'C9 H11 N O2'      165.189 
PRO 'L-peptide linking' y PROLINE                                                                                            ? 
'C5 H9 N O2'       115.130 
SER 'L-peptide linking' y SERINE                                                                                             ? 
'C3 H7 N O3'       105.093 
THR 'L-peptide linking' y THREONINE                                                                                          ? 
'C4 H9 N O3'       119.119 
TRP 'L-peptide linking' y TRYPTOPHAN                                                                                         ? 
'C11 H12 N2 O2'    204.225 
TYR 'L-peptide linking' y TYROSINE                                                                                           ? 
'C9 H11 N O3'      181.189 
VAL 'L-peptide linking' y VALINE                                                                                             ? 
'C5 H11 N O2'      117.146 
YEN peptide-like        . 'N-{(2S)-4-(methylamino)-4-oxo-2-[4-(phosphonooxy)benzyl]butanoyl}-L-alpha-glutamyl-L-aspartamide' ? 
'C21 H30 N5 O11 P' 559.464 
# 
_exptl.entry_id          3KFJ 
_exptl.method            'X-RAY DIFFRACTION' 
_exptl.crystals_number   1 
# 
_exptl_crystal.id                    1 
_exptl_crystal.density_meas          ? 
_exptl_crystal.density_Matthews      1.73 
_exptl_crystal.density_percent_sol   29.04 
_exptl_crystal.description           ? 
_exptl_crystal.F_000                 ? 
_exptl_crystal.preparation           ? 
# 
_exptl_crystal_grow.crystal_id      1 
_exptl_crystal_grow.method          'VAPOR DIFFUSION, HANGING DROP' 
_exptl_crystal_grow.temp            298 
_exptl_crystal_grow.temp_details    ? 
_exptl_crystal_grow.pH              8.5 
_exptl_crystal_grow.pdbx_details    
;Ligand in lyophilized powder form was dissolved in a 9.5 mg/mL solution of Grb2 SH2 in water such to give a protein/ligand molar ratio of 2:1.  4uL of this solution was mixed with 3uL of 0.1 M MgCl2 x 6H2O, 30% w/v PEG MW4000, 0.1 M TRIS, pH 8.5 to create the hanging drop, which yielded crystals of the protein-ligand complex in the presence of the above-mentioned solution after four weeks at room temperature., VAPOR DIFFUSION, HANGING DROP, temperature 298K
;
_exptl_crystal_grow.pdbx_pH_range   ? 
# 
_diffrn.id                     1 
_diffrn.ambient_temp           100 
_diffrn.ambient_temp_details   ? 
_diffrn.crystal_id             1 
# 
_diffrn_detector.diffrn_id              1 
_diffrn_detector.detector               'IMAGE PLATE' 
_diffrn_detector.type                   'RIGAKU RAXIS IV' 
_diffrn_detector.pdbx_collection_date   2007-04-21 
_diffrn_detector.details                ? 
# 
_diffrn_radiation.diffrn_id                        1 
_diffrn_radiation.wavelength_id                    1 
_diffrn_radiation.pdbx_monochromatic_or_laue_m_l   M 
_diffrn_radiation.monochromator                    'Blue max-flux confocal' 
_diffrn_radiation.pdbx_diffrn_protocol             'SINGLE WAVELENGTH' 
_diffrn_radiation.pdbx_scattering_type             x-ray 
# 
_diffrn_radiation_wavelength.id           1 
_diffrn_radiation_wavelength.wavelength   1.5418 
_diffrn_radiation_wavelength.wt           1.0 
# 
_diffrn_source.diffrn_id                   1 
_diffrn_source.source                      'ROTATING ANODE' 
_diffrn_source.type                        'RIGAKU RU200' 
_diffrn_source.pdbx_synchrotron_site       ? 
_diffrn_source.pdbx_synchrotron_beamline   ? 
_diffrn_source.pdbx_wavelength             ? 
_diffrn_source.pdbx_wavelength_list        1.5418 
# 
_reflns.entry_id                     3KFJ 
_reflns.observed_criterion_sigma_I   0 
_reflns.observed_criterion_sigma_F   0 
_reflns.d_resolution_low             50.00 
_reflns.d_resolution_high            2.02 
_reflns.number_obs                   6814 
_reflns.number_all                   6925 
_reflns.percent_possible_obs         98.4 
_reflns.pdbx_Rmerge_I_obs            0.050 
_reflns.pdbx_Rsym_value              ? 
_reflns.pdbx_netI_over_sigmaI        63.8 
_reflns.B_iso_Wilson_estimate        ? 
_reflns.pdbx_redundancy              8.8 
_reflns.R_free_details               ? 
_reflns.limit_h_max                  ? 
_reflns.limit_h_min                  ? 
_reflns.limit_k_max                  ? 
_reflns.limit_k_min                  ? 
_reflns.limit_l_max                  ? 
_reflns.limit_l_min                  ? 
_reflns.observed_criterion_F_max     ? 
_reflns.observed_criterion_F_min     ? 
_reflns.pdbx_chi_squared             ? 
_reflns.pdbx_scaling_rejects         ? 
_reflns.pdbx_ordinal                 1 
_reflns.pdbx_diffrn_id               1 
# 
_reflns_shell.d_res_high             2.02 
_reflns_shell.d_res_low              2.09 
_reflns_shell.percent_possible_all   100 
_reflns_shell.Rmerge_I_obs           0.102 
_reflns_shell.pdbx_Rsym_value        ? 
_reflns_shell.meanI_over_sigI_obs    ? 
_reflns_shell.pdbx_redundancy        9.0 
_reflns_shell.percent_possible_obs   ? 
_reflns_shell.number_unique_all      669 
_reflns_shell.number_measured_all    ? 
_reflns_shell.number_measured_obs    ? 
_reflns_shell.number_unique_obs      ? 
_reflns_shell.pdbx_chi_squared       ? 
_reflns_shell.pdbx_ordinal           1 
_reflns_shell.pdbx_diffrn_id         1 
# 
_refine.entry_id                                 3KFJ 
_refine.ls_number_reflns_obs                     6723 
_refine.ls_number_reflns_all                     7067 
_refine.pdbx_ls_sigma_I                          0 
_refine.pdbx_ls_sigma_F                          0 
_refine.pdbx_data_cutoff_high_absF               ? 
_refine.pdbx_data_cutoff_low_absF                ? 
_refine.pdbx_data_cutoff_high_rms_absF           ? 
_refine.ls_d_res_low                             50.00 
_refine.ls_d_res_high                            2.02 
_refine.ls_percent_reflns_obs                    95.1 
_refine.ls_R_factor_obs                          ? 
_refine.ls_R_factor_all                          ? 
_refine.ls_R_factor_R_work                       0.1975 
_refine.ls_R_factor_R_free                       0.2296 
_refine.ls_R_factor_R_free_error                 ? 
_refine.ls_R_factor_R_free_error_details         ? 
_refine.ls_percent_reflns_R_free                 ? 
_refine.ls_number_reflns_R_free                  350 
_refine.ls_number_parameters                     ? 
_refine.ls_number_restraints                     ? 
_refine.occupancy_min                            ? 
_refine.occupancy_max                            ? 
_refine.correlation_coeff_Fo_to_Fc               ? 
_refine.correlation_coeff_Fo_to_Fc_free          ? 
_refine.B_iso_mean                               16.3393 
_refine.aniso_B[1][1]                            0.866 
_refine.aniso_B[2][2]                            0.866 
_refine.aniso_B[3][3]                            -1.732 
_refine.aniso_B[1][2]                            0.000 
_refine.aniso_B[1][3]                            0.000 
_refine.aniso_B[2][3]                            0.000 
_refine.solvent_model_details                    ? 
_refine.solvent_model_param_ksol                 ? 
_refine.solvent_model_param_bsol                 ? 
_refine.pdbx_solvent_vdw_probe_radii             ? 
_refine.pdbx_solvent_ion_probe_radii             ? 
_refine.pdbx_solvent_shrinkage_radii             ? 
_refine.pdbx_ls_cross_valid_method               THROUGHOUT 
_refine.details                                  ? 
_refine.pdbx_starting_model                      'pdb entry 3C7I' 
_refine.pdbx_method_to_determine_struct          'MOLECULAR REPLACEMENT' 
_refine.pdbx_isotropic_thermal_model             ? 
_refine.pdbx_stereochemistry_target_values       'Engh & Huber' 
_refine.pdbx_stereochem_target_val_spec_case     ? 
_refine.pdbx_R_Free_selection_details            random 
_refine.pdbx_overall_ESU_R_Free                  ? 
_refine.overall_SU_ML                            ? 
_refine.overall_SU_B                             ? 
_refine.ls_redundancy_reflns_obs                 ? 
_refine.B_iso_min                                ? 
_refine.B_iso_max                                ? 
_refine.overall_SU_R_Cruickshank_DPI             ? 
_refine.overall_SU_R_free                        ? 
_refine.ls_wR_factor_R_free                      ? 
_refine.ls_wR_factor_R_work                      ? 
_refine.overall_FOM_free_R_set                   ? 
_refine.overall_FOM_work_R_set                   ? 
_refine.pdbx_overall_phase_error                 ? 
_refine.pdbx_refine_id                           'X-RAY DIFFRACTION' 
_refine.pdbx_overall_ESU_R                       ? 
_refine.pdbx_diffrn_id                           1 
_refine.pdbx_TLS_residual_ADP_flag               ? 
_refine.pdbx_overall_SU_R_free_Cruickshank_DPI   ? 
_refine.pdbx_overall_SU_R_Blow_DPI               ? 
_refine.pdbx_overall_SU_R_free_Blow_DPI          ? 
# 
_refine_hist.pdbx_refine_id                   'X-RAY DIFFRACTION' 
_refine_hist.cycle_id                         LAST 
_refine_hist.pdbx_number_atoms_protein        824 
_refine_hist.pdbx_number_atoms_nucleic_acid   0 
_refine_hist.pdbx_number_atoms_ligand         41 
_refine_hist.number_atoms_solvent             92 
_refine_hist.number_atoms_total               957 
_refine_hist.d_res_high                       2.02 
_refine_hist.d_res_low                        50.00 
# 
loop_
_refine_ls_restr.type 
_refine_ls_restr.dev_ideal 
_refine_ls_restr.dev_ideal_target 
_refine_ls_restr.weight 
_refine_ls_restr.number 
_refine_ls_restr.pdbx_refine_id 
_refine_ls_restr.pdbx_restraint_function 
c_bond_d     0.012 ? ? ? 'X-RAY DIFFRACTION' ? 
c_angle_d    1.622 ? ? ? 'X-RAY DIFFRACTION' ? 
c_mcbond_it  1.114 ? ? ? 'X-RAY DIFFRACTION' ? 
c_mcangle_it 1.620 ? ? ? 'X-RAY DIFFRACTION' ? 
# 
_struct.entry_id                  3KFJ 
_struct.title                     
'Crystal Structure of the Grb2 SH2 Domain in Complex with a Flexible Ac-pY-E-N-NH2 Tripeptide Mimic' 
_struct.pdbx_model_details        ? 
_struct.pdbx_CASP_flag            ? 
_struct.pdbx_model_type_details   ? 
# 
_struct_keywords.entry_id        3KFJ 
_struct_keywords.pdbx_keywords   'SIGNALING PROTEIN/PEPTIDE' 
_struct_keywords.text            
;Golgi apparatus, Host-virus interaction, Phosphoprotein, SH2 domain, SH3 domain, SIGNALING PROTEIN, SIGNALING PROTEIN-PEPTIDE COMPLEX
;
# 
loop_
_struct_asym.id 
_struct_asym.pdbx_blank_PDB_chainid_flag 
_struct_asym.pdbx_modified 
_struct_asym.entity_id 
_struct_asym.details 
A N N 1 ? 
B N N 2 ? 
C N N 3 ? 
D N N 3 ? 
E N N 4 ? 
F N N 5 ? 
# 
_struct_biol.id        1 
_struct_biol.details   ? 
# 
loop_
_struct_conf.conf_type_id 
_struct_conf.id 
_struct_conf.pdbx_PDB_helix_id 
_struct_conf.beg_label_comp_id 
_struct_conf.beg_label_asym_id 
_struct_conf.beg_label_seq_id 
_struct_conf.pdbx_beg_PDB_ins_code 
_struct_conf.end_label_comp_id 
_struct_conf.end_label_asym_id 
_struct_conf.end_label_seq_id 
_struct_conf.pdbx_end_PDB_ins_code 
_struct_conf.beg_auth_comp_id 
_struct_conf.beg_auth_asym_id 
_struct_conf.beg_auth_seq_id 
_struct_conf.end_auth_comp_id 
_struct_conf.end_auth_asym_id 
_struct_conf.end_auth_seq_id 
_struct_conf.pdbx_PDB_helix_class 
_struct_conf.details 
_struct_conf.pdbx_PDB_helix_length 
HELX_P HELX_P1 1 PRO A 14 ? LYS A 24 ? PRO A 66  LYS A 76  1 ? 11 
HELX_P HELX_P2 2 SER A 75 ? HIS A 83 ? SER A 127 HIS A 135 1 ? 9  
# 
_struct_conf_type.id          HELX_P 
_struct_conf_type.criteria    ? 
_struct_conf_type.reference   ? 
# 
_struct_sheet.id               A 
_struct_sheet.type             ? 
_struct_sheet.number_strands   5 
_struct_sheet.details          ? 
# 
loop_
_struct_sheet_order.sheet_id 
_struct_sheet_order.range_id_1 
_struct_sheet_order.range_id_2 
_struct_sheet_order.offset 
_struct_sheet_order.sense 
A 1 2 ? anti-parallel 
A 2 3 ? anti-parallel 
A 3 4 ? anti-parallel 
A 4 5 ? anti-parallel 
# 
loop_
_struct_sheet_range.sheet_id 
_struct_sheet_range.id 
_struct_sheet_range.beg_label_comp_id 
_struct_sheet_range.beg_label_asym_id 
_struct_sheet_range.beg_label_seq_id 
_struct_sheet_range.pdbx_beg_PDB_ins_code 
_struct_sheet_range.end_label_comp_id 
_struct_sheet_range.end_label_asym_id 
_struct_sheet_range.end_label_seq_id 
_struct_sheet_range.pdbx_end_PDB_ins_code 
_struct_sheet_range.beg_auth_comp_id 
_struct_sheet_range.beg_auth_asym_id 
_struct_sheet_range.beg_auth_seq_id 
_struct_sheet_range.end_auth_comp_id 
_struct_sheet_range.end_auth_asym_id 
_struct_sheet_range.end_auth_seq_id 
A 1 PHE A 31 ? GLU A 35 ? PHE A 83  GLU A 87  
A 2 PHE A 43 ? PHE A 49 ? PHE A 95  PHE A 101 
A 3 ASP A 52 ? ARG A 60 ? ASP A 104 ARG A 112 
A 4 TYR A 66 ? PHE A 67 ? TYR A 118 PHE A 119 
A 5 LYS A 72 ? PHE A 73 ? LYS A 124 PHE A 125 
# 
loop_
_pdbx_struct_sheet_hbond.sheet_id 
_pdbx_struct_sheet_hbond.range_id_1 
_pdbx_struct_sheet_hbond.range_id_2 
_pdbx_struct_sheet_hbond.range_1_label_atom_id 
_pdbx_struct_sheet_hbond.range_1_label_comp_id 
_pdbx_struct_sheet_hbond.range_1_label_asym_id 
_pdbx_struct_sheet_hbond.range_1_label_seq_id 
_pdbx_struct_sheet_hbond.range_1_PDB_ins_code 
_pdbx_struct_sheet_hbond.range_1_auth_atom_id 
_pdbx_struct_sheet_hbond.range_1_auth_comp_id 
_pdbx_struct_sheet_hbond.range_1_auth_asym_id 
_pdbx_struct_sheet_hbond.range_1_auth_seq_id 
_pdbx_struct_sheet_hbond.range_2_label_atom_id 
_pdbx_struct_sheet_hbond.range_2_label_comp_id 
_pdbx_struct_sheet_hbond.range_2_label_asym_id 
_pdbx_struct_sheet_hbond.range_2_label_seq_id 
_pdbx_struct_sheet_hbond.range_2_PDB_ins_code 
_pdbx_struct_sheet_hbond.range_2_auth_atom_id 
_pdbx_struct_sheet_hbond.range_2_auth_comp_id 
_pdbx_struct_sheet_hbond.range_2_auth_asym_id 
_pdbx_struct_sheet_hbond.range_2_auth_seq_id 
A 1 2 N ARG A 34 ? N ARG A 86  O SER A 44 ? O SER A 96  
A 2 3 N LEU A 45 ? N LEU A 97  O PHE A 56 ? O PHE A 108 
A 3 4 N LEU A 59 ? N LEU A 111 O PHE A 67 ? O PHE A 119 
A 4 5 N TYR A 66 ? N TYR A 118 O PHE A 73 ? O PHE A 125 
# 
loop_
_struct_site.id 
_struct_site.pdbx_evidence_code 
_struct_site.pdbx_auth_asym_id 
_struct_site.pdbx_auth_comp_id 
_struct_site.pdbx_auth_seq_id 
_struct_site.pdbx_auth_ins_code 
_struct_site.pdbx_num_residues 
_struct_site.details 
AC1 Software A YEN 1   ? 20 'BINDING SITE FOR RESIDUE YEN A 1'  
AC2 Software A CL  164 ? 4  'BINDING SITE FOR RESIDUE CL A 164' 
AC3 Software A CL  2   ? 2  'BINDING SITE FOR RESIDUE CL A 2'   
AC4 Software A MG  3   ? 3  'BINDING SITE FOR RESIDUE MG A 3'   
# 
loop_
_struct_site_gen.id 
_struct_site_gen.site_id 
_struct_site_gen.pdbx_num_res 
_struct_site_gen.label_comp_id 
_struct_site_gen.label_asym_id 
_struct_site_gen.label_seq_id 
_struct_site_gen.pdbx_auth_ins_code 
_struct_site_gen.auth_comp_id 
_struct_site_gen.auth_asym_id 
_struct_site_gen.auth_seq_id 
_struct_site_gen.label_atom_id 
_struct_site_gen.label_alt_id 
_struct_site_gen.symmetry 
_struct_site_gen.details 
1  AC1 20 HOH F .   ? HOH A 17  . ? 1_555 ? 
2  AC1 20 HOH F .   ? HOH A 22  . ? 1_555 ? 
3  AC1 20 HOH F .   ? HOH A 28  . ? 1_555 ? 
4  AC1 20 HOH F .   ? HOH A 35  . ? 1_555 ? 
5  AC1 20 ARG A 15  ? ARG A 67  . ? 1_555 ? 
6  AC1 20 ARG A 26  ? ARG A 78  . ? 7_545 ? 
7  AC1 20 ARG A 34  ? ARG A 86  . ? 1_555 ? 
8  AC1 20 SER A 36  ? SER A 88  . ? 1_555 ? 
9  AC1 20 SER A 38  ? SER A 90  . ? 1_555 ? 
10 AC1 20 SER A 44  ? SER A 96  . ? 1_555 ? 
11 AC1 20 GLN A 54  ? GLN A 106 . ? 1_555 ? 
12 AC1 20 HIS A 55  ? HIS A 107 . ? 1_555 ? 
13 AC1 20 PHE A 56  ? PHE A 108 . ? 1_555 ? 
14 AC1 20 LYS A 57  ? LYS A 109 . ? 1_555 ? 
15 AC1 20 LEU A 68  ? LEU A 120 . ? 1_555 ? 
16 AC1 20 TRP A 69  ? TRP A 121 . ? 1_555 ? 
17 AC1 20 GLU A 100 ? GLU A 152 . ? 7_545 ? 
18 AC1 20 VAL A 102 ? VAL A 154 . ? 7_545 ? 
19 AC1 20 PRO A 103 ? PRO A 155 . ? 7_545 ? 
20 AC1 20 HOH F .   ? HOH A 165 . ? 1_555 ? 
21 AC2 4  ARG A 26  ? ARG A 78  . ? 1_555 ? 
22 AC2 4  LYS A 57  ? LYS A 109 . ? 7_655 ? 
23 AC2 4  GLU A 100 ? GLU A 152 . ? 1_555 ? 
24 AC2 4  HOH F .   ? HOH A 200 . ? 1_555 ? 
25 AC3 2  HOH F .   ? HOH A 52  . ? 7_545 ? 
26 AC3 2  ARG A 60  ? ARG A 112 . ? 1_555 ? 
27 AC4 3  SER A 87  ? SER A 139 . ? 1_555 ? 
28 AC4 3  GLN A 93  ? GLN A 145 . ? 1_555 ? 
29 AC4 3  HOH F .   ? HOH A 182 . ? 5_554 ? 
# 
_atom_sites.entry_id                    3KFJ 
_atom_sites.fract_transf_matrix[1][1]   0.00664187 
_atom_sites.fract_transf_matrix[1][2]   -0.02114318 
_atom_sites.fract_transf_matrix[1][3]   0.00889952 
_atom_sites.fract_transf_matrix[2][1]   -0.00020991 
_atom_sites.fract_transf_matrix[2][2]   -0.00932067 
_atom_sites.fract_transf_matrix[2][3]   -0.02198706 
_atom_sites.fract_transf_matrix[3][1]   0.00882707 
_atom_sites.fract_transf_matrix[3][2]   0.00232295 
_atom_sites.fract_transf_matrix[3][3]   -0.00106901 
_atom_sites.fract_transf_vector[1]      0.449028 
_atom_sites.fract_transf_vector[2]      -0.190407 
_atom_sites.fract_transf_vector[3]      -0.028331 
# 
loop_
_atom_type.symbol 
C  
CL 
MG 
N  
O  
P  
S  
# 
loop_
_atom_site.group_PDB 
_atom_site.id 
_atom_site.type_symbol 
_atom_site.label_atom_id 
_atom_site.label_alt_id 
_atom_site.label_comp_id 
_atom_site.label_asym_id 
_atom_site.label_entity_id 
_atom_site.label_seq_id 
_atom_site.pdbx_PDB_ins_code 
_atom_site.Cartn_x 
_atom_site.Cartn_y 
_atom_site.Cartn_z 
_atom_site.occupancy 
_atom_site.B_iso_or_equiv 
_atom_site.pdbx_formal_charge 
_atom_site.auth_seq_id 
_atom_site.auth_comp_id 
_atom_site.auth_asym_id 
_atom_site.auth_atom_id 
_atom_site.pdbx_PDB_model_num 
ATOM   1   N  N   . LYS A 1 4   ? 2.875   -16.622 9.310   1.00 29.76 ? 56  LYS A N   1 
ATOM   2   C  CA  . LYS A 1 4   ? 2.278   -15.634 10.254  1.00 28.66 ? 56  LYS A CA  1 
ATOM   3   C  C   . LYS A 1 4   ? 2.673   -14.161 10.019  1.00 26.89 ? 56  LYS A C   1 
ATOM   4   O  O   . LYS A 1 4   ? 1.806   -13.287 10.167  1.00 27.59 ? 56  LYS A O   1 
ATOM   5   C  CB  . LYS A 1 4   ? 2.506   -16.073 11.712  1.00 30.50 ? 56  LYS A CB  1 
ATOM   6   C  CG  . LYS A 1 4   ? 1.230   -16.323 12.518  1.00 31.84 ? 56  LYS A CG  1 
ATOM   7   C  CD  . LYS A 1 4   ? 0.571   -15.032 12.986  1.00 33.41 ? 56  LYS A CD  1 
ATOM   8   C  CE  . LYS A 1 4   ? -0.756  -15.297 13.684  1.00 33.06 ? 56  LYS A CE  1 
ATOM   9   N  NZ  . LYS A 1 4   ? -1.350  -14.027 14.194  1.00 33.89 ? 56  LYS A NZ  1 
ATOM   10  N  N   . PRO A 1 5   ? 3.964   -13.849 9.678   1.00 24.14 ? 57  PRO A N   1 
ATOM   11  C  CA  . PRO A 1 5   ? 4.280   -12.425 9.455   1.00 22.31 ? 57  PRO A CA  1 
ATOM   12  C  C   . PRO A 1 5   ? 3.606   -11.901 8.182   1.00 20.50 ? 57  PRO A C   1 
ATOM   13  O  O   . PRO A 1 5   ? 3.312   -12.680 7.274   1.00 20.32 ? 57  PRO A O   1 
ATOM   14  C  CB  . PRO A 1 5   ? 5.804   -12.425 9.321   1.00 21.91 ? 57  PRO A CB  1 
ATOM   15  C  CG  . PRO A 1 5   ? 6.115   -13.779 8.782   1.00 22.94 ? 57  PRO A CG  1 
ATOM   16  C  CD  . PRO A 1 5   ? 5.202   -14.659 9.590   1.00 23.69 ? 57  PRO A CD  1 
ATOM   17  N  N   . HIS A 1 6   ? 3.330   -10.601 8.142   1.00 19.00 ? 58  HIS A N   1 
ATOM   18  C  CA  . HIS A 1 6   ? 2.665   -9.998  6.989   1.00 19.45 ? 58  HIS A CA  1 
ATOM   19  C  C   . HIS A 1 6   ? 3.570   -9.844  5.766   1.00 18.91 ? 58  HIS A C   1 
ATOM   20  O  O   . HIS A 1 6   ? 4.643   -9.239  5.859   1.00 20.69 ? 58  HIS A O   1 
ATOM   21  C  CB  . HIS A 1 6   ? 2.023   -8.674  7.382   1.00 18.44 ? 58  HIS A CB  1 
ATOM   22  C  CG  . HIS A 1 6   ? 0.796   -8.833  8.226   1.00 19.36 ? 58  HIS A CG  1 
ATOM   23  N  ND1 . HIS A 1 6   ? -0.233  -9.688  7.891   1.00 17.88 ? 58  HIS A ND1 1 
ATOM   24  C  CD2 . HIS A 1 6   ? 0.432   -8.245  9.387   1.00 18.65 ? 58  HIS A CD2 1 
ATOM   25  C  CE1 . HIS A 1 6   ? -1.176  -9.620  8.814   1.00 18.22 ? 58  HIS A CE1 1 
ATOM   26  N  NE2 . HIS A 1 6   ? -0.796  -8.752  9.734   1.00 17.97 ? 58  HIS A NE2 1 
ATOM   27  N  N   . PRO A 1 7   ? 3.149   -10.404 4.603   1.00 17.77 ? 59  PRO A N   1 
ATOM   28  C  CA  . PRO A 1 7   ? 3.934   -10.331 3.362   1.00 17.46 ? 59  PRO A CA  1 
ATOM   29  C  C   . PRO A 1 7   ? 3.914   -8.978  2.648   1.00 15.90 ? 59  PRO A C   1 
ATOM   30  O  O   . PRO A 1 7   ? 4.493   -8.831  1.571   1.00 18.56 ? 59  PRO A O   1 
ATOM   31  C  CB  . PRO A 1 7   ? 3.300   -11.426 2.508   1.00 18.05 ? 59  PRO A CB  1 
ATOM   32  C  CG  . PRO A 1 7   ? 1.869   -11.354 2.884   1.00 19.54 ? 59  PRO A CG  1 
ATOM   33  C  CD  . PRO A 1 7   ? 1.939   -11.228 4.394   1.00 18.95 ? 59  PRO A CD  1 
ATOM   34  N  N   . TRP A 1 8   ? 3.278   -7.995  3.274   1.00 14.07 ? 60  TRP A N   1 
ATOM   35  C  CA  . TRP A 1 8   ? 3.161   -6.660  2.705   1.00 12.20 ? 60  TRP A CA  1 
ATOM   36  C  C   . TRP A 1 8   ? 3.984   -5.537  3.338   1.00 11.87 ? 60  TRP A C   1 
ATOM   37  O  O   . TRP A 1 8   ? 3.940   -4.407  2.855   1.00 10.76 ? 60  TRP A O   1 
ATOM   38  C  CB  . TRP A 1 8   ? 1.685   -6.253  2.620   1.00 10.13 ? 60  TRP A CB  1 
ATOM   39  C  CG  . TRP A 1 8   ? 0.826   -6.496  3.860   1.00 9.24  ? 60  TRP A CG  1 
ATOM   40  C  CD1 . TRP A 1 8   ? -0.064  -7.522  4.048   1.00 9.67  ? 60  TRP A CD1 1 
ATOM   41  C  CD2 . TRP A 1 8   ? 0.711   -5.655  5.021   1.00 7.73  ? 60  TRP A CD2 1 
ATOM   42  N  NE1 . TRP A 1 8   ? -0.732  -7.366  5.241   1.00 9.99  ? 60  TRP A NE1 1 
ATOM   43  C  CE2 . TRP A 1 8   ? -0.280  -6.231  5.860   1.00 8.94  ? 60  TRP A CE2 1 
ATOM   44  C  CE3 . TRP A 1 8   ? 1.345   -4.464  5.437   1.00 10.16 ? 60  TRP A CE3 1 
ATOM   45  C  CZ2 . TRP A 1 8   ? -0.657  -5.655  7.098   1.00 9.86  ? 60  TRP A CZ2 1 
ATOM   46  C  CZ3 . TRP A 1 8   ? 0.971   -3.884  6.675   1.00 9.43  ? 60  TRP A CZ3 1 
ATOM   47  C  CH2 . TRP A 1 8   ? -0.024  -4.487  7.487   1.00 10.29 ? 60  TRP A CH2 1 
ATOM   48  N  N   . PHE A 1 9   ? 4.687   -5.815  4.437   1.00 11.09 ? 61  PHE A N   1 
ATOM   49  C  CA  . PHE A 1 9   ? 5.507   -4.779  5.077   1.00 11.30 ? 61  PHE A CA  1 
ATOM   50  C  C   . PHE A 1 9   ? 6.952   -4.892  4.623   1.00 11.98 ? 61  PHE A C   1 
ATOM   51  O  O   . PHE A 1 9   ? 7.646   -5.857  4.956   1.00 11.12 ? 61  PHE A O   1 
ATOM   52  C  CB  . PHE A 1 9   ? 5.436   -4.848  6.603   1.00 10.57 ? 61  PHE A CB  1 
ATOM   53  C  CG  . PHE A 1 9   ? 5.910   -3.582  7.297   1.00 10.10 ? 61  PHE A CG  1 
ATOM   54  C  CD1 . PHE A 1 9   ? 5.034   -2.487  7.454   1.00 8.66  ? 61  PHE A CD1 1 
ATOM   55  C  CD2 . PHE A 1 9   ? 7.224   -3.479  7.810   1.00 9.34  ? 61  PHE A CD2 1 
ATOM   56  C  CE1 . PHE A 1 9   ? 5.454   -1.303  8.116   1.00 10.28 ? 61  PHE A CE1 1 
ATOM   57  C  CE2 . PHE A 1 9   ? 7.662   -2.299  8.477   1.00 9.06  ? 61  PHE A CE2 1 
ATOM   58  C  CZ  . PHE A 1 9   ? 6.775   -1.211  8.629   1.00 8.25  ? 61  PHE A CZ  1 
ATOM   59  N  N   . PHE A 1 10  ? 7.396   -3.875  3.887   1.00 10.89 ? 62  PHE A N   1 
ATOM   60  C  CA  . PHE A 1 10  ? 8.746   -3.833  3.338   1.00 11.35 ? 62  PHE A CA  1 
ATOM   61  C  C   . PHE A 1 10  ? 9.673   -2.821  4.006   1.00 10.33 ? 62  PHE A C   1 
ATOM   62  O  O   . PHE A 1 10  ? 10.819  -2.644  3.582   1.00 9.26  ? 62  PHE A O   1 
ATOM   63  C  CB  . PHE A 1 10  ? 8.668   -3.568  1.840   1.00 11.87 ? 62  PHE A CB  1 
ATOM   64  C  CG  . PHE A 1 10  ? 8.291   -4.766  1.022   1.00 12.79 ? 62  PHE A CG  1 
ATOM   65  C  CD1 . PHE A 1 10  ? 7.010   -5.347  1.122   1.00 14.23 ? 62  PHE A CD1 1 
ATOM   66  C  CD2 . PHE A 1 10  ? 9.206   -5.306  0.110   1.00 14.72 ? 62  PHE A CD2 1 
ATOM   67  C  CE1 . PHE A 1 10  ? 6.643   -6.451  0.318   1.00 15.44 ? 62  PHE A CE1 1 
ATOM   68  C  CE2 . PHE A 1 10  ? 8.856   -6.409  -0.701  1.00 14.76 ? 62  PHE A CE2 1 
ATOM   69  C  CZ  . PHE A 1 10  ? 7.575   -6.983  -0.602  1.00 14.20 ? 62  PHE A CZ  1 
ATOM   70  N  N   . GLY A 1 11  ? 9.181   -2.185  5.070   1.00 8.28  ? 63  GLY A N   1 
ATOM   71  C  CA  . GLY A 1 11  ? 9.972   -1.205  5.809   1.00 7.56  ? 63  GLY A CA  1 
ATOM   72  C  C   . GLY A 1 11  ? 10.442  -0.009  5.006   1.00 8.98  ? 63  GLY A C   1 
ATOM   73  O  O   . GLY A 1 11  ? 9.695   0.520   4.189   1.00 8.34  ? 63  GLY A O   1 
ATOM   74  N  N   . LYS A 1 12  ? 11.705  0.363   5.190   1.00 10.75 ? 64  LYS A N   1 
ATOM   75  C  CA  . LYS A 1 12  ? 12.290  1.506   4.503   1.00 12.82 ? 64  LYS A CA  1 
ATOM   76  C  C   . LYS A 1 12  ? 12.888  1.190   3.123   1.00 14.15 ? 64  LYS A C   1 
ATOM   77  O  O   . LYS A 1 12  ? 14.112  1.107   2.956   1.00 16.55 ? 64  LYS A O   1 
ATOM   78  C  CB  . LYS A 1 12  ? 13.335  2.184   5.394   1.00 14.55 ? 64  LYS A CB  1 
ATOM   79  C  CG  . LYS A 1 12  ? 13.674  3.611   4.993   1.00 19.25 ? 64  LYS A CG  1 
ATOM   80  C  CD  . LYS A 1 12  ? 15.097  3.936   5.391   1.00 22.44 ? 64  LYS A CD  1 
ATOM   81  C  CE  . LYS A 1 12  ? 15.422  5.393   5.140   1.00 25.90 ? 64  LYS A CE  1 
ATOM   82  N  NZ  . LYS A 1 12  ? 14.547  6.278   5.962   1.00 28.16 ? 64  LYS A NZ  1 
ATOM   83  N  N   . ILE A 1 13  ? 12.017  0.939   2.155   1.00 16.10 ? 65  ILE A N   1 
ATOM   84  C  CA  . ILE A 1 13  ? 12.462  0.702   0.788   1.00 17.83 ? 65  ILE A CA  1 
ATOM   85  C  C   . ILE A 1 13  ? 12.063  1.964   0.025   1.00 16.25 ? 65  ILE A C   1 
ATOM   86  O  O   . ILE A 1 13  ? 10.983  2.519   0.280   1.00 16.82 ? 65  ILE A O   1 
ATOM   87  C  CB  . ILE A 1 13  ? 11.858  -0.590  0.133   1.00 20.00 ? 65  ILE A CB  1 
ATOM   88  C  CG1 . ILE A 1 13  ? 10.329  -0.579  0.135   1.00 21.04 ? 65  ILE A CG1 1 
ATOM   89  C  CG2 . ILE A 1 13  ? 12.431  -1.833  0.802   1.00 23.20 ? 65  ILE A CG2 1 
ATOM   90  C  CD1 . ILE A 1 13  ? 9.740   -1.401  -0.977  1.00 23.11 ? 65  ILE A CD1 1 
ATOM   91  N  N   . PRO A 1 14  ? 12.960  2.502   -0.835  1.00 15.60 ? 66  PRO A N   1 
ATOM   92  C  CA  . PRO A 1 14  ? 12.642  3.713   -1.607  1.00 15.20 ? 66  PRO A CA  1 
ATOM   93  C  C   . PRO A 1 14  ? 11.398  3.561   -2.483  1.00 14.18 ? 66  PRO A C   1 
ATOM   94  O  O   . PRO A 1 14  ? 11.011  2.439   -2.831  1.00 13.08 ? 66  PRO A O   1 
ATOM   95  C  CB  . PRO A 1 14  ? 13.887  3.892   -2.475  1.00 14.58 ? 66  PRO A CB  1 
ATOM   96  C  CG  . PRO A 1 14  ? 14.963  3.391   -1.604  1.00 15.11 ? 66  PRO A CG  1 
ATOM   97  C  CD  . PRO A 1 14  ? 14.375  2.126   -1.050  1.00 15.81 ? 66  PRO A CD  1 
ATOM   98  N  N   . ARG A 1 15  ? 10.770  4.696   -2.798  1.00 13.60 ? 67  ARG A N   1 
ATOM   99  C  CA  . ARG A 1 15  ? 9.574   4.780   -3.645  1.00 12.58 ? 67  ARG A CA  1 
ATOM   100 C  C   . ARG A 1 15  ? 9.804   4.069   -4.981  1.00 13.15 ? 67  ARG A C   1 
ATOM   101 O  O   . ARG A 1 15  ? 8.947   3.331   -5.475  1.00 11.99 ? 67  ARG A O   1 
ATOM   102 C  CB  . ARG A 1 15  ? 9.234   6.258   -3.885  1.00 13.99 ? 67  ARG A CB  1 
ATOM   103 C  CG  . ARG A 1 15  ? 8.050   6.533   -4.807  1.00 14.85 ? 67  ARG A CG  1 
ATOM   104 C  CD  . ARG A 1 15  ? 7.928   8.009   -5.114  1.00 18.89 ? 67  ARG A CD  1 
ATOM   105 N  NE  . ARG A 1 15  ? 6.890   8.273   -6.109  1.00 18.35 ? 67  ARG A NE  1 
ATOM   106 C  CZ  . ARG A 1 15  ? 5.714   8.844   -5.856  1.00 19.63 ? 67  ARG A CZ  1 
ATOM   107 N  NH1 . ARG A 1 15  ? 5.387   9.223   -4.626  1.00 17.27 ? 67  ARG A NH1 1 
ATOM   108 N  NH2 . ARG A 1 15  ? 4.853   9.025   -6.852  1.00 18.44 ? 67  ARG A NH2 1 
ATOM   109 N  N   . ALA A 1 16  ? 11.011  4.257   -5.505  1.00 12.12 ? 68  ALA A N   1 
ATOM   110 C  CA  . ALA A 1 16  ? 11.436  3.671   -6.761  1.00 11.26 ? 68  ALA A CA  1 
ATOM   111 C  C   . ALA A 1 16  ? 11.616  2.158   -6.692  1.00 11.70 ? 68  ALA A C   1 
ATOM   112 O  O   . ALA A 1 16  ? 11.273  1.460   -7.650  1.00 12.15 ? 68  ALA A O   1 
ATOM   113 C  CB  . ALA A 1 16  ? 12.695  4.314   -7.191  1.00 12.68 ? 68  ALA A CB  1 
ATOM   114 N  N   . LYS A 1 17  ? 12.134  1.663   -5.562  1.00 9.32  ? 69  LYS A N   1 
ATOM   115 C  CA  . LYS A 1 17  ? 12.352  0.223   -5.361  1.00 13.22 ? 69  LYS A CA  1 
ATOM   116 C  C   . LYS A 1 17  ? 11.006  -0.507  -5.223  1.00 12.16 ? 69  LYS A C   1 
ATOM   117 O  O   . LYS A 1 17  ? 10.884  -1.675  -5.599  1.00 10.43 ? 69  LYS A O   1 
ATOM   118 C  CB  . LYS A 1 17  ? 13.227  -0.033  -4.127  1.00 14.73 ? 69  LYS A CB  1 
ATOM   119 C  CG  . LYS A 1 17  ? 14.286  -1.125  -4.299  1.00 22.61 ? 69  LYS A CG  1 
ATOM   120 C  CD  . LYS A 1 17  ? 15.464  -0.649  -5.156  1.00 25.21 ? 69  LYS A CD  1 
ATOM   121 C  CE  . LYS A 1 17  ? 16.443  -1.778  -5.435  1.00 28.92 ? 69  LYS A CE  1 
ATOM   122 N  NZ  . LYS A 1 17  ? 17.500  -1.374  -6.413  1.00 27.89 ? 69  LYS A NZ  1 
ATOM   123 N  N   . ALA A 1 18  ? 10.002  0.226   -4.735  1.00 11.19 ? 70  ALA A N   1 
ATOM   124 C  CA  . ALA A 1 18  ? 8.638   -0.276  -4.564  1.00 12.16 ? 70  ALA A CA  1 
ATOM   125 C  C   . ALA A 1 18  ? 7.991   -0.424  -5.940  1.00 11.37 ? 70  ALA A C   1 
ATOM   126 O  O   . ALA A 1 18  ? 7.313   -1.411  -6.201  1.00 10.70 ? 70  ALA A O   1 
ATOM   127 C  CB  . ALA A 1 18  ? 7.834   0.672   -3.703  1.00 11.97 ? 70  ALA A CB  1 
ATOM   128 N  N   . GLU A 1 19  ? 8.280   0.527   -6.832  1.00 12.16 ? 71  GLU A N   1 
ATOM   129 C  CA  . GLU A 1 19  ? 7.766   0.509   -8.201  1.00 12.15 ? 71  GLU A CA  1 
ATOM   130 C  C   . GLU A 1 19  ? 8.429   -0.603  -9.005  1.00 12.40 ? 71  GLU A C   1 
ATOM   131 O  O   . GLU A 1 19  ? 7.764   -1.291  -9.771  1.00 10.23 ? 71  GLU A O   1 
ATOM   132 C  CB  . GLU A 1 19  ? 8.002   1.839   -8.909  1.00 15.66 ? 71  GLU A CB  1 
ATOM   133 C  CG  . GLU A 1 19  ? 7.224   3.007   -8.350  1.00 20.57 ? 71  GLU A CG  1 
ATOM   134 C  CD  . GLU A 1 19  ? 7.055   4.163   -9.327  1.00 22.85 ? 71  GLU A CD  1 
ATOM   135 O  OE1 . GLU A 1 19  ? 7.121   3.949   -10.556 1.00 26.13 ? 71  GLU A OE1 1 
ATOM   136 O  OE2 . GLU A 1 19  ? 6.841   5.299   -8.858  1.00 24.53 ? 71  GLU A OE2 1 
ATOM   137 N  N   . GLU A 1 20  ? 9.729   -0.807  -8.771  1.00 11.69 ? 72  GLU A N   1 
ATOM   138 C  CA  . GLU A 1 20  ? 10.505  -1.848  -9.447  1.00 11.26 ? 72  GLU A CA  1 
ATOM   139 C  C   . GLU A 1 20  ? 9.954   -3.238  -9.108  1.00 11.07 ? 72  GLU A C   1 
ATOM   140 O  O   . GLU A 1 20  ? 9.760   -4.074  -9.998  1.00 9.77  ? 72  GLU A O   1 
ATOM   141 C  CB  . GLU A 1 20  ? 11.982  -1.764  -9.028  1.00 12.44 ? 72  GLU A CB  1 
ATOM   142 C  CG  . GLU A 1 20  ? 12.842  -2.950  -9.488  1.00 12.10 ? 72  GLU A CG  1 
ATOM   143 C  CD  . GLU A 1 20  ? 14.245  -2.970  -8.909  1.00 15.22 ? 72  GLU A CD  1 
ATOM   144 O  OE1 . GLU A 1 20  ? 14.676  -1.986  -8.274  1.00 16.97 ? 72  GLU A OE1 1 
ATOM   145 O  OE2 . GLU A 1 20  ? 14.936  -3.978  -9.132  1.00 17.23 ? 72  GLU A OE2 1 
ATOM   146 N  N   A MET A 1 21  ? 9.683   -3.448  -7.816  0.50 10.56 ? 73  MET A N   1 
ATOM   147 N  N   B MET A 1 21  ? 9.673   -3.446  -7.822  0.50 10.07 ? 73  MET A N   1 
ATOM   148 C  CA  A MET A 1 21  ? 9.162   -4.704  -7.275  0.50 11.09 ? 73  MET A CA  1 
ATOM   149 C  CA  B MET A 1 21  ? 9.159   -4.710  -7.306  0.50 10.60 ? 73  MET A CA  1 
ATOM   150 C  C   A MET A 1 21  ? 7.748   -5.008  -7.779  0.50 10.52 ? 73  MET A C   1 
ATOM   151 C  C   B MET A 1 21  ? 7.746   -5.009  -7.799  0.50 10.05 ? 73  MET A C   1 
ATOM   152 O  O   A MET A 1 21  ? 7.491   -6.104  -8.286  0.50 9.14  ? 73  MET A O   1 
ATOM   153 O  O   B MET A 1 21  ? 7.485   -6.099  -8.315  0.50 8.48  ? 73  MET A O   1 
ATOM   154 C  CB  A MET A 1 21  ? 9.204   -4.646  -5.734  0.50 12.45 ? 73  MET A CB  1 
ATOM   155 C  CB  B MET A 1 21  ? 9.186   -4.680  -5.781  0.50 12.20 ? 73  MET A CB  1 
ATOM   156 C  CG  A MET A 1 21  ? 8.927   -5.955  -4.983  0.50 15.94 ? 73  MET A CG  1 
ATOM   157 C  CG  B MET A 1 21  ? 9.279   -6.039  -5.111  0.50 15.50 ? 73  MET A CG  1 
ATOM   158 S  SD  A MET A 1 21  ? 7.173   -6.284  -4.679  0.50 20.32 ? 73  MET A SD  1 
ATOM   159 S  SD  B MET A 1 21  ? 10.323  -6.073  -3.623  0.50 20.24 ? 73  MET A SD  1 
ATOM   160 C  CE  A MET A 1 21  ? 7.152   -8.043  -4.760  0.50 19.23 ? 73  MET A CE  1 
ATOM   161 C  CE  B MET A 1 21  ? 10.733  -4.317  -3.317  0.50 17.89 ? 73  MET A CE  1 
ATOM   162 N  N   . LEU A 1 22  ? 6.863   -4.015  -7.684  1.00 7.86  ? 74  LEU A N   1 
ATOM   163 C  CA  . LEU A 1 22  ? 5.469   -4.148  -8.108  1.00 10.32 ? 74  LEU A CA  1 
ATOM   164 C  C   . LEU A 1 22  ? 5.202   -4.190  -9.605  1.00 10.65 ? 74  LEU A C   1 
ATOM   165 O  O   . LEU A 1 22  ? 4.182   -4.735  -10.024 1.00 11.92 ? 74  LEU A O   1 
ATOM   166 C  CB  . LEU A 1 22  ? 4.592   -3.100  -7.433  1.00 10.64 ? 74  LEU A CB  1 
ATOM   167 C  CG  . LEU A 1 22  ? 4.513   -3.219  -5.911  1.00 11.23 ? 74  LEU A CG  1 
ATOM   168 C  CD1 . LEU A 1 22  ? 3.819   -2.007  -5.394  1.00 13.22 ? 74  LEU A CD1 1 
ATOM   169 C  CD2 . LEU A 1 22  ? 3.799   -4.480  -5.462  1.00 12.27 ? 74  LEU A CD2 1 
ATOM   170 N  N   . SER A 1 23  ? 6.141   -3.678  -10.407 1.00 11.23 ? 75  SER A N   1 
ATOM   171 C  CA  . SER A 1 23  ? 6.018   -3.702  -11.870 1.00 13.28 ? 75  SER A CA  1 
ATOM   172 C  C   . SER A 1 23  ? 6.150   -5.148  -12.367 1.00 13.70 ? 75  SER A C   1 
ATOM   173 O  O   . SER A 1 23  ? 5.637   -5.493  -13.431 1.00 14.66 ? 75  SER A O   1 
ATOM   174 C  CB  . SER A 1 23  ? 7.082   -2.822  -12.531 1.00 16.08 ? 75  SER A CB  1 
ATOM   175 O  OG  . SER A 1 23  ? 6.855   -1.444  -12.268 1.00 18.14 ? 75  SER A OG  1 
ATOM   176 N  N   . LYS A 1 24  ? 6.776   -5.992  -11.542 1.00 12.52 ? 76  LYS A N   1 
ATOM   177 C  CA  . LYS A 1 24  ? 6.977   -7.410  -11.844 1.00 14.41 ? 76  LYS A CA  1 
ATOM   178 C  C   . LYS A 1 24  ? 5.804   -8.298  -11.404 1.00 13.99 ? 76  LYS A C   1 
ATOM   179 O  O   . LYS A 1 24  ? 5.759   -9.490  -11.726 1.00 16.27 ? 76  LYS A O   1 
ATOM   180 C  CB  . LYS A 1 24  ? 8.285   -7.911  -11.223 1.00 14.21 ? 76  LYS A CB  1 
ATOM   181 C  CG  . LYS A 1 24  ? 9.544   -7.213  -11.757 1.00 17.40 ? 76  LYS A CG  1 
ATOM   182 C  CD  . LYS A 1 24  ? 10.835  -7.847  -11.238 1.00 19.29 ? 76  LYS A CD  1 
ATOM   183 C  CE  . LYS A 1 24  ? 10.998  -7.684  -9.737  1.00 21.51 ? 76  LYS A CE  1 
ATOM   184 N  NZ  . LYS A 1 24  ? 12.254  -8.326  -9.260  1.00 27.12 ? 76  LYS A NZ  1 
ATOM   185 N  N   . GLN A 1 25  ? 4.861   -7.714  -10.666 1.00 12.04 ? 77  GLN A N   1 
ATOM   186 C  CA  . GLN A 1 25  ? 3.676   -8.431  -10.193 1.00 12.60 ? 77  GLN A CA  1 
ATOM   187 C  C   . GLN A 1 25  ? 2.645   -8.465  -11.315 1.00 13.12 ? 77  GLN A C   1 
ATOM   188 O  O   . GLN A 1 25  ? 2.469   -7.481  -12.022 1.00 13.80 ? 77  GLN A O   1 
ATOM   189 C  CB  . GLN A 1 25  ? 3.094   -7.747  -8.954  1.00 11.47 ? 77  GLN A CB  1 
ATOM   190 C  CG  . GLN A 1 25  ? 3.947   -7.874  -7.698  1.00 11.65 ? 77  GLN A CG  1 
ATOM   191 C  CD  . GLN A 1 25  ? 3.967   -9.281  -7.136  1.00 11.96 ? 77  GLN A CD  1 
ATOM   192 O  OE1 . GLN A 1 25  ? 2.918   -9.874  -6.885  1.00 10.29 ? 77  GLN A OE1 1 
ATOM   193 N  NE2 . GLN A 1 25  ? 5.164   -9.820  -6.928  1.00 10.64 ? 77  GLN A NE2 1 
ATOM   194 N  N   . ARG A 1 26  ? 1.979   -9.602  -11.478 1.00 12.35 ? 78  ARG A N   1 
ATOM   195 C  CA  . ARG A 1 26  ? 0.991   -9.788  -12.540 1.00 13.64 ? 78  ARG A CA  1 
ATOM   196 C  C   . ARG A 1 26  ? -0.400  -9.216  -12.305 1.00 13.10 ? 78  ARG A C   1 
ATOM   197 O  O   . ARG A 1 26  ? -1.024  -8.681  -13.225 1.00 14.28 ? 78  ARG A O   1 
ATOM   198 C  CB  . ARG A 1 26  ? 0.856   -11.274 -12.850 1.00 14.05 ? 78  ARG A CB  1 
ATOM   199 C  CG  . ARG A 1 26  ? 2.041   -11.876 -13.573 1.00 13.59 ? 78  ARG A CG  1 
ATOM   200 C  CD  . ARG A 1 26  ? 1.901   -13.373 -13.557 1.00 12.50 ? 78  ARG A CD  1 
ATOM   201 N  NE  . ARG A 1 26  ? 2.523   -14.007 -14.709 1.00 12.64 ? 78  ARG A NE  1 
ATOM   202 C  CZ  . ARG A 1 26  ? 2.296   -15.264 -15.088 1.00 12.43 ? 78  ARG A CZ  1 
ATOM   203 N  NH1 . ARG A 1 26  ? 1.452   -16.036 -14.410 1.00 10.08 ? 78  ARG A NH1 1 
ATOM   204 N  NH2 . ARG A 1 26  ? 2.938   -15.753 -16.142 1.00 8.87  ? 78  ARG A NH2 1 
ATOM   205 N  N   . HIS A 1 27  ? -0.870  -9.308  -11.065 1.00 13.88 ? 79  HIS A N   1 
ATOM   206 C  CA  . HIS A 1 27  ? -2.217  -8.875  -10.723 1.00 14.49 ? 79  HIS A CA  1 
ATOM   207 C  C   . HIS A 1 27  ? -2.387  -7.479  -10.159 1.00 14.70 ? 79  HIS A C   1 
ATOM   208 O  O   . HIS A 1 27  ? -1.592  -7.027  -9.324  1.00 15.17 ? 79  HIS A O   1 
ATOM   209 C  CB  . HIS A 1 27  ? -2.852  -9.915  -9.799  1.00 15.82 ? 79  HIS A CB  1 
ATOM   210 C  CG  . HIS A 1 27  ? -2.701  -11.321 -10.295 1.00 18.10 ? 79  HIS A CG  1 
ATOM   211 N  ND1 . HIS A 1 27  ? -3.225  -11.743 -11.497 1.00 18.60 ? 79  HIS A ND1 1 
ATOM   212 C  CD2 . HIS A 1 27  ? -2.026  -12.378 -9.785  1.00 18.58 ? 79  HIS A CD2 1 
ATOM   213 C  CE1 . HIS A 1 27  ? -2.876  -12.999 -11.709 1.00 20.21 ? 79  HIS A CE1 1 
ATOM   214 N  NE2 . HIS A 1 27  ? -2.148  -13.408 -10.686 1.00 19.73 ? 79  HIS A NE2 1 
ATOM   215 N  N   . ASP A 1 28  ? -3.436  -6.804  -10.635 1.00 14.50 ? 80  ASP A N   1 
ATOM   216 C  CA  . ASP A 1 28  ? -3.782  -5.455  -10.196 1.00 13.47 ? 80  ASP A CA  1 
ATOM   217 C  C   . ASP A 1 28  ? -4.250  -5.537  -8.750  1.00 12.46 ? 80  ASP A C   1 
ATOM   218 O  O   . ASP A 1 28  ? -5.079  -6.385  -8.398  1.00 12.76 ? 80  ASP A O   1 
ATOM   219 C  CB  . ASP A 1 28  ? -4.887  -4.855  -11.073 1.00 13.68 ? 80  ASP A CB  1 
ATOM   220 C  CG  . ASP A 1 28  ? -4.409  -4.506  -12.478 1.00 13.45 ? 80  ASP A CG  1 
ATOM   221 O  OD1 . ASP A 1 28  ? -3.187  -4.362  -12.700 1.00 10.70 ? 80  ASP A OD1 1 
ATOM   222 O  OD2 . ASP A 1 28  ? -5.270  -4.353  -13.362 1.00 17.46 ? 80  ASP A OD2 1 
ATOM   223 N  N   . GLY A 1 29  ? -3.653  -4.707  -7.906  1.00 11.49 ? 81  GLY A N   1 
ATOM   224 C  CA  . GLY A 1 29  ? -4.007  -4.724  -6.505  1.00 10.44 ? 81  GLY A CA  1 
ATOM   225 C  C   . GLY A 1 29  ? -2.853  -5.207  -5.661  1.00 8.85  ? 81  GLY A C   1 
ATOM   226 O  O   . GLY A 1 29  ? -2.880  -5.032  -4.447  1.00 8.30  ? 81  GLY A O   1 
ATOM   227 N  N   . ALA A 1 30  ? -1.846  -5.821  -6.295  1.00 9.07  ? 82  ALA A N   1 
ATOM   228 C  CA  . ALA A 1 30  ? -0.645  -6.310  -5.600  1.00 8.00  ? 82  ALA A CA  1 
ATOM   229 C  C   . ALA A 1 30  ? 0.004   -5.078  -4.969  1.00 7.74  ? 82  ALA A C   1 
ATOM   230 O  O   . ALA A 1 30  ? 0.234   -4.073  -5.641  1.00 6.77  ? 82  ALA A O   1 
ATOM   231 C  CB  . ALA A 1 30  ? 0.290   -6.989  -6.559  1.00 5.61  ? 82  ALA A CB  1 
ATOM   232 N  N   . PHE A 1 31  ? 0.225   -5.153  -3.663  1.00 8.28  ? 83  PHE A N   1 
ATOM   233 C  CA  . PHE A 1 31  ? 0.728   -4.011  -2.915  1.00 9.13  ? 83  PHE A CA  1 
ATOM   234 C  C   . PHE A 1 31  ? 1.802   -4.264  -1.868  1.00 9.58  ? 83  PHE A C   1 
ATOM   235 O  O   . PHE A 1 31  ? 2.141   -5.402  -1.544  1.00 11.78 ? 83  PHE A O   1 
ATOM   236 C  CB  . PHE A 1 31  ? -0.472  -3.334  -2.213  1.00 7.83  ? 83  PHE A CB  1 
ATOM   237 C  CG  . PHE A 1 31  ? -0.991  -4.103  -1.008  1.00 9.18  ? 83  PHE A CG  1 
ATOM   238 C  CD1 . PHE A 1 31  ? -0.768  -3.625  0.297   1.00 9.60  ? 83  PHE A CD1 1 
ATOM   239 C  CD2 . PHE A 1 31  ? -1.628  -5.345  -1.173  1.00 9.10  ? 83  PHE A CD2 1 
ATOM   240 C  CE1 . PHE A 1 31  ? -1.163  -4.376  1.422   1.00 11.19 ? 83  PHE A CE1 1 
ATOM   241 C  CE2 . PHE A 1 31  ? -2.031  -6.115  -0.055  1.00 11.30 ? 83  PHE A CE2 1 
ATOM   242 C  CZ  . PHE A 1 31  ? -1.798  -5.634  1.239   1.00 10.25 ? 83  PHE A CZ  1 
ATOM   243 N  N   . LEU A 1 32  ? 2.169   -3.158  -1.224  1.00 8.85  ? 84  LEU A N   1 
ATOM   244 C  CA  . LEU A 1 32  ? 3.128   -3.127  -0.141  1.00 7.72  ? 84  LEU A CA  1 
ATOM   245 C  C   . LEU A 1 32  ? 3.002   -1.829  0.633   1.00 7.48  ? 84  LEU A C   1 
ATOM   246 O  O   . LEU A 1 32  ? 2.646   -0.784  0.070   1.00 7.58  ? 84  LEU A O   1 
ATOM   247 C  CB  . LEU A 1 32  ? 4.571   -3.305  -0.653  1.00 8.29  ? 84  LEU A CB  1 
ATOM   248 C  CG  . LEU A 1 32  ? 5.320   -2.408  -1.652  1.00 9.64  ? 84  LEU A CG  1 
ATOM   249 C  CD1 . LEU A 1 32  ? 5.929   -1.194  -0.969  1.00 12.24 ? 84  LEU A CD1 1 
ATOM   250 C  CD2 . LEU A 1 32  ? 6.445   -3.226  -2.283  1.00 8.93  ? 84  LEU A CD2 1 
ATOM   251 N  N   . ILE A 1 33  ? 3.276   -1.918  1.930   1.00 7.19  ? 85  ILE A N   1 
ATOM   252 C  CA  . ILE A 1 33  ? 3.308   -0.759  2.807   1.00 6.80  ? 85  ILE A CA  1 
ATOM   253 C  C   . ILE A 1 33  ? 4.802   -0.545  3.052   1.00 6.69  ? 85  ILE A C   1 
ATOM   254 O  O   . ILE A 1 33  ? 5.545   -1.489  3.350   1.00 7.27  ? 85  ILE A O   1 
ATOM   255 C  CB  . ILE A 1 33  ? 2.567   -1.001  4.166   1.00 4.57  ? 85  ILE A CB  1 
ATOM   256 C  CG1 . ILE A 1 33  ? 1.043   -1.006  3.954   1.00 5.13  ? 85  ILE A CG1 1 
ATOM   257 C  CG2 . ILE A 1 33  ? 3.002   0.033   5.244   1.00 5.21  ? 85  ILE A CG2 1 
ATOM   258 C  CD1 . ILE A 1 33  ? 0.377   0.353   3.769   1.00 4.50  ? 85  ILE A CD1 1 
ATOM   259 N  N   . ARG A 1 34  ? 5.225   0.698   2.891   1.00 6.41  ? 86  ARG A N   1 
ATOM   260 C  CA  . ARG A 1 34  ? 6.609   1.082   3.102   1.00 6.73  ? 86  ARG A CA  1 
ATOM   261 C  C   . ARG A 1 34  ? 6.664   2.293   4.013   1.00 7.97  ? 86  ARG A C   1 
ATOM   262 O  O   . ARG A 1 34  ? 5.654   2.955   4.249   1.00 7.31  ? 86  ARG A O   1 
ATOM   263 C  CB  . ARG A 1 34  ? 7.312   1.394   1.769   1.00 6.90  ? 86  ARG A CB  1 
ATOM   264 C  CG  . ARG A 1 34  ? 6.569   2.355   0.856   1.00 8.71  ? 86  ARG A CG  1 
ATOM   265 C  CD  . ARG A 1 34  ? 7.322   2.613   -0.433  1.00 7.86  ? 86  ARG A CD  1 
ATOM   266 N  NE  . ARG A 1 34  ? 6.553   3.465   -1.341  1.00 10.71 ? 86  ARG A NE  1 
ATOM   267 C  CZ  . ARG A 1 34  ? 6.593   4.796   -1.346  1.00 9.05  ? 86  ARG A CZ  1 
ATOM   268 N  NH1 . ARG A 1 34  ? 7.379   5.447   -0.497  1.00 7.80  ? 86  ARG A NH1 1 
ATOM   269 N  NH2 . ARG A 1 34  ? 5.801   5.482   -2.160  1.00 9.78  ? 86  ARG A NH2 1 
ATOM   270 N  N   . GLU A 1 35  ? 7.854   2.564   4.532   1.00 7.55  ? 87  GLU A N   1 
ATOM   271 C  CA  . GLU A 1 35  ? 8.072   3.705   5.404   1.00 8.50  ? 87  GLU A CA  1 
ATOM   272 C  C   . GLU A 1 35  ? 8.718   4.765   4.528   1.00 9.27  ? 87  GLU A C   1 
ATOM   273 O  O   . GLU A 1 35  ? 9.813   4.556   3.995   1.00 10.41 ? 87  GLU A O   1 
ATOM   274 C  CB  . GLU A 1 35  ? 8.975   3.314   6.571   1.00 10.58 ? 87  GLU A CB  1 
ATOM   275 C  CG  . GLU A 1 35  ? 8.439   2.120   7.351   1.00 8.00  ? 87  GLU A CG  1 
ATOM   276 C  CD  . GLU A 1 35  ? 9.167   1.900   8.641   1.00 9.78  ? 87  GLU A CD  1 
ATOM   277 O  OE1 . GLU A 1 35  ? 8.888   2.640   9.606   1.00 8.11  ? 87  GLU A OE1 1 
ATOM   278 O  OE2 . GLU A 1 35  ? 10.038  1.008   8.683   1.00 9.68  ? 87  GLU A OE2 1 
ATOM   279 N  N   . SER A 1 36  ? 7.990   5.866   4.334   1.00 9.34  ? 88  SER A N   1 
ATOM   280 C  CA  . SER A 1 36  ? 8.417   6.989   3.499   1.00 11.55 ? 88  SER A CA  1 
ATOM   281 C  C   . SER A 1 36  ? 9.776   7.576   3.855   1.00 11.41 ? 88  SER A C   1 
ATOM   282 O  O   . SER A 1 36  ? 10.122  7.720   5.031   1.00 10.32 ? 88  SER A O   1 
ATOM   283 C  CB  . SER A 1 36  ? 7.353   8.099   3.508   1.00 12.19 ? 88  SER A CB  1 
ATOM   284 O  OG  . SER A 1 36  ? 7.729   9.203   2.693   1.00 12.92 ? 88  SER A OG  1 
ATOM   285 N  N   . GLU A 1 37  ? 10.545  7.871   2.811   1.00 13.64 ? 89  GLU A N   1 
ATOM   286 C  CA  . GLU A 1 37  ? 11.868  8.468   2.938   1.00 15.30 ? 89  GLU A CA  1 
ATOM   287 C  C   . GLU A 1 37  ? 11.761  9.988   2.858   1.00 15.54 ? 89  GLU A C   1 
ATOM   288 O  O   . GLU A 1 37  ? 12.514  10.694  3.530   1.00 16.47 ? 89  GLU A O   1 
ATOM   289 C  CB  . GLU A 1 37  ? 12.806  7.956   1.846   1.00 14.93 ? 89  GLU A CB  1 
ATOM   290 C  CG  . GLU A 1 37  ? 13.138  6.478   1.950   1.00 15.95 ? 89  GLU A CG  1 
ATOM   291 C  CD  . GLU A 1 37  ? 14.369  6.102   1.142   1.00 17.29 ? 89  GLU A CD  1 
ATOM   292 O  OE1 . GLU A 1 37  ? 14.424  6.437   -0.057  1.00 17.11 ? 89  GLU A OE1 1 
ATOM   293 O  OE2 . GLU A 1 37  ? 15.279  5.468   1.705   1.00 19.96 ? 89  GLU A OE2 1 
ATOM   294 N  N   . SER A 1 38  ? 10.807  10.476  2.056   1.00 15.51 ? 90  SER A N   1 
ATOM   295 C  CA  . SER A 1 38  ? 10.566  11.914  1.875   1.00 15.82 ? 90  SER A CA  1 
ATOM   296 C  C   . SER A 1 38  ? 9.868   12.547  3.090   1.00 15.88 ? 90  SER A C   1 
ATOM   297 O  O   . SER A 1 38  ? 10.005  13.751  3.342   1.00 16.11 ? 90  SER A O   1 
ATOM   298 C  CB  . SER A 1 38  ? 9.766   12.174  0.587   1.00 14.22 ? 90  SER A CB  1 
ATOM   299 O  OG  . SER A 1 38  ? 8.468   11.597  0.631   1.00 15.00 ? 90  SER A OG  1 
ATOM   300 N  N   . ALA A 1 39  ? 9.153   11.716  3.852   1.00 15.84 ? 91  ALA A N   1 
ATOM   301 C  CA  . ALA A 1 39  ? 8.446   12.144  5.055   1.00 14.69 ? 91  ALA A CA  1 
ATOM   302 C  C   . ALA A 1 39  ? 8.641   11.097  6.162   1.00 15.25 ? 91  ALA A C   1 
ATOM   303 O  O   . ALA A 1 39  ? 7.826   10.175  6.300   1.00 13.98 ? 91  ALA A O   1 
ATOM   304 C  CB  . ALA A 1 39  ? 6.956   12.359  4.757   1.00 15.71 ? 91  ALA A CB  1 
ATOM   305 N  N   . PRO A 1 40  ? 9.748   11.204  6.943   1.00 15.34 ? 92  PRO A N   1 
ATOM   306 C  CA  . PRO A 1 40  ? 10.072  10.278  8.040   1.00 15.35 ? 92  PRO A CA  1 
ATOM   307 C  C   . PRO A 1 40  ? 8.988   10.195  9.107   1.00 14.17 ? 92  PRO A C   1 
ATOM   308 O  O   . PRO A 1 40  ? 8.485   11.218  9.576   1.00 13.32 ? 92  PRO A O   1 
ATOM   309 C  CB  . PRO A 1 40  ? 11.356  10.873  8.613   1.00 15.86 ? 92  PRO A CB  1 
ATOM   310 C  CG  . PRO A 1 40  ? 12.006  11.454  7.423   1.00 17.40 ? 92  PRO A CG  1 
ATOM   311 C  CD  . PRO A 1 40  ? 10.846  12.177  6.785   1.00 16.32 ? 92  PRO A CD  1 
ATOM   312 N  N   . GLY A 1 41  ? 8.605   8.963   9.444   1.00 13.88 ? 93  GLY A N   1 
ATOM   313 C  CA  . GLY A 1 41  ? 7.571   8.739   10.438  1.00 12.95 ? 93  GLY A CA  1 
ATOM   314 C  C   . GLY A 1 41  ? 6.230   8.427   9.812   1.00 12.22 ? 93  GLY A C   1 
ATOM   315 O  O   . GLY A 1 41  ? 5.300   8.014   10.506  1.00 12.01 ? 93  GLY A O   1 
ATOM   316 N  N   . ASP A 1 42  ? 6.129   8.656   8.504   1.00 11.88 ? 94  ASP A N   1 
ATOM   317 C  CA  . ASP A 1 42  ? 4.907   8.399   7.746   1.00 12.95 ? 94  ASP A CA  1 
ATOM   318 C  C   . ASP A 1 42  ? 5.021   7.162   6.876   1.00 11.18 ? 94  ASP A C   1 
ATOM   319 O  O   . ASP A 1 42  ? 6.106   6.802   6.411   1.00 11.67 ? 94  ASP A O   1 
ATOM   320 C  CB  . ASP A 1 42  ? 4.540   9.604   6.867   1.00 15.15 ? 94  ASP A CB  1 
ATOM   321 C  CG  . ASP A 1 42  ? 3.788   10.685  7.629   1.00 16.59 ? 94  ASP A CG  1 
ATOM   322 O  OD1 . ASP A 1 42  ? 4.033   10.859  8.840   1.00 18.72 ? 94  ASP A OD1 1 
ATOM   323 O  OD2 . ASP A 1 42  ? 2.946   11.365  7.010   1.00 20.72 ? 94  ASP A OD2 1 
ATOM   324 N  N   . PHE A 1 43  ? 3.886   6.499   6.682   1.00 9.67  ? 95  PHE A N   1 
ATOM   325 C  CA  . PHE A 1 43  ? 3.838   5.299   5.858   1.00 8.94  ? 95  PHE A CA  1 
ATOM   326 C  C   . PHE A 1 43  ? 3.247   5.624   4.504   1.00 8.10  ? 95  PHE A C   1 
ATOM   327 O  O   . PHE A 1 43  ? 2.533   6.622   4.352   1.00 9.01  ? 95  PHE A O   1 
ATOM   328 C  CB  . PHE A 1 43  ? 3.014   4.195   6.541   1.00 7.50  ? 95  PHE A CB  1 
ATOM   329 C  CG  . PHE A 1 43  ? 3.575   3.745   7.853   1.00 8.60  ? 95  PHE A CG  1 
ATOM   330 C  CD1 . PHE A 1 43  ? 3.170   4.367   9.049   1.00 6.83  ? 95  PHE A CD1 1 
ATOM   331 C  CD2 . PHE A 1 43  ? 4.552   2.731   7.905   1.00 8.83  ? 95  PHE A CD2 1 
ATOM   332 C  CE1 . PHE A 1 43  ? 3.735   3.990   10.292  1.00 8.87  ? 95  PHE A CE1 1 
ATOM   333 C  CE2 . PHE A 1 43  ? 5.128   2.339   9.142   1.00 8.39  ? 95  PHE A CE2 1 
ATOM   334 C  CZ  . PHE A 1 43  ? 4.720   2.972   10.336  1.00 6.79  ? 95  PHE A CZ  1 
ATOM   335 N  N   . SER A 1 44  ? 3.587   4.796   3.520   1.00 7.39  ? 96  SER A N   1 
ATOM   336 C  CA  . SER A 1 44  ? 3.090   4.942   2.158   1.00 7.75  ? 96  SER A CA  1 
ATOM   337 C  C   . SER A 1 44  ? 2.632   3.599   1.613   1.00 8.08  ? 96  SER A C   1 
ATOM   338 O  O   . SER A 1 44  ? 3.222   2.558   1.915   1.00 7.98  ? 96  SER A O   1 
ATOM   339 C  CB  . SER A 1 44  ? 4.155   5.543   1.242   1.00 8.19  ? 96  SER A CB  1 
ATOM   340 O  OG  . SER A 1 44  ? 4.491   6.864   1.623   1.00 10.84 ? 96  SER A OG  1 
ATOM   341 N  N   . LEU A 1 45  ? 1.570   3.643   0.816   1.00 6.64  ? 97  LEU A N   1 
ATOM   342 C  CA  . LEU A 1 45  ? 0.976   2.460   0.204   1.00 7.83  ? 97  LEU A CA  1 
ATOM   343 C  C   . LEU A 1 45  ? 1.275   2.505   -1.292  1.00 7.52  ? 97  LEU A C   1 
ATOM   344 O  O   . LEU A 1 45  ? 0.897   3.455   -1.974  1.00 7.90  ? 97  LEU A O   1 
ATOM   345 C  CB  . LEU A 1 45  ? -0.546  2.482   0.429   1.00 8.60  ? 97  LEU A CB  1 
ATOM   346 C  CG  . LEU A 1 45  ? -1.491  1.269   0.506   1.00 11.72 ? 97  LEU A CG  1 
ATOM   347 C  CD1 . LEU A 1 45  ? -2.805  1.669   -0.117  1.00 9.00  ? 97  LEU A CD1 1 
ATOM   348 C  CD2 . LEU A 1 45  ? -0.964  0.015   -0.155  1.00 10.59 ? 97  LEU A CD2 1 
ATOM   349 N  N   . SER A 1 46  ? 1.965   1.484   -1.788  1.00 7.53  ? 98  SER A N   1 
ATOM   350 C  CA  . SER A 1 46  ? 2.307   1.397   -3.208  1.00 7.48  ? 98  SER A CA  1 
ATOM   351 C  C   . SER A 1 46  ? 1.506   0.242   -3.788  1.00 7.40  ? 98  SER A C   1 
ATOM   352 O  O   . SER A 1 46  ? 1.555   -0.864  -3.261  1.00 5.55  ? 98  SER A O   1 
ATOM   353 C  CB  . SER A 1 46  ? 3.804   1.179   -3.375  1.00 8.46  ? 98  SER A CB  1 
ATOM   354 O  OG  . SER A 1 46  ? 4.516   2.291   -2.863  1.00 10.18 ? 98  SER A OG  1 
ATOM   355 N  N   . VAL A 1 47  ? 0.741   0.518   -4.848  1.00 9.10  ? 99  VAL A N   1 
ATOM   356 C  CA  . VAL A 1 47  ? -0.137  -0.482  -5.472  1.00 8.91  ? 99  VAL A CA  1 
ATOM   357 C  C   . VAL A 1 47  ? 0.028   -0.603  -6.987  1.00 9.95  ? 99  VAL A C   1 
ATOM   358 O  O   . VAL A 1 47  ? 0.094   0.391   -7.699  1.00 9.68  ? 99  VAL A O   1 
ATOM   359 C  CB  . VAL A 1 47  ? -1.658  -0.160  -5.213  1.00 8.34  ? 99  VAL A CB  1 
ATOM   360 C  CG1 . VAL A 1 47  ? -2.521  -1.386  -5.485  1.00 6.93  ? 99  VAL A CG1 1 
ATOM   361 C  CG2 . VAL A 1 47  ? -1.907  0.333   -3.800  1.00 7.99  ? 99  VAL A CG2 1 
ATOM   362 N  N   . LYS A 1 48  ? -0.021  -1.842  -7.464  1.00 10.74 ? 100 LYS A N   1 
ATOM   363 C  CA  . LYS A 1 48  ? 0.087   -2.168  -8.888  1.00 12.59 ? 100 LYS A CA  1 
ATOM   364 C  C   . LYS A 1 48  ? -1.266  -2.022  -9.615  1.00 12.43 ? 100 LYS A C   1 
ATOM   365 O  O   . LYS A 1 48  ? -2.299  -2.468  -9.109  1.00 12.25 ? 100 LYS A O   1 
ATOM   366 C  CB  . LYS A 1 48  ? 0.622   -3.612  -9.010  1.00 12.38 ? 100 LYS A CB  1 
ATOM   367 C  CG  . LYS A 1 48  ? 0.451   -4.324  -10.359 1.00 14.90 ? 100 LYS A CG  1 
ATOM   368 C  CD  . LYS A 1 48  ? 1.435   -3.856  -11.400 1.00 15.64 ? 100 LYS A CD  1 
ATOM   369 C  CE  . LYS A 1 48  ? 1.356   -4.762  -12.608 1.00 19.38 ? 100 LYS A CE  1 
ATOM   370 N  NZ  . LYS A 1 48  ? 2.456   -4.526  -13.562 1.00 21.09 ? 100 LYS A NZ  1 
ATOM   371 N  N   . PHE A 1 49  ? -1.238  -1.365  -10.777 1.00 12.62 ? 101 PHE A N   1 
ATOM   372 C  CA  . PHE A 1 49  ? -2.413  -1.185  -11.647 1.00 13.33 ? 101 PHE A CA  1 
ATOM   373 C  C   . PHE A 1 49  ? -1.944  -1.000  -13.094 1.00 14.13 ? 101 PHE A C   1 
ATOM   374 O  O   . PHE A 1 49  ? -1.419  0.063   -13.444 1.00 13.48 ? 101 PHE A O   1 
ATOM   375 C  CB  . PHE A 1 49  ? -3.310  -0.003  -11.221 1.00 12.79 ? 101 PHE A CB  1 
ATOM   376 C  CG  . PHE A 1 49  ? -4.534  0.170   -12.104 1.00 13.24 ? 101 PHE A CG  1 
ATOM   377 C  CD1 . PHE A 1 49  ? -4.632  1.262   -12.989 1.00 14.55 ? 101 PHE A CD1 1 
ATOM   378 C  CD2 . PHE A 1 49  ? -5.538  -0.820  -12.133 1.00 13.42 ? 101 PHE A CD2 1 
ATOM   379 C  CE1 . PHE A 1 49  ? -5.715  1.364   -13.914 1.00 15.55 ? 101 PHE A CE1 1 
ATOM   380 C  CE2 . PHE A 1 49  ? -6.623  -0.735  -13.043 1.00 14.76 ? 101 PHE A CE2 1 
ATOM   381 C  CZ  . PHE A 1 49  ? -6.712  0.355   -13.937 1.00 14.25 ? 101 PHE A CZ  1 
ATOM   382 N  N   . GLY A 1 50  ? -2.207  -2.005  -13.940 1.00 17.31 ? 102 GLY A N   1 
ATOM   383 C  CA  . GLY A 1 50  ? -1.779  -1.978  -15.340 1.00 20.09 ? 102 GLY A CA  1 
ATOM   384 C  C   . GLY A 1 50  ? -0.259  -1.977  -15.316 1.00 20.66 ? 102 GLY A C   1 
ATOM   385 O  O   . GLY A 1 50  ? 0.323   -2.715  -14.529 1.00 22.42 ? 102 GLY A O   1 
ATOM   386 N  N   A ASN A 1 51  ? 0.402   -1.175  -16.144 0.50 21.13 ? 103 ASN A N   1 
ATOM   387 N  N   B ASN A 1 51  ? 0.354   -1.144  -16.148 0.50 20.83 ? 103 ASN A N   1 
ATOM   388 C  CA  A ASN A 1 51  ? 1.862   -1.138  -16.059 0.50 21.77 ? 103 ASN A CA  1 
ATOM   389 C  CA  B ASN A 1 51  ? 1.808   -1.026  -16.205 0.50 21.38 ? 103 ASN A CA  1 
ATOM   390 C  C   A ASN A 1 51  ? 2.326   0.151   -15.375 0.50 21.07 ? 103 ASN A C   1 
ATOM   391 C  C   B ASN A 1 51  ? 2.231   0.269   -15.493 0.50 20.72 ? 103 ASN A C   1 
ATOM   392 O  O   A ASN A 1 51  ? 3.386   0.712   -15.677 0.50 21.98 ? 103 ASN A O   1 
ATOM   393 O  O   B ASN A 1 51  ? 3.193   0.942   -15.888 0.50 21.84 ? 103 ASN A O   1 
ATOM   394 C  CB  A ASN A 1 51  ? 2.554   -1.393  -17.407 0.50 23.25 ? 103 ASN A CB  1 
ATOM   395 C  CB  B ASN A 1 51  ? 2.296   -1.065  -17.662 0.50 22.41 ? 103 ASN A CB  1 
ATOM   396 C  CG  A ASN A 1 51  ? 3.825   -2.244  -17.260 0.50 23.80 ? 103 ASN A CG  1 
ATOM   397 C  CG  B ASN A 1 51  ? 2.021   -2.406  -18.341 0.50 22.56 ? 103 ASN A CG  1 
ATOM   398 O  OD1 A ASN A 1 51  ? 4.605   -2.370  -18.202 0.50 25.62 ? 103 ASN A OD1 1 
ATOM   399 O  OD1 B ASN A 1 51  ? 1.553   -2.449  -19.479 0.50 23.99 ? 103 ASN A OD1 1 
ATOM   400 N  ND2 A ASN A 1 51  ? 4.029   -2.830  -16.077 0.50 23.73 ? 103 ASN A ND2 1 
ATOM   401 N  ND2 B ASN A 1 51  ? 2.297   -3.502  -17.638 0.50 22.60 ? 103 ASN A ND2 1 
ATOM   402 N  N   . ASP A 1 52  ? 1.497   0.587   -14.430 1.00 20.31 ? 104 ASP A N   1 
ATOM   403 C  CA  . ASP A 1 52  ? 1.733   1.776   -13.600 1.00 18.36 ? 104 ASP A CA  1 
ATOM   404 C  C   . ASP A 1 52  ? 1.672   1.302   -12.147 1.00 16.46 ? 104 ASP A C   1 
ATOM   405 O  O   . ASP A 1 52  ? 1.140   0.223   -11.850 1.00 14.36 ? 104 ASP A O   1 
ATOM   406 C  CB  . ASP A 1 52  ? 0.624   2.824   -13.795 1.00 22.98 ? 104 ASP A CB  1 
ATOM   407 C  CG  . ASP A 1 52  ? 0.790   3.659   -15.061 1.00 26.63 ? 104 ASP A CG  1 
ATOM   408 O  OD1 . ASP A 1 52  ? -0.242  4.110   -15.603 1.00 30.75 ? 104 ASP A OD1 1 
ATOM   409 O  OD2 . ASP A 1 52  ? 1.938   3.886   -15.506 1.00 28.88 ? 104 ASP A OD2 1 
ATOM   410 N  N   . VAL A 1 53  ? 2.293   2.068   -11.258 1.00 13.83 ? 105 VAL A N   1 
ATOM   411 C  CA  . VAL A 1 53  ? 2.267   1.775   -9.830  1.00 13.21 ? 105 VAL A CA  1 
ATOM   412 C  C   . VAL A 1 53  ? 1.783   3.063   -9.179  1.00 12.46 ? 105 VAL A C   1 
ATOM   413 O  O   . VAL A 1 53  ? 2.361   4.130   -9.397  1.00 12.39 ? 105 VAL A O   1 
ATOM   414 C  CB  . VAL A 1 53  ? 3.664   1.339   -9.267  1.00 11.96 ? 105 VAL A CB  1 
ATOM   415 C  CG1 . VAL A 1 53  ? 3.616   1.196   -7.735  1.00 12.36 ? 105 VAL A CG1 1 
ATOM   416 C  CG2 . VAL A 1 53  ? 4.099   -0.002  -9.881  1.00 13.56 ? 105 VAL A CG2 1 
ATOM   417 N  N   . GLN A 1 54  ? 0.677   2.957   -8.447  1.00 11.30 ? 106 GLN A N   1 
ATOM   418 C  CA  . GLN A 1 54  ? 0.074   4.090   -7.752  1.00 10.88 ? 106 GLN A CA  1 
ATOM   419 C  C   . GLN A 1 54  ? 0.530   4.163   -6.306  1.00 11.36 ? 106 GLN A C   1 
ATOM   420 O  O   . GLN A 1 54  ? 0.657   3.133   -5.633  1.00 9.69  ? 106 GLN A O   1 
ATOM   421 C  CB  . GLN A 1 54  ? -1.456  4.005   -7.816  1.00 10.52 ? 106 GLN A CB  1 
ATOM   422 C  CG  . GLN A 1 54  ? -2.039  4.309   -9.197  1.00 11.69 ? 106 GLN A CG  1 
ATOM   423 C  CD  . GLN A 1 54  ? -3.559  4.259   -9.255  1.00 14.81 ? 106 GLN A CD  1 
ATOM   424 O  OE1 . GLN A 1 54  ? -4.135  4.001   -10.315 1.00 15.83 ? 106 GLN A OE1 1 
ATOM   425 N  NE2 . GLN A 1 54  ? -4.217  4.527   -8.131  1.00 10.42 ? 106 GLN A NE2 1 
ATOM   426 N  N   . HIS A 1 55  ? 0.801   5.386   -5.849  1.00 10.16 ? 107 HIS A N   1 
ATOM   427 C  CA  . HIS A 1 55  ? 1.251   5.634   -4.479  1.00 9.96  ? 107 HIS A CA  1 
ATOM   428 C  C   . HIS A 1 55  ? 0.249   6.452   -3.677  1.00 9.48  ? 107 HIS A C   1 
ATOM   429 O  O   . HIS A 1 55  ? -0.286  7.456   -4.157  1.00 8.64  ? 107 HIS A O   1 
ATOM   430 C  CB  . HIS A 1 55  ? 2.607   6.344   -4.472  1.00 10.95 ? 107 HIS A CB  1 
ATOM   431 C  CG  . HIS A 1 55  ? 3.685   5.587   -5.178  1.00 11.20 ? 107 HIS A CG  1 
ATOM   432 N  ND1 . HIS A 1 55  ? 4.372   4.549   -4.589  1.00 13.20 ? 107 HIS A ND1 1 
ATOM   433 C  CD2 . HIS A 1 55  ? 4.185   5.708   -6.428  1.00 11.78 ? 107 HIS A CD2 1 
ATOM   434 C  CE1 . HIS A 1 55  ? 5.252   4.067   -5.444  1.00 12.19 ? 107 HIS A CE1 1 
ATOM   435 N  NE2 . HIS A 1 55  ? 5.160   4.753   -6.569  1.00 13.22 ? 107 HIS A NE2 1 
ATOM   436 N  N   . PHE A 1 56  ? -0.017  5.993   -2.457  1.00 9.41  ? 108 PHE A N   1 
ATOM   437 C  CA  . PHE A 1 56  ? -0.950  6.663   -1.558  1.00 8.66  ? 108 PHE A CA  1 
ATOM   438 C  C   . PHE A 1 56  ? -0.267  6.936   -0.235  1.00 9.36  ? 108 PHE A C   1 
ATOM   439 O  O   . PHE A 1 56  ? 0.437   6.081   0.295   1.00 9.24  ? 108 PHE A O   1 
ATOM   440 C  CB  . PHE A 1 56  ? -2.184  5.794   -1.271  1.00 9.57  ? 108 PHE A CB  1 
ATOM   441 C  CG  . PHE A 1 56  ? -2.960  5.391   -2.490  1.00 11.96 ? 108 PHE A CG  1 
ATOM   442 C  CD1 . PHE A 1 56  ? -2.595  4.243   -3.225  1.00 12.71 ? 108 PHE A CD1 1 
ATOM   443 C  CD2 . PHE A 1 56  ? -4.069  6.145   -2.912  1.00 11.51 ? 108 PHE A CD2 1 
ATOM   444 C  CE1 . PHE A 1 56  ? -3.328  3.848   -4.374  1.00 12.63 ? 108 PHE A CE1 1 
ATOM   445 C  CE2 . PHE A 1 56  ? -4.809  5.761   -4.055  1.00 11.54 ? 108 PHE A CE2 1 
ATOM   446 C  CZ  . PHE A 1 56  ? -4.438  4.610   -4.788  1.00 10.98 ? 108 PHE A CZ  1 
ATOM   447 N  N   . LYS A 1 57  ? -0.481  8.128   0.307   1.00 8.19  ? 109 LYS A N   1 
ATOM   448 C  CA  . LYS A 1 57  ? 0.091   8.460   1.602   1.00 9.52  ? 109 LYS A CA  1 
ATOM   449 C  C   . LYS A 1 57  ? -0.872  7.986   2.698   1.00 9.58  ? 109 LYS A C   1 
ATOM   450 O  O   . LYS A 1 57  ? -2.093  8.153   2.571   1.00 9.04  ? 109 LYS A O   1 
ATOM   451 C  CB  . LYS A 1 57  ? 0.387   9.969   1.705   1.00 11.13 ? 109 LYS A CB  1 
ATOM   452 C  CG  . LYS A 1 57  ? -0.681  10.902  1.177   1.00 13.37 ? 109 LYS A CG  1 
ATOM   453 C  CD  . LYS A 1 57  ? -0.242  12.361  1.248   1.00 11.15 ? 109 LYS A CD  1 
ATOM   454 C  CE  . LYS A 1 57  ? -1.363  13.265  0.769   1.00 12.12 ? 109 LYS A CE  1 
ATOM   455 N  NZ  . LYS A 1 57  ? -1.115  14.697  1.058   1.00 9.91  ? 109 LYS A NZ  1 
ATOM   456 N  N   . VAL A 1 58  ? -0.344  7.269   3.692   1.00 7.28  ? 110 VAL A N   1 
ATOM   457 C  CA  . VAL A 1 58  ? -1.174  6.812   4.812   1.00 8.31  ? 110 VAL A CA  1 
ATOM   458 C  C   . VAL A 1 58  ? -1.262  8.005   5.767   1.00 8.95  ? 110 VAL A C   1 
ATOM   459 O  O   . VAL A 1 58  ? -0.286  8.378   6.425   1.00 10.38 ? 110 VAL A O   1 
ATOM   460 C  CB  . VAL A 1 58  ? -0.597  5.557   5.526   1.00 7.67  ? 110 VAL A CB  1 
ATOM   461 C  CG1 . VAL A 1 58  ? -1.477  5.150   6.701   1.00 6.74  ? 110 VAL A CG1 1 
ATOM   462 C  CG2 . VAL A 1 58  ? -0.478  4.393   4.549   1.00 6.69  ? 110 VAL A CG2 1 
ATOM   463 N  N   . LEU A 1 59  ? -2.437  8.622   5.776   1.00 8.57  ? 111 LEU A N   1 
ATOM   464 C  CA  . LEU A 1 59  ? -2.724  9.799   6.588   1.00 10.02 ? 111 LEU A CA  1 
ATOM   465 C  C   . LEU A 1 59  ? -3.098  9.474   8.027   1.00 11.67 ? 111 LEU A C   1 
ATOM   466 O  O   . LEU A 1 59  ? -3.538  8.361   8.331   1.00 9.37  ? 111 LEU A O   1 
ATOM   467 C  CB  . LEU A 1 59  ? -3.831  10.613  5.912   1.00 9.99  ? 111 LEU A CB  1 
ATOM   468 C  CG  . LEU A 1 59  ? -3.539  11.030  4.467   1.00 10.49 ? 111 LEU A CG  1 
ATOM   469 C  CD1 . LEU A 1 59  ? -4.774  11.540  3.776   1.00 11.74 ? 111 LEU A CD1 1 
ATOM   470 C  CD2 . LEU A 1 59  ? -2.434  12.063  4.459   1.00 10.84 ? 111 LEU A CD2 1 
ATOM   471 N  N   . ARG A 1 60  ? -2.866  10.444  8.912   1.00 11.68 ? 112 ARG A N   1 
ATOM   472 C  CA  . ARG A 1 60  ? -3.151  10.305  10.341  1.00 13.94 ? 112 ARG A CA  1 
ATOM   473 C  C   . ARG A 1 60  ? -4.099  11.387  10.827  1.00 13.34 ? 112 ARG A C   1 
ATOM   474 O  O   . ARG A 1 60  ? -4.106  12.492  10.288  1.00 14.82 ? 112 ARG A O   1 
ATOM   475 C  CB  . ARG A 1 60  ? -1.864  10.433  11.179  1.00 15.34 ? 112 ARG A CB  1 
ATOM   476 C  CG  . ARG A 1 60  ? -0.668  9.602   10.749  1.00 18.08 ? 112 ARG A CG  1 
ATOM   477 C  CD  . ARG A 1 60  ? -0.920  8.105   10.876  1.00 19.20 ? 112 ARG A CD  1 
ATOM   478 N  NE  . ARG A 1 60  ? -1.027  7.631   12.259  1.00 19.83 ? 112 ARG A NE  1 
ATOM   479 C  CZ  . ARG A 1 60  ? 0.012   7.384   13.058  1.00 19.81 ? 112 ARG A CZ  1 
ATOM   480 N  NH1 . ARG A 1 60  ? 1.254   7.577   12.626  1.00 20.02 ? 112 ARG A NH1 1 
ATOM   481 N  NH2 . ARG A 1 60  ? -0.186  6.851   14.256  1.00 18.01 ? 112 ARG A NH2 1 
ATOM   482 N  N   . ASP A 1 61  ? -4.916  11.051  11.827  1.00 15.02 ? 113 ASP A N   1 
ATOM   483 C  CA  . ASP A 1 61  ? -5.816  12.026  12.444  1.00 16.65 ? 113 ASP A CA  1 
ATOM   484 C  C   . ASP A 1 61  ? -5.091  12.507  13.715  1.00 17.20 ? 113 ASP A C   1 
ATOM   485 O  O   . ASP A 1 61  ? -3.935  12.121  13.940  1.00 17.59 ? 113 ASP A O   1 
ATOM   486 C  CB  . ASP A 1 61  ? -7.228  11.429  12.714  1.00 15.37 ? 113 ASP A CB  1 
ATOM   487 C  CG  . ASP A 1 61  ? -7.280  10.424  13.880  1.00 15.55 ? 113 ASP A CG  1 
ATOM   488 O  OD1 . ASP A 1 61  ? -8.403  10.144  14.353  1.00 15.55 ? 113 ASP A OD1 1 
ATOM   489 O  OD2 . ASP A 1 61  ? -6.240  9.901   14.325  1.00 12.93 ? 113 ASP A OD2 1 
ATOM   490 N  N   . GLY A 1 62  ? -5.761  13.311  14.543  1.00 19.72 ? 114 GLY A N   1 
ATOM   491 C  CA  . GLY A 1 62  ? -5.149  13.809  15.770  1.00 19.00 ? 114 GLY A CA  1 
ATOM   492 C  C   . GLY A 1 62  ? -4.840  12.747  16.819  1.00 20.03 ? 114 GLY A C   1 
ATOM   493 O  O   . GLY A 1 62  ? -3.867  12.882  17.569  1.00 18.92 ? 114 GLY A O   1 
ATOM   494 N  N   . ALA A 1 63  ? -5.619  11.662  16.807  1.00 18.96 ? 115 ALA A N   1 
ATOM   495 C  CA  . ALA A 1 63  ? -5.476  10.553  17.757  1.00 19.31 ? 115 ALA A CA  1 
ATOM   496 C  C   . ALA A 1 63  ? -4.542  9.417   17.321  1.00 19.25 ? 115 ALA A C   1 
ATOM   497 O  O   . ALA A 1 63  ? -4.382  8.427   18.042  1.00 20.30 ? 115 ALA A O   1 
ATOM   498 C  CB  . ALA A 1 63  ? -6.853  10.000  18.113  1.00 19.11 ? 115 ALA A CB  1 
ATOM   499 N  N   . GLY A 1 64  ? -3.950  9.549   16.135  1.00 18.82 ? 116 GLY A N   1 
ATOM   500 C  CA  . GLY A 1 64  ? -3.034  8.538   15.635  1.00 18.27 ? 116 GLY A CA  1 
ATOM   501 C  C   . GLY A 1 64  ? -3.630  7.416   14.798  1.00 17.67 ? 116 GLY A C   1 
ATOM   502 O  O   . GLY A 1 64  ? -2.960  6.410   14.561  1.00 17.50 ? 116 GLY A O   1 
ATOM   503 N  N   . LYS A 1 65  ? -4.884  7.570   14.365  1.00 15.82 ? 117 LYS A N   1 
ATOM   504 C  CA  . LYS A 1 65  ? -5.551  6.563   13.529  1.00 12.65 ? 117 LYS A CA  1 
ATOM   505 C  C   . LYS A 1 65  ? -5.078  6.670   12.077  1.00 12.26 ? 117 LYS A C   1 
ATOM   506 O  O   . LYS A 1 65  ? -4.663  7.741   11.639  1.00 12.66 ? 117 LYS A O   1 
ATOM   507 C  CB  . LYS A 1 65  ? -7.071  6.696   13.620  1.00 14.06 ? 117 LYS A CB  1 
ATOM   508 C  CG  . LYS A 1 65  ? -7.623  6.552   15.027  1.00 17.50 ? 117 LYS A CG  1 
ATOM   509 C  CD  . LYS A 1 65  ? -8.833  5.647   15.043  1.00 18.94 ? 117 LYS A CD  1 
ATOM   510 C  CE  . LYS A 1 65  ? -9.441  5.567   16.428  1.00 21.58 ? 117 LYS A CE  1 
ATOM   511 N  NZ  . LYS A 1 65  ? -10.498 4.509   16.448  1.00 22.35 ? 117 LYS A NZ  1 
ATOM   512 N  N   . TYR A 1 66  ? -5.147  5.557   11.347  1.00 11.10 ? 118 TYR A N   1 
ATOM   513 C  CA  . TYR A 1 66  ? -4.683  5.476   9.959   1.00 12.15 ? 118 TYR A CA  1 
ATOM   514 C  C   . TYR A 1 66  ? -5.781  5.483   8.899   1.00 10.79 ? 118 TYR A C   1 
ATOM   515 O  O   . TYR A 1 66  ? -6.752  4.740   9.018   1.00 12.57 ? 118 TYR A O   1 
ATOM   516 C  CB  . TYR A 1 66  ? -3.841  4.204   9.771   1.00 12.57 ? 118 TYR A CB  1 
ATOM   517 C  CG  . TYR A 1 66  ? -2.656  4.069   10.703  1.00 12.65 ? 118 TYR A CG  1 
ATOM   518 C  CD1 . TYR A 1 66  ? -2.787  3.451   11.961  1.00 11.99 ? 118 TYR A CD1 1 
ATOM   519 C  CD2 . TYR A 1 66  ? -1.381  4.530   10.320  1.00 11.88 ? 118 TYR A CD2 1 
ATOM   520 C  CE1 . TYR A 1 66  ? -1.667  3.289   12.825  1.00 10.39 ? 118 TYR A CE1 1 
ATOM   521 C  CE2 . TYR A 1 66  ? -0.254  4.376   11.171  1.00 11.16 ? 118 TYR A CE2 1 
ATOM   522 C  CZ  . TYR A 1 66  ? -0.407  3.755   12.418  1.00 9.61  ? 118 TYR A CZ  1 
ATOM   523 O  OH  . TYR A 1 66  ? 0.687   3.611   13.237  1.00 11.06 ? 118 TYR A OH  1 
ATOM   524 N  N   . PHE A 1 67  ? -5.609  6.308   7.862   1.00 9.90  ? 119 PHE A N   1 
ATOM   525 C  CA  . PHE A 1 67  ? -6.559  6.387   6.744   1.00 9.13  ? 119 PHE A CA  1 
ATOM   526 C  C   . PHE A 1 67  ? -5.960  6.803   5.410   1.00 8.05  ? 119 PHE A C   1 
ATOM   527 O  O   . PHE A 1 67  ? -4.866  7.364   5.350   1.00 8.52  ? 119 PHE A O   1 
ATOM   528 C  CB  . PHE A 1 67  ? -7.790  7.268   7.065   1.00 9.41  ? 119 PHE A CB  1 
ATOM   529 C  CG  . PHE A 1 67  ? -7.504  8.746   7.203   1.00 11.35 ? 119 PHE A CG  1 
ATOM   530 C  CD1 . PHE A 1 67  ? -7.846  9.638   6.161   1.00 11.93 ? 119 PHE A CD1 1 
ATOM   531 C  CD2 . PHE A 1 67  ? -6.949  9.265   8.387   1.00 11.43 ? 119 PHE A CD2 1 
ATOM   532 C  CE1 . PHE A 1 67  ? -7.639  11.032  6.293   1.00 12.74 ? 119 PHE A CE1 1 
ATOM   533 C  CE2 . PHE A 1 67  ? -6.738  10.662  8.534   1.00 12.10 ? 119 PHE A CE2 1 
ATOM   534 C  CZ  . PHE A 1 67  ? -7.085  11.545  7.486   1.00 13.63 ? 119 PHE A CZ  1 
ATOM   535 N  N   . LEU A 1 68  ? -6.701  6.518   4.340   1.00 8.06  ? 120 LEU A N   1 
ATOM   536 C  CA  . LEU A 1 68  ? -6.293  6.892   2.999   1.00 7.26  ? 120 LEU A CA  1 
ATOM   537 C  C   . LEU A 1 68  ? -7.189  8.016   2.493   1.00 8.69  ? 120 LEU A C   1 
ATOM   538 O  O   . LEU A 1 68  ? -6.699  8.988   1.915   1.00 9.71  ? 120 LEU A O   1 
ATOM   539 C  CB  . LEU A 1 68  ? -6.365  5.706   2.037   1.00 8.11  ? 120 LEU A CB  1 
ATOM   540 C  CG  . LEU A 1 68  ? -5.463  4.486   2.215   1.00 7.92  ? 120 LEU A CG  1 
ATOM   541 C  CD1 . LEU A 1 68  ? -5.735  3.569   1.055   1.00 10.30 ? 120 LEU A CD1 1 
ATOM   542 C  CD2 . LEU A 1 68  ? -3.977  4.868   2.266   1.00 7.68  ? 120 LEU A CD2 1 
ATOM   543 N  N   . TRP A 1 69  ? -8.501  7.863   2.704   1.00 9.37  ? 121 TRP A N   1 
ATOM   544 C  CA  . TRP A 1 69  ? -9.487  8.853   2.271   1.00 9.72  ? 121 TRP A CA  1 
ATOM   545 C  C   . TRP A 1 69  ? -10.403 9.348   3.393   1.00 10.72 ? 121 TRP A C   1 
ATOM   546 O  O   . TRP A 1 69  ? -10.258 10.483  3.852   1.00 10.11 ? 121 TRP A O   1 
ATOM   547 C  CB  . TRP A 1 69  ? -10.341 8.321   1.105   1.00 8.77  ? 121 TRP A CB  1 
ATOM   548 C  CG  . TRP A 1 69  ? -9.566  7.949   -0.146  1.00 8.60  ? 121 TRP A CG  1 
ATOM   549 C  CD1 . TRP A 1 69  ? -9.207  6.687   -0.535  1.00 7.71  ? 121 TRP A CD1 1 
ATOM   550 C  CD2 . TRP A 1 69  ? -9.071  8.838   -1.161  1.00 9.55  ? 121 TRP A CD2 1 
ATOM   551 N  NE1 . TRP A 1 69  ? -8.523  6.732   -1.725  1.00 10.30 ? 121 TRP A NE1 1 
ATOM   552 C  CE2 . TRP A 1 69  ? -8.424  8.034   -2.138  1.00 9.38  ? 121 TRP A CE2 1 
ATOM   553 C  CE3 . TRP A 1 69  ? -9.113  10.239  -1.348  1.00 9.79  ? 121 TRP A CE3 1 
ATOM   554 C  CZ2 . TRP A 1 69  ? -7.821  8.584   -3.297  1.00 10.35 ? 121 TRP A CZ2 1 
ATOM   555 C  CZ3 . TRP A 1 69  ? -8.510  10.791  -2.510  1.00 9.51  ? 121 TRP A CZ3 1 
ATOM   556 C  CH2 . TRP A 1 69  ? -7.877  9.955   -3.465  1.00 8.07  ? 121 TRP A CH2 1 
ATOM   557 N  N   . VAL A 1 70  ? -11.344 8.502   3.826   1.00 11.59 ? 122 VAL A N   1 
ATOM   558 C  CA  . VAL A 1 70  ? -12.310 8.862   4.872   1.00 12.02 ? 122 VAL A CA  1 
ATOM   559 C  C   . VAL A 1 70  ? -12.361 7.883   6.057   1.00 12.47 ? 122 VAL A C   1 
ATOM   560 O  O   . VAL A 1 70  ? -12.292 8.317   7.207   1.00 13.29 ? 122 VAL A O   1 
ATOM   561 C  CB  . VAL A 1 70  ? -13.766 9.058   4.276   1.00 12.99 ? 122 VAL A CB  1 
ATOM   562 C  CG1 . VAL A 1 70  ? -14.737 9.552   5.347   1.00 13.36 ? 122 VAL A CG1 1 
ATOM   563 C  CG2 . VAL A 1 70  ? -13.764 10.075  3.123   1.00 14.25 ? 122 VAL A CG2 1 
ATOM   564 N  N   . VAL A 1 71  ? -12.493 6.582   5.784   1.00 12.45 ? 123 VAL A N   1 
ATOM   565 C  CA  . VAL A 1 71  ? -12.590 5.563   6.848   1.00 11.98 ? 123 VAL A CA  1 
ATOM   566 C  C   . VAL A 1 71  ? -11.233 5.297   7.529   1.00 12.50 ? 123 VAL A C   1 
ATOM   567 O  O   . VAL A 1 71  ? -10.250 4.956   6.860   1.00 12.56 ? 123 VAL A O   1 
ATOM   568 C  CB  . VAL A 1 71  ? -13.246 4.247   6.313   1.00 12.65 ? 123 VAL A CB  1 
ATOM   569 C  CG1 . VAL A 1 71  ? -13.641 3.322   7.465   1.00 12.99 ? 123 VAL A CG1 1 
ATOM   570 C  CG2 . VAL A 1 71  ? -14.486 4.571   5.486   1.00 12.13 ? 123 VAL A CG2 1 
ATOM   571 N  N   . LYS A 1 72  ? -11.194 5.495   8.853   1.00 12.10 ? 124 LYS A N   1 
ATOM   572 C  CA  . LYS A 1 72  ? -9.969  5.323   9.649   1.00 11.43 ? 124 LYS A CA  1 
ATOM   573 C  C   . LYS A 1 72  ? -9.908  4.138   10.600  1.00 11.34 ? 124 LYS A C   1 
ATOM   574 O  O   . LYS A 1 72  ? -10.936 3.624   11.044  1.00 11.34 ? 124 LYS A O   1 
ATOM   575 C  CB  . LYS A 1 72  ? -9.589  6.620   10.371  1.00 10.58 ? 124 LYS A CB  1 
ATOM   576 C  CG  . LYS A 1 72  ? -10.566 7.108   11.397  1.00 9.59  ? 124 LYS A CG  1 
ATOM   577 C  CD  . LYS A 1 72  ? -10.184 8.467   11.891  1.00 8.40  ? 124 LYS A CD  1 
ATOM   578 C  CE  . LYS A 1 72  ? -11.214 8.955   12.875  1.00 9.70  ? 124 LYS A CE  1 
ATOM   579 N  NZ  . LYS A 1 72  ? -10.953 10.312  13.393  1.00 12.09 ? 124 LYS A NZ  1 
ATOM   580 N  N   . PHE A 1 73  ? -8.679  3.683   10.867  1.00 12.11 ? 125 PHE A N   1 
ATOM   581 C  CA  . PHE A 1 73  ? -8.429  2.503   11.699  1.00 11.86 ? 125 PHE A CA  1 
ATOM   582 C  C   . PHE A 1 73  ? -7.354  2.635   12.764  1.00 10.95 ? 125 PHE A C   1 
ATOM   583 O  O   . PHE A 1 73  ? -6.456  3.468   12.657  1.00 9.99  ? 125 PHE A O   1 
ATOM   584 C  CB  . PHE A 1 73  ? -8.093  1.308   10.793  1.00 12.77 ? 125 PHE A CB  1 
ATOM   585 C  CG  . PHE A 1 73  ? -9.188  0.964   9.831   1.00 13.76 ? 125 PHE A CG  1 
ATOM   586 C  CD1 . PHE A 1 73  ? -9.238  1.581   8.565   1.00 13.77 ? 125 PHE A CD1 1 
ATOM   587 C  CD2 . PHE A 1 73  ? -10.251 0.128   10.228  1.00 16.11 ? 125 PHE A CD2 1 
ATOM   588 C  CE1 . PHE A 1 73  ? -10.331 1.389   7.712   1.00 13.69 ? 125 PHE A CE1 1 
ATOM   589 C  CE2 . PHE A 1 73  ? -11.360 -0.079  9.382   1.00 14.41 ? 125 PHE A CE2 1 
ATOM   590 C  CZ  . PHE A 1 73  ? -11.399 0.557   8.129   1.00 13.19 ? 125 PHE A CZ  1 
ATOM   591 N  N   . ASN A 1 74  ? -7.419  1.729   13.741  1.00 10.26 ? 126 ASN A N   1 
ATOM   592 C  CA  . ASN A 1 74  ? -6.492  1.663   14.874  1.00 10.42 ? 126 ASN A CA  1 
ATOM   593 C  C   . ASN A 1 74  ? -5.113  1.142   14.492  1.00 9.94  ? 126 ASN A C   1 
ATOM   594 O  O   . ASN A 1 74  ? -4.138  1.340   15.224  1.00 9.32  ? 126 ASN A O   1 
ATOM   595 C  CB  . ASN A 1 74  ? -7.069  0.756   15.976  1.00 12.41 ? 126 ASN A CB  1 
ATOM   596 C  CG  . ASN A 1 74  ? -8.290  1.352   16.660  1.00 15.60 ? 126 ASN A CG  1 
ATOM   597 O  OD1 . ASN A 1 74  ? -8.418  2.565   16.787  1.00 17.71 ? 126 ASN A OD1 1 
ATOM   598 N  ND2 . ASN A 1 74  ? -9.179  0.490   17.131  1.00 19.84 ? 126 ASN A ND2 1 
ATOM   599 N  N   . SER A 1 75  ? -5.046  0.491   13.335  1.00 8.88  ? 127 SER A N   1 
ATOM   600 C  CA  . SER A 1 75  ? -3.808  -0.089  12.844  1.00 9.94  ? 127 SER A CA  1 
ATOM   601 C  C   . SER A 1 75  ? -3.689  -0.050  11.321  1.00 9.75  ? 127 SER A C   1 
ATOM   602 O  O   . SER A 1 75  ? -4.681  0.160   10.612  1.00 9.43  ? 127 SER A O   1 
ATOM   603 C  CB  . SER A 1 75  ? -3.703  -1.539  13.325  1.00 7.65  ? 127 SER A CB  1 
ATOM   604 O  OG  . SER A 1 75  ? -4.657  -2.362  12.685  1.00 9.95  ? 127 SER A OG  1 
ATOM   605 N  N   . LEU A 1 76  ? -2.455  -0.234  10.840  1.00 9.83  ? 128 LEU A N   1 
ATOM   606 C  CA  . LEU A 1 76  ? -2.143  -0.293  9.408   1.00 10.65 ? 128 LEU A CA  1 
ATOM   607 C  C   . LEU A 1 76  ? -2.750  -1.589  8.890   1.00 10.15 ? 128 LEU A C   1 
ATOM   608 O  O   . LEU A 1 76  ? -3.274  -1.632  7.784   1.00 8.97  ? 128 LEU A O   1 
ATOM   609 C  CB  . LEU A 1 76  ? -0.630  -0.349  9.174   1.00 11.45 ? 128 LEU A CB  1 
ATOM   610 C  CG  . LEU A 1 76  ? 0.230   0.899   9.335   1.00 10.85 ? 128 LEU A CG  1 
ATOM   611 C  CD1 . LEU A 1 76  ? 1.687   0.482   9.449   1.00 9.44  ? 128 LEU A CD1 1 
ATOM   612 C  CD2 . LEU A 1 76  ? 0.020   1.836   8.153   1.00 10.27 ? 128 LEU A CD2 1 
ATOM   613 N  N   . ASN A 1 77  ? -2.710  -2.615  9.748   1.00 9.74  ? 129 ASN A N   1 
ATOM   614 C  CA  . ASN A 1 77  ? -3.240  -3.957  9.499   1.00 9.69  ? 129 ASN A CA  1 
ATOM   615 C  C   . ASN A 1 77  ? -4.729  -3.908  9.162   1.00 9.67  ? 129 ASN A C   1 
ATOM   616 O  O   . ASN A 1 77  ? -5.165  -4.526  8.191   1.00 8.49  ? 129 ASN A O   1 
ATOM   617 C  CB  . ASN A 1 77  ? -3.000  -4.830  10.744  1.00 10.87 ? 129 ASN A CB  1 
ATOM   618 C  CG  . ASN A 1 77  ? -3.102  -6.340  10.478  1.00 11.80 ? 129 ASN A CG  1 
ATOM   619 O  OD1 . ASN A 1 77  ? -2.668  -7.138  11.311  1.00 12.24 ? 129 ASN A OD1 1 
ATOM   620 N  ND2 . ASN A 1 77  ? -3.682  -6.736  9.348   1.00 9.17  ? 129 ASN A ND2 1 
ATOM   621 N  N   . GLU A 1 78  ? -5.486  -3.135  9.941   1.00 8.97  ? 130 GLU A N   1 
ATOM   622 C  CA  . GLU A 1 78  ? -6.924  -2.988  9.727   1.00 9.55  ? 130 GLU A CA  1 
ATOM   623 C  C   . GLU A 1 78  ? -7.246  -2.146  8.489   1.00 9.02  ? 130 GLU A C   1 
ATOM   624 O  O   . GLU A 1 78  ? -8.221  -2.439  7.788   1.00 7.98  ? 130 GLU A O   1 
ATOM   625 C  CB  . GLU A 1 78  ? -7.602  -2.416  10.971  1.00 9.46  ? 130 GLU A CB  1 
ATOM   626 C  CG  . GLU A 1 78  ? -7.766  -3.389  12.126  1.00 11.41 ? 130 GLU A CG  1 
ATOM   627 C  CD  . GLU A 1 78  ? -8.111  -2.678  13.429  1.00 14.12 ? 130 GLU A CD  1 
ATOM   628 O  OE1 . GLU A 1 78  ? -9.261  -2.800  13.896  1.00 14.20 ? 130 GLU A OE1 1 
ATOM   629 O  OE2 . GLU A 1 78  ? -7.219  -1.997  13.989  1.00 13.38 ? 130 GLU A OE2 1 
ATOM   630 N  N   . LEU A 1 79  ? -6.384  -1.162  8.187   1.00 9.32  ? 131 LEU A N   1 
ATOM   631 C  CA  . LEU A 1 79  ? -6.536  -0.283  7.016   1.00 8.94  ? 131 LEU A CA  1 
ATOM   632 C  C   . LEU A 1 79  ? -6.344  -1.079  5.733   1.00 10.10 ? 131 LEU A C   1 
ATOM   633 O  O   . LEU A 1 79  ? -7.142  -0.971  4.799   1.00 6.82  ? 131 LEU A O   1 
ATOM   634 C  CB  . LEU A 1 79  ? -5.545  0.898   7.055   1.00 9.41  ? 131 LEU A CB  1 
ATOM   635 C  CG  . LEU A 1 79  ? -5.562  1.902   5.882   1.00 11.09 ? 131 LEU A CG  1 
ATOM   636 C  CD1 . LEU A 1 79  ? -6.889  2.650   5.830   1.00 10.65 ? 131 LEU A CD1 1 
ATOM   637 C  CD2 . LEU A 1 79  ? -4.421  2.883   5.992   1.00 10.77 ? 131 LEU A CD2 1 
ATOM   638 N  N   . VAL A 1 80  ? -5.298  -1.904  5.738   1.00 10.09 ? 132 VAL A N   1 
ATOM   639 C  CA  . VAL A 1 80  ? -4.939  -2.793  4.637   1.00 9.82  ? 132 VAL A CA  1 
ATOM   640 C  C   . VAL A 1 80  ? -6.086  -3.777  4.374   1.00 9.30  ? 132 VAL A C   1 
ATOM   641 O  O   . VAL A 1 80  ? -6.539  -3.901  3.238   1.00 9.05  ? 132 VAL A O   1 
ATOM   642 C  CB  . VAL A 1 80  ? -3.602  -3.555  4.978   1.00 9.39  ? 132 VAL A CB  1 
ATOM   643 C  CG1 . VAL A 1 80  ? -3.463  -4.861  4.213   1.00 9.64  ? 132 VAL A CG1 1 
ATOM   644 C  CG2 . VAL A 1 80  ? -2.409  -2.667  4.688   1.00 8.59  ? 132 VAL A CG2 1 
ATOM   645 N  N   . ASP A 1 81  ? -6.579  -4.411  5.442   1.00 9.14  ? 133 ASP A N   1 
ATOM   646 C  CA  . ASP A 1 81  ? -7.657  -5.399  5.353   1.00 8.79  ? 133 ASP A CA  1 
ATOM   647 C  C   . ASP A 1 81  ? -8.976  -4.855  4.822   1.00 8.81  ? 133 ASP A C   1 
ATOM   648 O  O   . ASP A 1 81  ? -9.645  -5.518  4.028   1.00 9.22  ? 133 ASP A O   1 
ATOM   649 C  CB  . ASP A 1 81  ? -7.838  -6.147  6.684   1.00 10.01 ? 133 ASP A CB  1 
ATOM   650 C  CG  . ASP A 1 81  ? -6.691  -7.125  6.972   1.00 9.20  ? 133 ASP A CG  1 
ATOM   651 O  OD1 . ASP A 1 81  ? -5.938  -7.471  6.036   1.00 9.52  ? 133 ASP A OD1 1 
ATOM   652 O  OD2 . ASP A 1 81  ? -6.533  -7.541  8.135   1.00 9.31  ? 133 ASP A OD2 1 
ATOM   653 N  N   . TYR A 1 82  ? -9.297  -3.617  5.194   1.00 8.39  ? 134 TYR A N   1 
ATOM   654 C  CA  . TYR A 1 82  ? -10.511 -2.949  4.730   1.00 9.68  ? 134 TYR A CA  1 
ATOM   655 C  C   . TYR A 1 82  ? -10.393 -2.695  3.233   1.00 9.83  ? 134 TYR A C   1 
ATOM   656 O  O   . TYR A 1 82  ? -11.332 -2.940  2.476   1.00 11.38 ? 134 TYR A O   1 
ATOM   657 C  CB  . TYR A 1 82  ? -10.665 -1.609  5.446   1.00 11.53 ? 134 TYR A CB  1 
ATOM   658 C  CG  . TYR A 1 82  ? -11.792 -0.713  4.950   1.00 13.41 ? 134 TYR A CG  1 
ATOM   659 C  CD1 . TYR A 1 82  ? -13.141 -1.010  5.244   1.00 12.84 ? 134 TYR A CD1 1 
ATOM   660 C  CD2 . TYR A 1 82  ? -11.511 0.460   4.215   1.00 13.93 ? 134 TYR A CD2 1 
ATOM   661 C  CE1 . TYR A 1 82  ? -14.190 -0.152  4.816   1.00 16.22 ? 134 TYR A CE1 1 
ATOM   662 C  CE2 . TYR A 1 82  ? -12.548 1.323   3.781   1.00 14.88 ? 134 TYR A CE2 1 
ATOM   663 C  CZ  . TYR A 1 82  ? -13.880 1.007   4.085   1.00 13.87 ? 134 TYR A CZ  1 
ATOM   664 O  OH  . TYR A 1 82  ? -14.882 1.829   3.648   1.00 15.55 ? 134 TYR A OH  1 
ATOM   665 N  N   . HIS A 1 83  ? -9.214  -2.232  2.829   1.00 9.13  ? 135 HIS A N   1 
ATOM   666 C  CA  . HIS A 1 83  ? -8.960  -1.906  1.443   1.00 9.85  ? 135 HIS A CA  1 
ATOM   667 C  C   . HIS A 1 83  ? -8.782  -3.062  0.474   1.00 9.54  ? 135 HIS A C   1 
ATOM   668 O  O   . HIS A 1 83  ? -8.501  -2.862  -0.710  1.00 10.65 ? 135 HIS A O   1 
ATOM   669 C  CB  . HIS A 1 83  ? -7.875  -0.847  1.341   1.00 8.58  ? 135 HIS A CB  1 
ATOM   670 C  CG  . HIS A 1 83  ? -8.358  0.524   1.695   1.00 8.91  ? 135 HIS A CG  1 
ATOM   671 N  ND1 . HIS A 1 83  ? -9.216  1.243   0.888   1.00 9.60  ? 135 HIS A ND1 1 
ATOM   672 C  CD2 . HIS A 1 83  ? -8.136  1.293   2.783   1.00 6.99  ? 135 HIS A CD2 1 
ATOM   673 C  CE1 . HIS A 1 83  ? -9.503  2.393   1.469   1.00 8.99  ? 135 HIS A CE1 1 
ATOM   674 N  NE2 . HIS A 1 83  ? -8.858  2.449   2.621   1.00 7.13  ? 135 HIS A NE2 1 
ATOM   675 N  N   . ARG A 1 84  ? -9.017  -4.272  0.979   1.00 9.04  ? 136 ARG A N   1 
ATOM   676 C  CA  . ARG A 1 84  ? -8.979  -5.476  0.162   1.00 9.59  ? 136 ARG A CA  1 
ATOM   677 C  C   . ARG A 1 84  ? -10.383 -5.662  -0.441  1.00 10.03 ? 136 ARG A C   1 
ATOM   678 O  O   . ARG A 1 84  ? -10.542 -6.353  -1.443  1.00 8.72  ? 136 ARG A O   1 
ATOM   679 C  CB  . ARG A 1 84  ? -8.618  -6.700  1.002   1.00 9.52  ? 136 ARG A CB  1 
ATOM   680 C  CG  . ARG A 1 84  ? -7.228  -6.754  1.566   1.00 9.41  ? 136 ARG A CG  1 
ATOM   681 C  CD  . ARG A 1 84  ? -7.067  -8.025  2.389   1.00 10.15 ? 136 ARG A CD  1 
ATOM   682 N  NE  . ARG A 1 84  ? -5.769  -8.095  3.060   1.00 8.32  ? 136 ARG A NE  1 
ATOM   683 C  CZ  . ARG A 1 84  ? -4.675  -8.636  2.527   1.00 10.56 ? 136 ARG A CZ  1 
ATOM   684 N  NH1 . ARG A 1 84  ? -4.711  -9.160  1.307   1.00 11.64 ? 136 ARG A NH1 1 
ATOM   685 N  NH2 . ARG A 1 84  ? -3.538  -8.642  3.208   1.00 8.36  ? 136 ARG A NH2 1 
ATOM   686 N  N   . SER A 1 85  ? -11.386 -5.039  0.190   1.00 10.68 ? 137 SER A N   1 
ATOM   687 C  CA  . SER A 1 85  ? -12.785 -5.113  -0.246  1.00 13.00 ? 137 SER A CA  1 
ATOM   688 C  C   . SER A 1 85  ? -13.417 -3.765  -0.613  1.00 11.53 ? 137 SER A C   1 
ATOM   689 O  O   . SER A 1 85  ? -14.554 -3.716  -1.080  1.00 11.82 ? 137 SER A O   1 
ATOM   690 C  CB  . SER A 1 85  ? -13.645 -5.855  0.787   1.00 12.11 ? 137 SER A CB  1 
ATOM   691 O  OG  . SER A 1 85  ? -13.582 -5.272  2.071   1.00 17.33 ? 137 SER A OG  1 
ATOM   692 N  N   . THR A 1 86  ? -12.673 -2.679  -0.404  1.00 10.74 ? 138 THR A N   1 
ATOM   693 C  CA  . THR A 1 86  ? -13.116 -1.326  -0.764  1.00 10.95 ? 138 THR A CA  1 
ATOM   694 C  C   . THR A 1 86  ? -11.918 -0.713  -1.483  1.00 10.16 ? 138 THR A C   1 
ATOM   695 O  O   . THR A 1 86  ? -10.796 -0.754  -0.979  1.00 9.96  ? 138 THR A O   1 
ATOM   696 C  CB  . THR A 1 86  ? -13.513 -0.470  0.470   1.00 10.38 ? 138 THR A CB  1 
ATOM   697 O  OG1 . THR A 1 86  ? -14.612 -1.089  1.143   1.00 11.26 ? 138 THR A OG1 1 
ATOM   698 C  CG2 . THR A 1 86  ? -13.945 0.945   0.052   1.00 13.14 ? 138 THR A CG2 1 
ATOM   699 N  N   . SER A 1 87  ? -12.166 -0.150  -2.664  1.00 9.95  ? 139 SER A N   1 
ATOM   700 C  CA  . SER A 1 87  ? -11.114 0.440   -3.489  1.00 9.56  ? 139 SER A CA  1 
ATOM   701 C  C   . SER A 1 87  ? -10.235 1.501   -2.835  1.00 8.63  ? 139 SER A C   1 
ATOM   702 O  O   . SER A 1 87  ? -10.706 2.306   -2.032  1.00 9.12  ? 139 SER A O   1 
ATOM   703 C  CB  . SER A 1 87  ? -11.705 1.001   -4.780  1.00 7.37  ? 139 SER A CB  1 
ATOM   704 O  OG  . SER A 1 87  ? -10.671 1.382   -5.672  1.00 4.21  ? 139 SER A OG  1 
ATOM   705 N  N   . VAL A 1 88  ? -8.941  1.450   -3.157  1.00 8.13  ? 140 VAL A N   1 
ATOM   706 C  CA  . VAL A 1 88  ? -7.970  2.420   -2.646  1.00 9.25  ? 140 VAL A CA  1 
ATOM   707 C  C   . VAL A 1 88  ? -7.982  3.665   -3.522  1.00 9.92  ? 140 VAL A C   1 
ATOM   708 O  O   . VAL A 1 88  ? -7.531  4.724   -3.107  1.00 10.59 ? 140 VAL A O   1 
ATOM   709 C  CB  . VAL A 1 88  ? -6.511  1.865   -2.613  1.00 8.65  ? 140 VAL A CB  1 
ATOM   710 C  CG1 . VAL A 1 88  ? -6.382  0.835   -1.553  1.00 7.33  ? 140 VAL A CG1 1 
ATOM   711 C  CG2 . VAL A 1 88  ? -6.087  1.287   -3.957  1.00 8.26  ? 140 VAL A CG2 1 
ATOM   712 N  N   . SER A 1 89  ? -8.509  3.504   -4.734  1.00 9.99  ? 141 SER A N   1 
ATOM   713 C  CA  . SER A 1 89  ? -8.564  4.568   -5.724  1.00 10.67 ? 141 SER A CA  1 
ATOM   714 C  C   . SER A 1 89  ? -9.959  5.128   -5.951  1.00 11.41 ? 141 SER A C   1 
ATOM   715 O  O   . SER A 1 89  ? -10.955 4.409   -5.840  1.00 12.03 ? 141 SER A O   1 
ATOM   716 C  CB  . SER A 1 89  ? -7.994  4.044   -7.043  1.00 8.66  ? 141 SER A CB  1 
ATOM   717 O  OG  . SER A 1 89  ? -8.083  4.993   -8.085  1.00 10.34 ? 141 SER A OG  1 
ATOM   718 N  N   . ARG A 1 90  ? -10.003 6.427   -6.244  1.00 13.14 ? 142 ARG A N   1 
ATOM   719 C  CA  . ARG A 1 90  ? -11.246 7.130   -6.545  1.00 13.11 ? 142 ARG A CA  1 
ATOM   720 C  C   . ARG A 1 90  ? -11.461 7.199   -8.060  1.00 13.17 ? 142 ARG A C   1 
ATOM   721 O  O   . ARG A 1 90  ? -12.512 7.635   -8.523  1.00 12.74 ? 142 ARG A O   1 
ATOM   722 C  CB  . ARG A 1 90  ? -11.264 8.533   -5.923  1.00 13.22 ? 142 ARG A CB  1 
ATOM   723 C  CG  . ARG A 1 90  ? -11.649 8.519   -4.456  1.00 15.95 ? 142 ARG A CG  1 
ATOM   724 C  CD  . ARG A 1 90  ? -12.079 9.884   -3.922  1.00 17.87 ? 142 ARG A CD  1 
ATOM   725 N  NE  . ARG A 1 90  ? -12.613 9.756   -2.562  1.00 20.54 ? 142 ARG A NE  1 
ATOM   726 C  CZ  . ARG A 1 90  ? -12.679 10.731  -1.656  1.00 21.65 ? 142 ARG A CZ  1 
ATOM   727 N  NH1 . ARG A 1 90  ? -13.189 10.477  -0.457  1.00 20.70 ? 142 ARG A NH1 1 
ATOM   728 N  NH2 . ARG A 1 90  ? -12.218 11.951  -1.929  1.00 22.90 ? 142 ARG A NH2 1 
ATOM   729 N  N   . ASN A 1 91  ? -10.483 6.703   -8.819  1.00 13.59 ? 143 ASN A N   1 
ATOM   730 C  CA  . ASN A 1 91  ? -10.546 6.701   -10.280 1.00 12.44 ? 143 ASN A CA  1 
ATOM   731 C  C   . ASN A 1 91  ? -10.766 5.304   -10.859 1.00 12.88 ? 143 ASN A C   1 
ATOM   732 O  O   . ASN A 1 91  ? -11.347 5.155   -11.939 1.00 12.36 ? 143 ASN A O   1 
ATOM   733 C  CB  . ASN A 1 91  ? -9.283  7.346   -10.865 1.00 13.28 ? 143 ASN A CB  1 
ATOM   734 C  CG  . ASN A 1 91  ? -9.202  8.834   -10.577 1.00 16.35 ? 143 ASN A CG  1 
ATOM   735 O  OD1 . ASN A 1 91  ? -8.168  9.337   -10.142 1.00 19.03 ? 143 ASN A OD1 1 
ATOM   736 N  ND2 . ASN A 1 91  ? -10.296 9.549   -10.826 1.00 16.75 ? 143 ASN A ND2 1 
ATOM   737 N  N   . GLN A 1 92  ? -10.260 4.280   -10.169 1.00 12.09 ? 144 GLN A N   1 
ATOM   738 C  CA  . GLN A 1 92  ? -10.414 2.890   -10.613 1.00 11.08 ? 144 GLN A CA  1 
ATOM   739 C  C   . GLN A 1 92  ? -10.764 1.979   -9.444  1.00 11.89 ? 144 GLN A C   1 
ATOM   740 O  O   . GLN A 1 92  ? -10.645 2.373   -8.281  1.00 10.07 ? 144 GLN A O   1 
ATOM   741 C  CB  . GLN A 1 92  ? -9.125  2.353   -11.263 1.00 12.38 ? 144 GLN A CB  1 
ATOM   742 C  CG  . GLN A 1 92  ? -8.550  3.159   -12.426 1.00 13.53 ? 144 GLN A CG  1 
ATOM   743 C  CD  . GLN A 1 92  ? -7.508  4.199   -12.007 1.00 15.43 ? 144 GLN A CD  1 
ATOM   744 O  OE1 . GLN A 1 92  ? -7.126  5.052   -12.807 1.00 17.42 ? 144 GLN A OE1 1 
ATOM   745 N  NE2 . GLN A 1 92  ? -7.057  4.138   -10.756 1.00 13.73 ? 144 GLN A NE2 1 
ATOM   746 N  N   . GLN A 1 93  ? -11.231 0.772   -9.762  1.00 10.53 ? 145 GLN A N   1 
ATOM   747 C  CA  . GLN A 1 93  ? -11.552 -0.213  -8.740  1.00 10.34 ? 145 GLN A CA  1 
ATOM   748 C  C   . GLN A 1 93  ? -10.319 -1.081  -8.523  1.00 10.59 ? 145 GLN A C   1 
ATOM   749 O  O   . GLN A 1 93  ? -10.016 -1.971  -9.322  1.00 12.00 ? 145 GLN A O   1 
ATOM   750 C  CB  . GLN A 1 93  ? -12.778 -1.053  -9.127  1.00 10.10 ? 145 GLN A CB  1 
ATOM   751 C  CG  . GLN A 1 93  ? -14.117 -0.306  -9.055  1.00 10.64 ? 145 GLN A CG  1 
ATOM   752 C  CD  . GLN A 1 93  ? -14.535 0.084   -7.638  1.00 10.33 ? 145 GLN A CD  1 
ATOM   753 O  OE1 . GLN A 1 93  ? -14.076 1.083   -7.099  1.00 11.86 ? 145 GLN A OE1 1 
ATOM   754 N  NE2 . GLN A 1 93  ? -15.435 -0.687  -7.048  1.00 9.85  ? 145 GLN A NE2 1 
ATOM   755 N  N   . ILE A 1 94  ? -9.533  -0.703  -7.514  1.00 9.87  ? 146 ILE A N   1 
ATOM   756 C  CA  . ILE A 1 94  ? -8.305  -1.413  -7.168  1.00 9.27  ? 146 ILE A CA  1 
ATOM   757 C  C   . ILE A 1 94  ? -8.426  -1.922  -5.736  1.00 8.96  ? 146 ILE A C   1 
ATOM   758 O  O   . ILE A 1 94  ? -8.452  -1.146  -4.774  1.00 7.56  ? 146 ILE A O   1 
ATOM   759 C  CB  . ILE A 1 94  ? -7.035  -0.508  -7.305  1.00 10.17 ? 146 ILE A CB  1 
ATOM   760 C  CG1 . ILE A 1 94  ? -6.986  0.183   -8.673  1.00 9.79  ? 146 ILE A CG1 1 
ATOM   761 C  CG2 . ILE A 1 94  ? -5.779  -1.346  -7.156  1.00 10.36 ? 146 ILE A CG2 1 
ATOM   762 C  CD1 . ILE A 1 94  ? -5.985  1.323   -8.766  1.00 10.26 ? 146 ILE A CD1 1 
ATOM   763 N  N   . PHE A 1 95  ? -8.489  -3.241  -5.610  1.00 9.56  ? 147 PHE A N   1 
ATOM   764 C  CA  . PHE A 1 95  ? -8.624  -3.896  -4.319  1.00 10.22 ? 147 PHE A CA  1 
ATOM   765 C  C   . PHE A 1 95  ? -7.304  -4.558  -3.966  1.00 9.25  ? 147 PHE A C   1 
ATOM   766 O  O   . PHE A 1 95  ? -6.748  -5.306  -4.770  1.00 9.11  ? 147 PHE A O   1 
ATOM   767 C  CB  . PHE A 1 95  ? -9.765  -4.916  -4.381  1.00 10.33 ? 147 PHE A CB  1 
ATOM   768 C  CG  . PHE A 1 95  ? -11.079 -4.324  -4.822  1.00 10.36 ? 147 PHE A CG  1 
ATOM   769 C  CD1 . PHE A 1 95  ? -11.460 -4.358  -6.177  1.00 10.81 ? 147 PHE A CD1 1 
ATOM   770 C  CD2 . PHE A 1 95  ? -11.929 -3.705  -3.897  1.00 10.99 ? 147 PHE A CD2 1 
ATOM   771 C  CE1 . PHE A 1 95  ? -12.682 -3.777  -6.608  1.00 8.17  ? 147 PHE A CE1 1 
ATOM   772 C  CE2 . PHE A 1 95  ? -13.162 -3.114  -4.311  1.00 9.05  ? 147 PHE A CE2 1 
ATOM   773 C  CZ  . PHE A 1 95  ? -13.536 -3.152  -5.667  1.00 9.24  ? 147 PHE A CZ  1 
ATOM   774 N  N   . LEU A 1 96  ? -6.799  -4.258  -2.770  1.00 9.26  ? 148 LEU A N   1 
ATOM   775 C  CA  . LEU A 1 96  ? -5.532  -4.803  -2.289  1.00 8.73  ? 148 LEU A CA  1 
ATOM   776 C  C   . LEU A 1 96  ? -5.492  -6.323  -2.173  1.00 9.43  ? 148 LEU A C   1 
ATOM   777 O  O   . LEU A 1 96  ? -6.392  -6.938  -1.602  1.00 10.75 ? 148 LEU A O   1 
ATOM   778 C  CB  . LEU A 1 96  ? -5.155  -4.189  -0.931  1.00 7.47  ? 148 LEU A CB  1 
ATOM   779 C  CG  . LEU A 1 96  ? -4.957  -2.676  -0.780  1.00 6.91  ? 148 LEU A CG  1 
ATOM   780 C  CD1 . LEU A 1 96  ? -4.388  -2.368  0.592   1.00 6.40  ? 148 LEU A CD1 1 
ATOM   781 C  CD2 . LEU A 1 96  ? -4.057  -2.116  -1.861  1.00 4.78  ? 148 LEU A CD2 1 
ATOM   782 N  N   . ARG A 1 97  ? -4.481  -6.923  -2.794  1.00 10.61 ? 149 ARG A N   1 
ATOM   783 C  CA  . ARG A 1 97  ? -4.289  -8.370  -2.735  1.00 12.38 ? 149 ARG A CA  1 
ATOM   784 C  C   . ARG A 1 97  ? -2.815  -8.647  -2.492  1.00 11.96 ? 149 ARG A C   1 
ATOM   785 O  O   . ARG A 1 97  ? -1.950  -7.918  -2.984  1.00 9.38  ? 149 ARG A O   1 
ATOM   786 C  CB  . ARG A 1 97  ? -4.806  -9.079  -4.006  1.00 14.80 ? 149 ARG A CB  1 
ATOM   787 C  CG  . ARG A 1 97  ? -4.067  -8.773  -5.300  1.00 18.11 ? 149 ARG A CG  1 
ATOM   788 C  CD  . ARG A 1 97  ? -3.749  -10.057 -6.040  1.00 22.05 ? 149 ARG A CD  1 
ATOM   789 N  NE  . ARG A 1 97  ? -4.868  -10.528 -6.846  1.00 24.73 ? 149 ARG A NE  1 
ATOM   790 C  CZ  . ARG A 1 97  ? -5.064  -11.790 -7.218  1.00 24.88 ? 149 ARG A CZ  1 
ATOM   791 N  NH1 . ARG A 1 97  ? -4.216  -12.749 -6.857  1.00 24.60 ? 149 ARG A NH1 1 
ATOM   792 N  NH2 . ARG A 1 97  ? -6.105  -12.086 -7.978  1.00 26.82 ? 149 ARG A NH2 1 
ATOM   793 N  N   . ASP A 1 98  ? -2.535  -9.682  -1.706  1.00 11.01 ? 150 ASP A N   1 
ATOM   794 C  CA  . ASP A 1 98  ? -1.167  -10.062 -1.367  1.00 12.83 ? 150 ASP A CA  1 
ATOM   795 C  C   . ASP A 1 98  ? -0.299  -10.335 -2.585  1.00 13.02 ? 150 ASP A C   1 
ATOM   796 O  O   . ASP A 1 98  ? -0.762  -10.896 -3.585  1.00 11.45 ? 150 ASP A O   1 
ATOM   797 C  CB  . ASP A 1 98  ? -1.155  -11.291 -0.452  1.00 15.33 ? 150 ASP A CB  1 
ATOM   798 C  CG  . ASP A 1 98  ? -1.733  -11.010 0.927   1.00 16.65 ? 150 ASP A CG  1 
ATOM   799 O  OD1 . ASP A 1 98  ? -1.897  -9.832  1.309   1.00 18.24 ? 150 ASP A OD1 1 
ATOM   800 O  OD2 . ASP A 1 98  ? -2.010  -11.989 1.645   1.00 19.82 ? 150 ASP A OD2 1 
ATOM   801 N  N   . ILE A 1 99  ? 0.939   -9.860  -2.508  1.00 13.75 ? 151 ILE A N   1 
ATOM   802 C  CA  . ILE A 1 99  ? 1.927   -10.044 -3.571  1.00 16.50 ? 151 ILE A CA  1 
ATOM   803 C  C   . ILE A 1 99  ? 2.310   -11.516 -3.739  1.00 16.17 ? 151 ILE A C   1 
ATOM   804 O  O   . ILE A 1 99  ? 2.162   -12.308 -2.802  1.00 15.44 ? 151 ILE A O   1 
ATOM   805 C  CB  . ILE A 1 99  ? 3.237   -9.250  -3.277  1.00 17.33 ? 151 ILE A CB  1 
ATOM   806 C  CG1 . ILE A 1 99  ? 3.720   -9.496  -1.843  1.00 18.72 ? 151 ILE A CG1 1 
ATOM   807 C  CG2 . ILE A 1 99  ? 3.035   -7.768  -3.561  1.00 17.23 ? 151 ILE A CG2 1 
ATOM   808 C  CD1 . ILE A 1 99  ? 5.208   -9.481  -1.699  1.00 21.88 ? 151 ILE A CD1 1 
ATOM   809 N  N   . GLU A 1 100 ? 2.729   -11.885 -4.949  1.00 17.15 ? 152 GLU A N   1 
ATOM   810 C  CA  . GLU A 1 100 ? 3.192   -13.243 -5.212  1.00 20.24 ? 152 GLU A CA  1 
ATOM   811 C  C   . GLU A 1 100 ? 4.678   -13.174 -4.875  1.00 21.51 ? 152 GLU A C   1 
ATOM   812 O  O   . GLU A 1 100 ? 5.457   -12.498 -5.560  1.00 21.69 ? 152 GLU A O   1 
ATOM   813 C  CB  . GLU A 1 100 ? 2.959   -13.658 -6.671  1.00 22.46 ? 152 GLU A CB  1 
ATOM   814 C  CG  . GLU A 1 100 ? 1.488   -13.838 -7.033  1.00 27.35 ? 152 GLU A CG  1 
ATOM   815 C  CD  . GLU A 1 100 ? 1.242   -14.984 -8.014  1.00 30.88 ? 152 GLU A CD  1 
ATOM   816 O  OE1 . GLU A 1 100 ? 1.073   -14.712 -9.224  1.00 30.75 ? 152 GLU A OE1 1 
ATOM   817 O  OE2 . GLU A 1 100 ? 1.193   -16.150 -7.559  1.00 30.25 ? 152 GLU A OE2 1 
ATOM   818 N  N   . GLN A 1 101 ? 5.018   -13.750 -3.723  1.00 22.94 ? 153 GLN A N   1 
ATOM   819 C  CA  . GLN A 1 101 ? 6.383   -13.769 -3.198  1.00 24.24 ? 153 GLN A CA  1 
ATOM   820 C  C   . GLN A 1 101 ? 7.317   -14.727 -3.924  1.00 24.17 ? 153 GLN A C   1 
ATOM   821 O  O   . GLN A 1 101 ? 6.875   -15.699 -4.544  1.00 23.26 ? 153 GLN A O   1 
ATOM   822 C  CB  . GLN A 1 101 ? 6.379   -14.181 -1.720  1.00 25.28 ? 153 GLN A CB  1 
ATOM   823 C  CG  . GLN A 1 101 ? 5.644   -13.264 -0.763  1.00 28.29 ? 153 GLN A CG  1 
ATOM   824 C  CD  . GLN A 1 101 ? 5.651   -13.803 0.656   1.00 29.78 ? 153 GLN A CD  1 
ATOM   825 O  OE1 . GLN A 1 101 ? 6.699   -13.867 1.306   1.00 31.41 ? 153 GLN A OE1 1 
ATOM   826 N  NE2 . GLN A 1 101 ? 4.480   -14.204 1.142   1.00 30.88 ? 153 GLN A NE2 1 
ATOM   827 N  N   . VAL A 1 102 ? 8.612   -14.427 -3.832  1.00 24.52 ? 154 VAL A N   1 
ATOM   828 C  CA  . VAL A 1 102 ? 9.676   -15.266 -4.385  1.00 25.68 ? 154 VAL A CA  1 
ATOM   829 C  C   . VAL A 1 102 ? 9.837   -16.296 -3.253  1.00 26.34 ? 154 VAL A C   1 
ATOM   830 O  O   . VAL A 1 102 ? 10.015  -15.900 -2.091  1.00 27.58 ? 154 VAL A O   1 
ATOM   831 C  CB  . VAL A 1 102 ? 11.005  -14.458 -4.555  1.00 26.29 ? 154 VAL A CB  1 
ATOM   832 C  CG1 . VAL A 1 102 ? 12.130  -15.353 -5.083  1.00 26.59 ? 154 VAL A CG1 1 
ATOM   833 C  CG2 . VAL A 1 102 ? 10.800  -13.279 -5.502  1.00 26.65 ? 154 VAL A CG2 1 
ATOM   834 N  N   . PRO A 1 103 ? 9.676   -17.612 -3.548  1.00 26.93 ? 155 PRO A N   1 
ATOM   835 C  CA  . PRO A 1 103 ? 9.823   -18.623 -2.484  1.00 27.82 ? 155 PRO A CA  1 
ATOM   836 C  C   . PRO A 1 103 ? 11.231  -18.765 -1.881  1.00 28.92 ? 155 PRO A C   1 
ATOM   837 O  O   . PRO A 1 103 ? 12.206  -18.285 -2.501  1.00 28.32 ? 155 PRO A O   1 
ATOM   838 C  CB  . PRO A 1 103 ? 9.341   -19.912 -3.162  1.00 26.90 ? 155 PRO A CB  1 
ATOM   839 C  CG  . PRO A 1 103 ? 9.639   -19.683 -4.606  1.00 26.39 ? 155 PRO A CG  1 
ATOM   840 C  CD  . PRO A 1 103 ? 9.230   -18.249 -4.806  1.00 26.97 ? 155 PRO A CD  1 
HETATM 841 C  C1  . YEN B 2 .   ? 2.573   11.842  -1.757  1.00 13.28 ? 1   YEN A C1  1 
HETATM 842 C  C2  . YEN B 2 .   ? 3.917   11.758  -1.414  1.00 14.99 ? 1   YEN A C2  1 
HETATM 843 C  C3  . YEN B 2 .   ? 4.540   10.521  -1.285  1.00 14.29 ? 1   YEN A C3  1 
HETATM 844 C  C4  . YEN B 2 .   ? 3.798   9.362   -1.490  1.00 15.77 ? 1   YEN A C4  1 
HETATM 845 C  C5  . YEN B 2 .   ? 2.452   9.444   -1.836  1.00 13.03 ? 1   YEN A C5  1 
HETATM 846 C  C6  . YEN B 2 .   ? 1.837   10.683  -1.977  1.00 14.05 ? 1   YEN A C6  1 
HETATM 847 O  O1  . YEN B 2 .   ? 5.875   10.514  -1.016  1.00 15.70 ? 1   YEN A O1  1 
HETATM 848 P  P1  . YEN B 2 .   ? 6.569   9.063   -0.938  1.00 13.88 ? 1   YEN A P1  1 
HETATM 849 O  O2  . YEN B 2 .   ? 6.239   8.279   -2.305  1.00 15.32 ? 1   YEN A O2  1 
HETATM 850 O  O3  . YEN B 2 .   ? 8.150   9.368   -0.989  1.00 16.84 ? 1   YEN A O3  1 
HETATM 851 O  O4  . YEN B 2 .   ? 6.207   8.291   0.271   1.00 16.02 ? 1   YEN A O4  1 
HETATM 852 C  C7  . YEN B 2 .   ? 0.397   10.801  -2.486  1.00 12.81 ? 1   YEN A C7  1 
HETATM 853 C  C8  . YEN B 2 .   ? 0.357   10.488  -3.983  1.00 15.18 ? 1   YEN A C8  1 
HETATM 854 C  C9  . YEN B 2 .   ? -1.037  10.749  -4.563  1.00 14.33 ? 1   YEN A C9  1 
HETATM 855 O  O5  . YEN B 2 .   ? -1.468  11.894  -4.691  1.00 12.72 ? 1   YEN A O5  1 
HETATM 856 C  C10 . YEN B 2 .   ? 1.375   11.366  -4.714  1.00 18.78 ? 1   YEN A C10 1 
HETATM 857 C  C11 . YEN B 2 .   ? 1.923   10.639  -5.944  1.00 24.13 ? 1   YEN A C11 1 
HETATM 858 N  N1  . YEN B 2 .   ? 1.593   11.166  -7.120  1.00 26.33 ? 1   YEN A N1  1 
HETATM 859 C  C12 . YEN B 2 .   ? 2.130   10.501  -8.316  1.00 29.97 ? 1   YEN A C12 1 
HETATM 860 O  O7  . YEN B 2 .   ? 2.619   9.634   -5.814  1.00 26.35 ? 1   YEN A O7  1 
HETATM 861 N  N2  . YEN B 2 .   ? -1.718  9.661   -4.911  1.00 11.86 ? 1   YEN A N2  1 
HETATM 862 C  C13 . YEN B 2 .   ? -3.059  9.722   -5.510  1.00 10.37 ? 1   YEN A C13 1 
HETATM 863 C  C14 . YEN B 2 .   ? -4.066  10.420  -4.591  1.00 10.24 ? 1   YEN A C14 1 
HETATM 864 O  O8  . YEN B 2 .   ? -5.019  11.037  -5.063  1.00 8.08  ? 1   YEN A O8  1 
HETATM 865 C  C15 . YEN B 2 .   ? -3.552  8.306   -5.819  1.00 11.97 ? 1   YEN A C15 1 
HETATM 866 C  C16 . YEN B 2 .   ? -2.613  7.569   -6.777  1.00 13.43 ? 1   YEN A C16 1 
HETATM 867 C  C17 . YEN B 2 .   ? -2.590  8.216   -8.163  1.00 15.16 ? 1   YEN A C17 1 
HETATM 868 O  O9  . YEN B 2 .   ? -3.686  8.573   -8.645  1.00 15.50 ? 1   YEN A O9  1 
HETATM 869 O  O10 . YEN B 2 .   ? -1.473  8.328   -8.716  1.00 17.38 ? 1   YEN A O10 1 
HETATM 870 N  N3  . YEN B 2 .   ? -3.844  10.306  -3.284  1.00 9.71  ? 1   YEN A N3  1 
HETATM 871 C  C18 . YEN B 2 .   ? -4.750  10.932  -2.310  1.00 9.66  ? 1   YEN A C18 1 
HETATM 872 C  C19 . YEN B 2 .   ? -4.112  12.193  -1.723  1.00 10.50 ? 1   YEN A C19 1 
HETATM 873 O  O12 . YEN B 2 .   ? -4.446  12.615  -0.617  1.00 10.47 ? 1   YEN A O12 1 
HETATM 874 C  C20 . YEN B 2 .   ? -5.090  9.942   -1.193  1.00 8.89  ? 1   YEN A C20 1 
HETATM 875 C  C21 . YEN B 2 .   ? -3.840  9.496   -0.431  1.00 7.83  ? 1   YEN A C21 1 
HETATM 876 O  O13 . YEN B 2 .   ? -2.731  9.531   -0.960  1.00 9.98  ? 1   YEN A O13 1 
HETATM 877 N  N4  . YEN B 2 .   ? -4.058  9.084   0.814   1.00 6.59  ? 1   YEN A N4  1 
HETATM 878 N  N5  . YEN B 2 .   ? -3.203  12.777  -2.497  1.00 9.31  ? 1   YEN A N5  1 
HETATM 879 CL CL  . CL  C 3 .   ? 2.693   -12.243 -9.861  1.00 22.69 ? 164 CL  A CL  1 
HETATM 880 CL CL  . CL  D 3 .   ? -0.853  12.641  8.242   1.00 39.57 ? 2   CL  A CL  1 
HETATM 881 MG MG  . MG  E 4 .   ? -15.224 0.084   -3.569  1.00 11.01 ? 3   MG  A MG  1 
HETATM 882 O  O   . HOH F 5 .   ? -0.318  -15.430 -12.190 1.00 14.50 ? 4   HOH A O   1 
HETATM 883 O  O   . HOH F 5 .   ? 7.634   5.027   9.409   1.00 12.50 ? 6   HOH A O   1 
HETATM 884 O  O   . HOH F 5 .   ? 1.594   7.344   8.127   1.00 7.35  ? 7   HOH A O   1 
HETATM 885 O  O   . HOH F 5 .   ? -13.495 2.503   10.872  1.00 18.74 ? 8   HOH A O   1 
HETATM 886 O  O   . HOH F 5 .   ? -3.287  -8.439  6.086   1.00 12.94 ? 11  HOH A O   1 
HETATM 887 O  O   . HOH F 5 .   ? 11.811  7.001   -1.630  1.00 13.00 ? 12  HOH A O   1 
HETATM 888 O  O   . HOH F 5 .   ? -9.189  4.893   4.141   1.00 16.33 ? 13  HOH A O   1 
HETATM 889 O  O   . HOH F 5 .   ? 9.665   4.613   1.175   1.00 11.47 ? 14  HOH A O   1 
HETATM 890 O  O   . HOH F 5 .   ? -7.869  -3.344  -10.374 1.00 11.55 ? 15  HOH A O   1 
HETATM 891 O  O   . HOH F 5 .   ? -7.448  7.612   -6.589  1.00 10.82 ? 16  HOH A O   1 
HETATM 892 O  O   . HOH F 5 .   ? -2.816  15.553  -1.676  1.00 24.58 ? 17  HOH A O   1 
HETATM 893 O  O   . HOH F 5 .   ? -6.546  -8.709  -9.338  1.00 18.51 ? 18  HOH A O   1 
HETATM 894 O  O   . HOH F 5 .   ? -11.498 5.726   3.099   1.00 13.91 ? 21  HOH A O   1 
HETATM 895 O  O   . HOH F 5 .   ? -5.893  6.640   -8.393  1.00 20.16 ? 22  HOH A O   1 
HETATM 896 O  O   . HOH F 5 .   ? -14.193 -3.038  2.846   1.00 11.49 ? 25  HOH A O   1 
HETATM 897 O  O   . HOH F 5 .   ? 8.649   6.712   7.480   1.00 15.03 ? 26  HOH A O   1 
HETATM 898 O  O   . HOH F 5 .   ? -9.303  12.654  2.149   1.00 24.03 ? 27  HOH A O   1 
HETATM 899 O  O   . HOH F 5 .   ? -6.876  10.452  -6.996  1.00 13.85 ? 28  HOH A O   1 
HETATM 900 O  O   . HOH F 5 .   ? 17.526  -4.189  -9.599  1.00 22.49 ? 29  HOH A O   1 
HETATM 901 O  O   . HOH F 5 .   ? 14.583  0.760   -7.887  1.00 9.45  ? 30  HOH A O   1 
HETATM 902 O  O   . HOH F 5 .   ? 5.159   0.387   -13.542 0.50 13.40 ? 31  HOH A O   1 
HETATM 903 O  O   . HOH F 5 .   ? -7.845  -4.334  -12.875 1.00 23.64 ? 32  HOH A O   1 
HETATM 904 O  O   . HOH F 5 .   ? -11.001 -4.391  -9.934  1.00 25.27 ? 33  HOH A O   1 
HETATM 905 O  O   . HOH F 5 .   ? 4.429   -12.629 -16.400 1.00 13.26 ? 34  HOH A O   1 
HETATM 906 O  O   . HOH F 5 .   ? 9.851   7.966   0.161   1.00 11.88 ? 35  HOH A O   1 
HETATM 907 O  O   . HOH F 5 .   ? -4.676  -9.570  8.869   1.00 15.37 ? 37  HOH A O   1 
HETATM 908 O  O   . HOH F 5 .   ? 6.111   -13.826 4.637   1.00 36.25 ? 38  HOH A O   1 
HETATM 909 O  O   . HOH F 5 .   ? 12.813  6.493   -4.750  1.00 14.81 ? 39  HOH A O   1 
HETATM 910 O  O   . HOH F 5 .   ? 12.520  -7.033  -6.732  0.50 10.86 ? 40  HOH A O   1 
HETATM 911 O  O   . HOH F 5 .   ? 7.531   -8.681  -7.879  1.00 13.48 ? 41  HOH A O   1 
HETATM 912 O  O   . HOH F 5 .   ? -0.884  -11.084 -6.324  1.00 19.57 ? 42  HOH A O   1 
HETATM 913 O  O   . HOH F 5 .   ? 4.300   3.851   -12.641 1.00 21.68 ? 44  HOH A O   1 
HETATM 914 O  O   . HOH F 5 .   ? -10.030 -5.908  10.123  1.00 34.97 ? 45  HOH A O   1 
HETATM 915 O  O   . HOH F 5 .   ? -7.796  -6.794  10.215  1.00 30.90 ? 46  HOH A O   1 
HETATM 916 O  O   . HOH F 5 .   ? 5.683   11.733  10.659  1.00 20.57 ? 47  HOH A O   1 
HETATM 917 O  O   . HOH F 5 .   ? -4.699  -11.403 -1.325  1.00 18.12 ? 48  HOH A O   1 
HETATM 918 O  O   . HOH F 5 .   ? 2.128   -13.691 -0.281  1.00 20.91 ? 49  HOH A O   1 
HETATM 919 O  O   . HOH F 5 .   ? 9.636   -4.592  -14.732 1.00 20.55 ? 51  HOH A O   1 
HETATM 920 O  O   . HOH F 5 .   ? 3.315   -6.703  -15.379 1.00 33.44 ? 52  HOH A O   1 
HETATM 921 O  O   . HOH F 5 .   ? 0.663   7.531   -7.747  1.00 11.50 ? 165 HOH A O   1 
HETATM 922 O  O   . HOH F 5 .   ? -4.628  -7.922  -13.049 1.00 17.61 ? 166 HOH A O   1 
HETATM 923 O  O   . HOH F 5 .   ? -8.098  -4.938  -8.171  1.00 18.52 ? 167 HOH A O   1 
HETATM 924 O  O   . HOH F 5 .   ? -6.878  -7.123  -6.585  1.00 23.89 ? 168 HOH A O   1 
HETATM 925 O  O   . HOH F 5 .   ? 12.144  7.153   6.736   1.00 25.07 ? 169 HOH A O   1 
HETATM 926 O  O   . HOH F 5 .   ? 14.846  8.803   5.309   1.00 32.99 ? 170 HOH A O   1 
HETATM 927 O  O   . HOH F 5 .   ? 3.419   -16.806 -6.179  1.00 28.21 ? 171 HOH A O   1 
HETATM 928 O  O   . HOH F 5 .   ? 13.010  -20.970 0.142   1.00 29.18 ? 172 HOH A O   1 
HETATM 929 O  O   . HOH F 5 .   ? 12.711  -4.769  2.169   1.00 29.97 ? 173 HOH A O   1 
HETATM 930 O  O   . HOH F 5 .   ? 3.486   -1.653  -13.034 1.00 25.62 ? 174 HOH A O   1 
HETATM 931 O  O   . HOH F 5 .   ? -9.845  9.177   16.485  1.00 13.15 ? 175 HOH A O   1 
HETATM 932 O  O   . HOH F 5 .   ? -9.691  11.718  -6.625  1.00 29.18 ? 176 HOH A O   1 
HETATM 933 O  O   . HOH F 5 .   ? -7.072  -10.041 -0.586  1.00 25.00 ? 177 HOH A O   1 
HETATM 934 O  O   . HOH F 5 .   ? -0.322  6.358   -17.216 1.00 37.62 ? 178 HOH A O   1 
HETATM 935 O  O   . HOH F 5 .   ? -5.726  7.541   -10.802 1.00 25.10 ? 179 HOH A O   1 
HETATM 936 O  O   . HOH F 5 .   ? -7.362  4.494   -15.973 1.00 27.57 ? 180 HOH A O   1 
HETATM 937 O  O   . HOH F 5 .   ? 3.978   6.446   12.329  1.00 33.35 ? 181 HOH A O   1 
HETATM 938 O  O   . HOH F 5 .   ? -8.692  13.548  15.334  1.00 18.89 ? 182 HOH A O   1 
HETATM 939 O  O   . HOH F 5 .   ? -9.909  0.151   13.946  1.00 18.49 ? 183 HOH A O   1 
HETATM 940 O  O   . HOH F 5 .   ? -8.043  -8.633  -2.903  1.00 27.00 ? 184 HOH A O   1 
HETATM 941 O  O   . HOH F 5 .   ? 0.238   -18.971 10.843  1.00 34.84 ? 185 HOH A O   1 
HETATM 942 O  O   . HOH F 5 .   ? 13.722  -6.249  -10.652 1.00 25.34 ? 186 HOH A O   1 
HETATM 943 O  O   . HOH F 5 .   ? -10.931 13.061  -4.597  1.00 34.42 ? 187 HOH A O   1 
HETATM 944 O  O   . HOH F 5 .   ? -10.811 11.694  -9.012  1.00 34.09 ? 188 HOH A O   1 
HETATM 945 O  O   . HOH F 5 .   ? 7.744   -6.287  -15.096 0.50 10.20 ? 189 HOH A O   1 
HETATM 946 O  O   . HOH F 5 .   ? 10.038  -0.917  -12.868 0.50 7.06  ? 190 HOH A O   1 
HETATM 947 O  O   . HOH F 5 .   ? -4.955  -2.977  -15.978 1.00 25.60 ? 191 HOH A O   1 
HETATM 948 O  O   . HOH F 5 .   ? -11.388 3.138   13.967  1.00 26.87 ? 192 HOH A O   1 
HETATM 949 O  O   . HOH F 5 .   ? -11.745 13.587  0.615   1.00 28.86 ? 193 HOH A O   1 
HETATM 950 O  O   . HOH F 5 .   ? -12.480 4.696   -1.331  1.00 36.78 ? 194 HOH A O   1 
HETATM 951 O  O   . HOH F 5 .   ? 1.276   -7.843  -0.326  1.00 19.13 ? 195 HOH A O   1 
HETATM 952 O  O   . HOH F 5 .   ? -13.807 6.641   -2.225  1.00 26.76 ? 196 HOH A O   1 
HETATM 953 O  O   . HOH F 5 .   ? 10.305  -3.658  -12.556 0.50 14.51 ? 197 HOH A O   1 
HETATM 954 O  O   . HOH F 5 .   ? 2.465   8.830   10.432  1.00 28.33 ? 198 HOH A O   1 
HETATM 955 O  O   . HOH F 5 .   ? -10.875 12.873  5.104   1.00 20.95 ? 199 HOH A O   1 
HETATM 956 O  O   . HOH F 5 .   ? 0.739   -10.249 -8.552  1.00 16.46 ? 200 HOH A O   1 
HETATM 957 O  O   . HOH F 5 .   ? -13.671 4.598   -3.800  1.00 26.41 ? 201 HOH A O   1 
HETATM 958 O  O   . HOH F 5 .   ? -0.772  -18.756 13.202  1.00 44.33 ? 202 HOH A O   1 
HETATM 959 O  O   . HOH F 5 .   ? -0.027  -12.732 7.870   1.00 27.43 ? 203 HOH A O   1 
HETATM 960 O  O   . HOH F 5 .   ? 3.723   -14.268 4.931   1.00 32.67 ? 204 HOH A O   1 
HETATM 961 O  O   . HOH F 5 .   ? -9.245  -2.197  16.477  0.50 13.70 ? 205 HOH A O   1 
HETATM 962 O  O   . HOH F 5 .   ? -1.625  -14.325 -6.652  1.00 33.31 ? 206 HOH A O   1 
HETATM 963 O  O   . HOH F 5 .   ? -6.509  11.277  -9.411  1.00 31.57 ? 207 HOH A O   1 
HETATM 964 O  O   . HOH F 5 .   ? 16.970  -5.013  -5.272  1.00 35.59 ? 208 HOH A O   1 
HETATM 965 O  O   . HOH F 5 .   ? 2.472   9.597   14.785  0.50 15.11 ? 209 HOH A O   1 
HETATM 966 O  O   . HOH F 5 .   ? -16.135 -3.299  -7.802  1.00 23.70 ? 210 HOH A O   1 
HETATM 967 O  O   . HOH F 5 .   ? -1.393  -6.071  -13.583 1.00 23.78 ? 211 HOH A O   1 
HETATM 968 O  O   . HOH F 5 .   ? 9.282   -11.988 -2.165  1.00 28.75 ? 212 HOH A O   1 
HETATM 969 O  O   . HOH F 5 .   ? -10.444 -3.917  8.647   1.00 20.73 ? 213 HOH A O   1 
HETATM 970 O  O   . HOH F 5 .   ? 7.700   1.963   -13.130 1.00 31.64 ? 214 HOH A O   1 
HETATM 971 O  O   . HOH F 5 .   ? -2.601  4.260   -12.588 1.00 20.23 ? 215 HOH A O   1 
HETATM 972 O  O   . HOH F 5 .   ? 5.394   -18.171 -4.861  1.00 26.44 ? 216 HOH A O   1 
HETATM 973 O  O   . HOH F 5 .   ? 15.528  -21.329 -0.690  1.00 39.48 ? 217 HOH A O   1 
# 
loop_
_pdbx_poly_seq_scheme.asym_id 
_pdbx_poly_seq_scheme.entity_id 
_pdbx_poly_seq_scheme.seq_id 
_pdbx_poly_seq_scheme.mon_id 
_pdbx_poly_seq_scheme.ndb_seq_num 
_pdbx_poly_seq_scheme.pdb_seq_num 
_pdbx_poly_seq_scheme.auth_seq_num 
_pdbx_poly_seq_scheme.pdb_mon_id 
_pdbx_poly_seq_scheme.auth_mon_id 
_pdbx_poly_seq_scheme.pdb_strand_id 
_pdbx_poly_seq_scheme.pdb_ins_code 
_pdbx_poly_seq_scheme.hetero 
A 1 1   ILE 1   53  ?   ?   ?   A . n 
A 1 2   GLU 2   54  ?   ?   ?   A . n 
A 1 3   MET 3   55  ?   ?   ?   A . n 
A 1 4   LYS 4   56  56  LYS LYS A . n 
A 1 5   PRO 5   57  57  PRO PRO A . n 
A 1 6   HIS 6   58  58  HIS HIS A . n 
A 1 7   PRO 7   59  59  PRO PRO A . n 
A 1 8   TRP 8   60  60  TRP TRP A . n 
A 1 9   PHE 9   61  61  PHE PHE A . n 
A 1 10  PHE 10  62  62  PHE PHE A . n 
A 1 11  GLY 11  63  63  GLY GLY A . n 
A 1 12  LYS 12  64  64  LYS LYS A . n 
A 1 13  ILE 13  65  65  ILE ILE A . n 
A 1 14  PRO 14  66  66  PRO PRO A . n 
A 1 15  ARG 15  67  67  ARG ARG A . n 
A 1 16  ALA 16  68  68  ALA ALA A . n 
A 1 17  LYS 17  69  69  LYS LYS A . n 
A 1 18  ALA 18  70  70  ALA ALA A . n 
A 1 19  GLU 19  71  71  GLU GLU A . n 
A 1 20  GLU 20  72  72  GLU GLU A . n 
A 1 21  MET 21  73  73  MET MET A . n 
A 1 22  LEU 22  74  74  LEU LEU A . n 
A 1 23  SER 23  75  75  SER SER A . n 
A 1 24  LYS 24  76  76  LYS LYS A . n 
A 1 25  GLN 25  77  77  GLN GLN A . n 
A 1 26  ARG 26  78  78  ARG ARG A . n 
A 1 27  HIS 27  79  79  HIS HIS A . n 
A 1 28  ASP 28  80  80  ASP ASP A . n 
A 1 29  GLY 29  81  81  GLY GLY A . n 
A 1 30  ALA 30  82  82  ALA ALA A . n 
A 1 31  PHE 31  83  83  PHE PHE A . n 
A 1 32  LEU 32  84  84  LEU LEU A . n 
A 1 33  ILE 33  85  85  ILE ILE A . n 
A 1 34  ARG 34  86  86  ARG ARG A . n 
A 1 35  GLU 35  87  87  GLU GLU A . n 
A 1 36  SER 36  88  88  SER SER A . n 
A 1 37  GLU 37  89  89  GLU GLU A . n 
A 1 38  SER 38  90  90  SER SER A . n 
A 1 39  ALA 39  91  91  ALA ALA A . n 
A 1 40  PRO 40  92  92  PRO PRO A . n 
A 1 41  GLY 41  93  93  GLY GLY A . n 
A 1 42  ASP 42  94  94  ASP ASP A . n 
A 1 43  PHE 43  95  95  PHE PHE A . n 
A 1 44  SER 44  96  96  SER SER A . n 
A 1 45  LEU 45  97  97  LEU LEU A . n 
A 1 46  SER 46  98  98  SER SER A . n 
A 1 47  VAL 47  99  99  VAL VAL A . n 
A 1 48  LYS 48  100 100 LYS LYS A . n 
A 1 49  PHE 49  101 101 PHE PHE A . n 
A 1 50  GLY 50  102 102 GLY GLY A . n 
A 1 51  ASN 51  103 103 ASN ASN A . n 
A 1 52  ASP 52  104 104 ASP ASP A . n 
A 1 53  VAL 53  105 105 VAL VAL A . n 
A 1 54  GLN 54  106 106 GLN GLN A . n 
A 1 55  HIS 55  107 107 HIS HIS A . n 
A 1 56  PHE 56  108 108 PHE PHE A . n 
A 1 57  LYS 57  109 109 LYS LYS A . n 
A 1 58  VAL 58  110 110 VAL VAL A . n 
A 1 59  LEU 59  111 111 LEU LEU A . n 
A 1 60  ARG 60  112 112 ARG ARG A . n 
A 1 61  ASP 61  113 113 ASP ASP A . n 
A 1 62  GLY 62  114 114 GLY GLY A . n 
A 1 63  ALA 63  115 115 ALA ALA A . n 
A 1 64  GLY 64  116 116 GLY GLY A . n 
A 1 65  LYS 65  117 117 LYS LYS A . n 
A 1 66  TYR 66  118 118 TYR TYR A . n 
A 1 67  PHE 67  119 119 PHE PHE A . n 
A 1 68  LEU 68  120 120 LEU LEU A . n 
A 1 69  TRP 69  121 121 TRP TRP A . n 
A 1 70  VAL 70  122 122 VAL VAL A . n 
A 1 71  VAL 71  123 123 VAL VAL A . n 
A 1 72  LYS 72  124 124 LYS LYS A . n 
A 1 73  PHE 73  125 125 PHE PHE A . n 
A 1 74  ASN 74  126 126 ASN ASN A . n 
A 1 75  SER 75  127 127 SER SER A . n 
A 1 76  LEU 76  128 128 LEU LEU A . n 
A 1 77  ASN 77  129 129 ASN ASN A . n 
A 1 78  GLU 78  130 130 GLU GLU A . n 
A 1 79  LEU 79  131 131 LEU LEU A . n 
A 1 80  VAL 80  132 132 VAL VAL A . n 
A 1 81  ASP 81  133 133 ASP ASP A . n 
A 1 82  TYR 82  134 134 TYR TYR A . n 
A 1 83  HIS 83  135 135 HIS HIS A . n 
A 1 84  ARG 84  136 136 ARG ARG A . n 
A 1 85  SER 85  137 137 SER SER A . n 
A 1 86  THR 86  138 138 THR THR A . n 
A 1 87  SER 87  139 139 SER SER A . n 
A 1 88  VAL 88  140 140 VAL VAL A . n 
A 1 89  SER 89  141 141 SER SER A . n 
A 1 90  ARG 90  142 142 ARG ARG A . n 
A 1 91  ASN 91  143 143 ASN ASN A . n 
A 1 92  GLN 92  144 144 GLN GLN A . n 
A 1 93  GLN 93  145 145 GLN GLN A . n 
A 1 94  ILE 94  146 146 ILE ILE A . n 
A 1 95  PHE 95  147 147 PHE PHE A . n 
A 1 96  LEU 96  148 148 LEU LEU A . n 
A 1 97  ARG 97  149 149 ARG ARG A . n 
A 1 98  ASP 98  150 150 ASP ASP A . n 
A 1 99  ILE 99  151 151 ILE ILE A . n 
A 1 100 GLU 100 152 152 GLU GLU A . n 
A 1 101 GLN 101 153 153 GLN GLN A . n 
A 1 102 VAL 102 154 154 VAL VAL A . n 
A 1 103 PRO 103 155 155 PRO PRO A . n 
A 1 104 GLN 104 156 ?   ?   ?   A . n 
A 1 105 GLN 105 157 ?   ?   ?   A . n 
A 1 106 PRO 106 158 ?   ?   ?   A . n 
A 1 107 THR 107 159 ?   ?   ?   A . n 
A 1 108 TYR 108 160 ?   ?   ?   A . n 
A 1 109 VAL 109 161 ?   ?   ?   A . n 
A 1 110 GLN 110 162 ?   ?   ?   A . n 
A 1 111 ALA 111 163 ?   ?   ?   A . n 
A 1 112 HIS 112 164 ?   ?   ?   A . n 
A 1 113 HIS 113 165 ?   ?   ?   A . n 
A 1 114 HIS 114 166 ?   ?   ?   A . n 
A 1 115 HIS 115 167 ?   ?   ?   A . n 
A 1 116 HIS 116 168 ?   ?   ?   A . n 
A 1 117 HIS 117 169 ?   ?   ?   A . n 
# 
loop_
_pdbx_nonpoly_scheme.asym_id 
_pdbx_nonpoly_scheme.entity_id 
_pdbx_nonpoly_scheme.mon_id 
_pdbx_nonpoly_scheme.ndb_seq_num 
_pdbx_nonpoly_scheme.pdb_seq_num 
_pdbx_nonpoly_scheme.auth_seq_num 
_pdbx_nonpoly_scheme.pdb_mon_id 
_pdbx_nonpoly_scheme.auth_mon_id 
_pdbx_nonpoly_scheme.pdb_strand_id 
_pdbx_nonpoly_scheme.pdb_ins_code 
B 2 YEN 1  1   1   YEN YEN A . 
C 3 CL  1  164 1   CL  CL  A . 
D 3 CL  1  2   2   CL  CL  A . 
E 4 MG  1  3   3   MG  MG  A . 
F 5 HOH 1  4   4   HOH HOH A . 
F 5 HOH 2  6   6   HOH HOH A . 
F 5 HOH 3  7   7   HOH HOH A . 
F 5 HOH 4  8   8   HOH HOH A . 
F 5 HOH 5  11  11  HOH HOH A . 
F 5 HOH 6  12  12  HOH HOH A . 
F 5 HOH 7  13  13  HOH HOH A . 
F 5 HOH 8  14  14  HOH HOH A . 
F 5 HOH 9  15  15  HOH HOH A . 
F 5 HOH 10 16  16  HOH HOH A . 
F 5 HOH 11 17  17  HOH HOH A . 
F 5 HOH 12 18  18  HOH HOH A . 
F 5 HOH 13 21  21  HOH HOH A . 
F 5 HOH 14 22  22  HOH HOH A . 
F 5 HOH 15 25  25  HOH HOH A . 
F 5 HOH 16 26  26  HOH HOH A . 
F 5 HOH 17 27  27  HOH HOH A . 
F 5 HOH 18 28  28  HOH HOH A . 
F 5 HOH 19 29  29  HOH HOH A . 
F 5 HOH 20 30  30  HOH HOH A . 
F 5 HOH 21 31  31  HOH HOH A . 
F 5 HOH 22 32  32  HOH HOH A . 
F 5 HOH 23 33  33  HOH HOH A . 
F 5 HOH 24 34  34  HOH HOH A . 
F 5 HOH 25 35  35  HOH HOH A . 
F 5 HOH 26 37  37  HOH HOH A . 
F 5 HOH 27 38  38  HOH HOH A . 
F 5 HOH 28 39  39  HOH HOH A . 
F 5 HOH 29 40  40  HOH HOH A . 
F 5 HOH 30 41  41  HOH HOH A . 
F 5 HOH 31 42  42  HOH HOH A . 
F 5 HOH 32 44  44  HOH HOH A . 
F 5 HOH 33 45  45  HOH HOH A . 
F 5 HOH 34 46  46  HOH HOH A . 
F 5 HOH 35 47  47  HOH HOH A . 
F 5 HOH 36 48  48  HOH HOH A . 
F 5 HOH 37 49  49  HOH HOH A . 
F 5 HOH 38 51  51  HOH HOH A . 
F 5 HOH 39 52  52  HOH HOH A . 
F 5 HOH 40 165 3   HOH HOH A . 
F 5 HOH 41 166 53  HOH HOH A . 
F 5 HOH 42 167 54  HOH HOH A . 
F 5 HOH 43 168 55  HOH HOH A . 
F 5 HOH 44 169 56  HOH HOH A . 
F 5 HOH 45 170 57  HOH HOH A . 
F 5 HOH 46 171 58  HOH HOH A . 
F 5 HOH 47 172 59  HOH HOH A . 
F 5 HOH 48 173 60  HOH HOH A . 
F 5 HOH 49 174 61  HOH HOH A . 
F 5 HOH 50 175 62  HOH HOH A . 
F 5 HOH 51 176 63  HOH HOH A . 
F 5 HOH 52 177 64  HOH HOH A . 
F 5 HOH 53 178 65  HOH HOH A . 
F 5 HOH 54 179 66  HOH HOH A . 
F 5 HOH 55 180 67  HOH HOH A . 
F 5 HOH 56 181 68  HOH HOH A . 
F 5 HOH 57 182 69  HOH HOH A . 
F 5 HOH 58 183 70  HOH HOH A . 
F 5 HOH 59 184 71  HOH HOH A . 
F 5 HOH 60 185 72  HOH HOH A . 
F 5 HOH 61 186 74  HOH HOH A . 
F 5 HOH 62 187 75  HOH HOH A . 
F 5 HOH 63 188 76  HOH HOH A . 
F 5 HOH 64 189 77  HOH HOH A . 
F 5 HOH 65 190 78  HOH HOH A . 
F 5 HOH 66 191 80  HOH HOH A . 
F 5 HOH 67 192 85  HOH HOH A . 
F 5 HOH 68 193 87  HOH HOH A . 
F 5 HOH 69 194 88  HOH HOH A . 
F 5 HOH 70 195 93  HOH HOH A . 
F 5 HOH 71 196 95  HOH HOH A . 
F 5 HOH 72 197 96  HOH HOH A . 
F 5 HOH 73 198 97  HOH HOH A . 
F 5 HOH 74 199 98  HOH HOH A . 
F 5 HOH 75 200 99  HOH HOH A . 
F 5 HOH 76 201 100 HOH HOH A . 
F 5 HOH 77 202 101 HOH HOH A . 
F 5 HOH 78 203 102 HOH HOH A . 
F 5 HOH 79 204 104 HOH HOH A . 
F 5 HOH 80 205 105 HOH HOH A . 
F 5 HOH 81 206 106 HOH HOH A . 
F 5 HOH 82 207 107 HOH HOH A . 
F 5 HOH 83 208 108 HOH HOH A . 
F 5 HOH 84 209 109 HOH HOH A . 
F 5 HOH 85 210 110 HOH HOH A . 
F 5 HOH 86 211 112 HOH HOH A . 
F 5 HOH 87 212 114 HOH HOH A . 
F 5 HOH 88 213 115 HOH HOH A . 
F 5 HOH 89 214 116 HOH HOH A . 
F 5 HOH 90 215 117 HOH HOH A . 
F 5 HOH 91 216 119 HOH HOH A . 
F 5 HOH 92 217 120 HOH HOH A . 
# 
_pdbx_molecule_features.prd_id    PRD_000635 
_pdbx_molecule_features.name      'AC-PY-E-N-NH2 TRIPEPTIDE MIMIC' 
_pdbx_molecule_features.type      Peptide-like 
_pdbx_molecule_features.class     Inhibitor 
_pdbx_molecule_features.details   ? 
# 
_pdbx_molecule.instance_id   1 
_pdbx_molecule.prd_id        PRD_000635 
_pdbx_molecule.asym_id       B 
# 
loop_
_pdbx_struct_assembly.id 
_pdbx_struct_assembly.details 
_pdbx_struct_assembly.method_details 
_pdbx_struct_assembly.oligomeric_details 
_pdbx_struct_assembly.oligomeric_count 
1 author_defined_assembly   ?    monomeric 1 
2 software_defined_assembly PISA dimeric   2 
# 
loop_
_pdbx_struct_assembly_gen.assembly_id 
_pdbx_struct_assembly_gen.oper_expression 
_pdbx_struct_assembly_gen.asym_id_list 
1 1   A,B,C,D,E,F 
2 1,2 A,B,C,D,E,F 
# 
loop_
_pdbx_struct_assembly_prop.biol_id 
_pdbx_struct_assembly_prop.type 
_pdbx_struct_assembly_prop.value 
_pdbx_struct_assembly_prop.details 
2 'ABSA (A^2)' 2790  ? 
2 MORE         -59   ? 
2 'SSA (A^2)'  10210 ? 
# 
loop_
_pdbx_struct_oper_list.id 
_pdbx_struct_oper_list.type 
_pdbx_struct_oper_list.name 
_pdbx_struct_oper_list.symmetry_operation 
_pdbx_struct_oper_list.matrix[1][1] 
_pdbx_struct_oper_list.matrix[1][2] 
_pdbx_struct_oper_list.matrix[1][3] 
_pdbx_struct_oper_list.vector[1] 
_pdbx_struct_oper_list.matrix[2][1] 
_pdbx_struct_oper_list.matrix[2][2] 
_pdbx_struct_oper_list.matrix[2][3] 
_pdbx_struct_oper_list.vector[2] 
_pdbx_struct_oper_list.matrix[3][1] 
_pdbx_struct_oper_list.matrix[3][2] 
_pdbx_struct_oper_list.matrix[3][3] 
_pdbx_struct_oper_list.vector[3] 
1 'identity operation'         1_555 x,y,z      1.0000000000  0.0000000000  0.0000000000  0.0000000000  0.0000000000  1.0000000000 0.0000000000 0.0000000000  0.0000000000  0.0000000000 1.0000000000  0.0000000000  
2 'crystal symmetry operation' 7_645 y+1,x-1,-z -0.9274651870 -0.3435478831 -0.1475912563 10.2537584903 -0.3435478831 0.6271517509 0.6990390070 -5.9157274114 -0.1475912563 0.6990390070 -0.6996865639 18.8093126525 
# 
_pdbx_struct_special_symmetry.id              1 
_pdbx_struct_special_symmetry.PDB_model_num   1 
_pdbx_struct_special_symmetry.auth_asym_id    A 
_pdbx_struct_special_symmetry.auth_comp_id    HOH 
_pdbx_struct_special_symmetry.auth_seq_id     209 
_pdbx_struct_special_symmetry.PDB_ins_code    ? 
_pdbx_struct_special_symmetry.label_asym_id   F 
_pdbx_struct_special_symmetry.label_comp_id   HOH 
_pdbx_struct_special_symmetry.label_seq_id    . 
# 
loop_
_pdbx_audit_revision_history.ordinal 
_pdbx_audit_revision_history.data_content_type 
_pdbx_audit_revision_history.major_revision 
_pdbx_audit_revision_history.minor_revision 
_pdbx_audit_revision_history.revision_date 
1 'Structure model' 1 0 2010-03-02 
2 'Structure model' 1 1 2011-07-13 
3 'Structure model' 1 2 2012-12-12 
4 'Structure model' 1 3 2023-09-06 
# 
_pdbx_audit_revision_details.ordinal             1 
_pdbx_audit_revision_details.revision_ordinal    1 
_pdbx_audit_revision_details.data_content_type   'Structure model' 
_pdbx_audit_revision_details.provider            repository 
_pdbx_audit_revision_details.type                'Initial release' 
_pdbx_audit_revision_details.description         ? 
_pdbx_audit_revision_details.details             ? 
# 
loop_
_pdbx_audit_revision_group.ordinal 
_pdbx_audit_revision_group.revision_ordinal 
_pdbx_audit_revision_group.data_content_type 
_pdbx_audit_revision_group.group 
1  2 'Structure model' 'Atomic model'              
2  2 'Structure model' 'Database references'       
3  2 'Structure model' 'Derived calculations'      
4  2 'Structure model' 'Non-polymer description'   
5  2 'Structure model' 'Structure summary'         
6  2 'Structure model' 'Version format compliance' 
7  3 'Structure model' Other                       
8  4 'Structure model' 'Data collection'           
9  4 'Structure model' 'Database references'       
10 4 'Structure model' 'Derived calculations'      
11 4 'Structure model' 'Refinement description'    
# 
loop_
_pdbx_audit_revision_category.ordinal 
_pdbx_audit_revision_category.revision_ordinal 
_pdbx_audit_revision_category.data_content_type 
_pdbx_audit_revision_category.category 
1 4 'Structure model' chem_comp_atom                
2 4 'Structure model' chem_comp_bond                
3 4 'Structure model' database_2                    
4 4 'Structure model' pdbx_initial_refinement_model 
5 4 'Structure model' struct_ref_seq_dif            
6 4 'Structure model' struct_site                   
# 
loop_
_pdbx_audit_revision_item.ordinal 
_pdbx_audit_revision_item.revision_ordinal 
_pdbx_audit_revision_item.data_content_type 
_pdbx_audit_revision_item.item 
1 4 'Structure model' '_database_2.pdbx_DOI'                
2 4 'Structure model' '_database_2.pdbx_database_accession' 
3 4 'Structure model' '_struct_ref_seq_dif.details'         
4 4 'Structure model' '_struct_site.pdbx_auth_asym_id'      
5 4 'Structure model' '_struct_site.pdbx_auth_comp_id'      
6 4 'Structure model' '_struct_site.pdbx_auth_seq_id'       
# 
loop_
_software.name 
_software.classification 
_software.version 
_software.citation_id 
_software.pdbx_ordinal 
CrystalClear 'data collection' . ? 1 
MOLREP       phasing           . ? 2 
CNS          refinement        . ? 3 
HKL-2000     'data reduction'  . ? 4 
HKL-2000     'data scaling'    . ? 5 
# 
_pdbx_validate_symm_contact.id                1 
_pdbx_validate_symm_contact.PDB_model_num     1 
_pdbx_validate_symm_contact.auth_atom_id_1    O 
_pdbx_validate_symm_contact.auth_asym_id_1    A 
_pdbx_validate_symm_contact.auth_comp_id_1    HOH 
_pdbx_validate_symm_contact.auth_seq_id_1     178 
_pdbx_validate_symm_contact.PDB_ins_code_1    ? 
_pdbx_validate_symm_contact.label_alt_id_1    ? 
_pdbx_validate_symm_contact.site_symmetry_1   1_555 
_pdbx_validate_symm_contact.auth_atom_id_2    O 
_pdbx_validate_symm_contact.auth_asym_id_2    A 
_pdbx_validate_symm_contact.auth_comp_id_2    HOH 
_pdbx_validate_symm_contact.auth_seq_id_2     178 
_pdbx_validate_symm_contact.PDB_ins_code_2    ? 
_pdbx_validate_symm_contact.label_alt_id_2    ? 
_pdbx_validate_symm_contact.site_symmetry_2   7_555 
_pdbx_validate_symm_contact.dist              1.85 
# 
loop_
_pdbx_validate_torsion.id 
_pdbx_validate_torsion.PDB_model_num 
_pdbx_validate_torsion.auth_comp_id 
_pdbx_validate_torsion.auth_asym_id 
_pdbx_validate_torsion.auth_seq_id 
_pdbx_validate_torsion.PDB_ins_code 
_pdbx_validate_torsion.label_alt_id 
_pdbx_validate_torsion.phi 
_pdbx_validate_torsion.psi 
1 1 TRP A 121 ? ? -125.48 -73.37 
2 1 VAL A 122 ? ? -126.19 -50.44 
# 
_pdbx_validate_chiral.id              1 
_pdbx_validate_chiral.PDB_model_num   1 
_pdbx_validate_chiral.auth_atom_id    C8 
_pdbx_validate_chiral.label_alt_id    ? 
_pdbx_validate_chiral.auth_asym_id    A 
_pdbx_validate_chiral.auth_comp_id    YEN 
_pdbx_validate_chiral.auth_seq_id     1 
_pdbx_validate_chiral.PDB_ins_code    ? 
_pdbx_validate_chiral.details         'WRONG HAND' 
_pdbx_validate_chiral.omega           . 
# 
loop_
_pdbx_unobs_or_zero_occ_residues.id 
_pdbx_unobs_or_zero_occ_residues.PDB_model_num 
_pdbx_unobs_or_zero_occ_residues.polymer_flag 
_pdbx_unobs_or_zero_occ_residues.occupancy_flag 
_pdbx_unobs_or_zero_occ_residues.auth_asym_id 
_pdbx_unobs_or_zero_occ_residues.auth_comp_id 
_pdbx_unobs_or_zero_occ_residues.auth_seq_id 
_pdbx_unobs_or_zero_occ_residues.PDB_ins_code 
_pdbx_unobs_or_zero_occ_residues.label_asym_id 
_pdbx_unobs_or_zero_occ_residues.label_comp_id 
_pdbx_unobs_or_zero_occ_residues.label_seq_id 
1  1 Y 1 A ILE 53  ? A ILE 1   
2  1 Y 1 A GLU 54  ? A GLU 2   
3  1 Y 1 A MET 55  ? A MET 3   
4  1 Y 1 A GLN 156 ? A GLN 104 
5  1 Y 1 A GLN 157 ? A GLN 105 
6  1 Y 1 A PRO 158 ? A PRO 106 
7  1 Y 1 A THR 159 ? A THR 107 
8  1 Y 1 A TYR 160 ? A TYR 108 
9  1 Y 1 A VAL 161 ? A VAL 109 
10 1 Y 1 A GLN 162 ? A GLN 110 
11 1 Y 1 A ALA 163 ? A ALA 111 
12 1 Y 1 A HIS 164 ? A HIS 112 
13 1 Y 1 A HIS 165 ? A HIS 113 
14 1 Y 1 A HIS 166 ? A HIS 114 
15 1 Y 1 A HIS 167 ? A HIS 115 
16 1 Y 1 A HIS 168 ? A HIS 116 
17 1 Y 1 A HIS 169 ? A HIS 117 
# 
loop_
_chem_comp_atom.comp_id 
_chem_comp_atom.atom_id 
_chem_comp_atom.type_symbol 
_chem_comp_atom.pdbx_aromatic_flag 
_chem_comp_atom.pdbx_stereo_config 
_chem_comp_atom.pdbx_ordinal 
ALA N    N  N N 1   
ALA CA   C  N S 2   
ALA C    C  N N 3   
ALA O    O  N N 4   
ALA CB   C  N N 5   
ALA OXT  O  N N 6   
ALA H    H  N N 7   
ALA H2   H  N N 8   
ALA HA   H  N N 9   
ALA HB1  H  N N 10  
ALA HB2  H  N N 11  
ALA HB3  H  N N 12  
ALA HXT  H  N N 13  
ARG N    N  N N 14  
ARG CA   C  N S 15  
ARG C    C  N N 16  
ARG O    O  N N 17  
ARG CB   C  N N 18  
ARG CG   C  N N 19  
ARG CD   C  N N 20  
ARG NE   N  N N 21  
ARG CZ   C  N N 22  
ARG NH1  N  N N 23  
ARG NH2  N  N N 24  
ARG OXT  O  N N 25  
ARG H    H  N N 26  
ARG H2   H  N N 27  
ARG HA   H  N N 28  
ARG HB2  H  N N 29  
ARG HB3  H  N N 30  
ARG HG2  H  N N 31  
ARG HG3  H  N N 32  
ARG HD2  H  N N 33  
ARG HD3  H  N N 34  
ARG HE   H  N N 35  
ARG HH11 H  N N 36  
ARG HH12 H  N N 37  
ARG HH21 H  N N 38  
ARG HH22 H  N N 39  
ARG HXT  H  N N 40  
ASN N    N  N N 41  
ASN CA   C  N S 42  
ASN C    C  N N 43  
ASN O    O  N N 44  
ASN CB   C  N N 45  
ASN CG   C  N N 46  
ASN OD1  O  N N 47  
ASN ND2  N  N N 48  
ASN OXT  O  N N 49  
ASN H    H  N N 50  
ASN H2   H  N N 51  
ASN HA   H  N N 52  
ASN HB2  H  N N 53  
ASN HB3  H  N N 54  
ASN HD21 H  N N 55  
ASN HD22 H  N N 56  
ASN HXT  H  N N 57  
ASP N    N  N N 58  
ASP CA   C  N S 59  
ASP C    C  N N 60  
ASP O    O  N N 61  
ASP CB   C  N N 62  
ASP CG   C  N N 63  
ASP OD1  O  N N 64  
ASP OD2  O  N N 65  
ASP OXT  O  N N 66  
ASP H    H  N N 67  
ASP H2   H  N N 68  
ASP HA   H  N N 69  
ASP HB2  H  N N 70  
ASP HB3  H  N N 71  
ASP HD2  H  N N 72  
ASP HXT  H  N N 73  
CL  CL   CL N N 74  
GLN N    N  N N 75  
GLN CA   C  N S 76  
GLN C    C  N N 77  
GLN O    O  N N 78  
GLN CB   C  N N 79  
GLN CG   C  N N 80  
GLN CD   C  N N 81  
GLN OE1  O  N N 82  
GLN NE2  N  N N 83  
GLN OXT  O  N N 84  
GLN H    H  N N 85  
GLN H2   H  N N 86  
GLN HA   H  N N 87  
GLN HB2  H  N N 88  
GLN HB3  H  N N 89  
GLN HG2  H  N N 90  
GLN HG3  H  N N 91  
GLN HE21 H  N N 92  
GLN HE22 H  N N 93  
GLN HXT  H  N N 94  
GLU N    N  N N 95  
GLU CA   C  N S 96  
GLU C    C  N N 97  
GLU O    O  N N 98  
GLU CB   C  N N 99  
GLU CG   C  N N 100 
GLU CD   C  N N 101 
GLU OE1  O  N N 102 
GLU OE2  O  N N 103 
GLU OXT  O  N N 104 
GLU H    H  N N 105 
GLU H2   H  N N 106 
GLU HA   H  N N 107 
GLU HB2  H  N N 108 
GLU HB3  H  N N 109 
GLU HG2  H  N N 110 
GLU HG3  H  N N 111 
GLU HE2  H  N N 112 
GLU HXT  H  N N 113 
GLY N    N  N N 114 
GLY CA   C  N N 115 
GLY C    C  N N 116 
GLY O    O  N N 117 
GLY OXT  O  N N 118 
GLY H    H  N N 119 
GLY H2   H  N N 120 
GLY HA2  H  N N 121 
GLY HA3  H  N N 122 
GLY HXT  H  N N 123 
HIS N    N  N N 124 
HIS CA   C  N S 125 
HIS C    C  N N 126 
HIS O    O  N N 127 
HIS CB   C  N N 128 
HIS CG   C  Y N 129 
HIS ND1  N  Y N 130 
HIS CD2  C  Y N 131 
HIS CE1  C  Y N 132 
HIS NE2  N  Y N 133 
HIS OXT  O  N N 134 
HIS H    H  N N 135 
HIS H2   H  N N 136 
HIS HA   H  N N 137 
HIS HB2  H  N N 138 
HIS HB3  H  N N 139 
HIS HD1  H  N N 140 
HIS HD2  H  N N 141 
HIS HE1  H  N N 142 
HIS HE2  H  N N 143 
HIS HXT  H  N N 144 
HOH O    O  N N 145 
HOH H1   H  N N 146 
HOH H2   H  N N 147 
ILE N    N  N N 148 
ILE CA   C  N S 149 
ILE C    C  N N 150 
ILE O    O  N N 151 
ILE CB   C  N S 152 
ILE CG1  C  N N 153 
ILE CG2  C  N N 154 
ILE CD1  C  N N 155 
ILE OXT  O  N N 156 
ILE H    H  N N 157 
ILE H2   H  N N 158 
ILE HA   H  N N 159 
ILE HB   H  N N 160 
ILE HG12 H  N N 161 
ILE HG13 H  N N 162 
ILE HG21 H  N N 163 
ILE HG22 H  N N 164 
ILE HG23 H  N N 165 
ILE HD11 H  N N 166 
ILE HD12 H  N N 167 
ILE HD13 H  N N 168 
ILE HXT  H  N N 169 
LEU N    N  N N 170 
LEU CA   C  N S 171 
LEU C    C  N N 172 
LEU O    O  N N 173 
LEU CB   C  N N 174 
LEU CG   C  N N 175 
LEU CD1  C  N N 176 
LEU CD2  C  N N 177 
LEU OXT  O  N N 178 
LEU H    H  N N 179 
LEU H2   H  N N 180 
LEU HA   H  N N 181 
LEU HB2  H  N N 182 
LEU HB3  H  N N 183 
LEU HG   H  N N 184 
LEU HD11 H  N N 185 
LEU HD12 H  N N 186 
LEU HD13 H  N N 187 
LEU HD21 H  N N 188 
LEU HD22 H  N N 189 
LEU HD23 H  N N 190 
LEU HXT  H  N N 191 
LYS N    N  N N 192 
LYS CA   C  N S 193 
LYS C    C  N N 194 
LYS O    O  N N 195 
LYS CB   C  N N 196 
LYS CG   C  N N 197 
LYS CD   C  N N 198 
LYS CE   C  N N 199 
LYS NZ   N  N N 200 
LYS OXT  O  N N 201 
LYS H    H  N N 202 
LYS H2   H  N N 203 
LYS HA   H  N N 204 
LYS HB2  H  N N 205 
LYS HB3  H  N N 206 
LYS HG2  H  N N 207 
LYS HG3  H  N N 208 
LYS HD2  H  N N 209 
LYS HD3  H  N N 210 
LYS HE2  H  N N 211 
LYS HE3  H  N N 212 
LYS HZ1  H  N N 213 
LYS HZ2  H  N N 214 
LYS HZ3  H  N N 215 
LYS HXT  H  N N 216 
MET N    N  N N 217 
MET CA   C  N S 218 
MET C    C  N N 219 
MET O    O  N N 220 
MET CB   C  N N 221 
MET CG   C  N N 222 
MET SD   S  N N 223 
MET CE   C  N N 224 
MET OXT  O  N N 225 
MET H    H  N N 226 
MET H2   H  N N 227 
MET HA   H  N N 228 
MET HB2  H  N N 229 
MET HB3  H  N N 230 
MET HG2  H  N N 231 
MET HG3  H  N N 232 
MET HE1  H  N N 233 
MET HE2  H  N N 234 
MET HE3  H  N N 235 
MET HXT  H  N N 236 
MG  MG   MG N N 237 
PHE N    N  N N 238 
PHE CA   C  N S 239 
PHE C    C  N N 240 
PHE O    O  N N 241 
PHE CB   C  N N 242 
PHE CG   C  Y N 243 
PHE CD1  C  Y N 244 
PHE CD2  C  Y N 245 
PHE CE1  C  Y N 246 
PHE CE2  C  Y N 247 
PHE CZ   C  Y N 248 
PHE OXT  O  N N 249 
PHE H    H  N N 250 
PHE H2   H  N N 251 
PHE HA   H  N N 252 
PHE HB2  H  N N 253 
PHE HB3  H  N N 254 
PHE HD1  H  N N 255 
PHE HD2  H  N N 256 
PHE HE1  H  N N 257 
PHE HE2  H  N N 258 
PHE HZ   H  N N 259 
PHE HXT  H  N N 260 
PRO N    N  N N 261 
PRO CA   C  N S 262 
PRO C    C  N N 263 
PRO O    O  N N 264 
PRO CB   C  N N 265 
PRO CG   C  N N 266 
PRO CD   C  N N 267 
PRO OXT  O  N N 268 
PRO H    H  N N 269 
PRO HA   H  N N 270 
PRO HB2  H  N N 271 
PRO HB3  H  N N 272 
PRO HG2  H  N N 273 
PRO HG3  H  N N 274 
PRO HD2  H  N N 275 
PRO HD3  H  N N 276 
PRO HXT  H  N N 277 
SER N    N  N N 278 
SER CA   C  N S 279 
SER C    C  N N 280 
SER O    O  N N 281 
SER CB   C  N N 282 
SER OG   O  N N 283 
SER OXT  O  N N 284 
SER H    H  N N 285 
SER H2   H  N N 286 
SER HA   H  N N 287 
SER HB2  H  N N 288 
SER HB3  H  N N 289 
SER HG   H  N N 290 
SER HXT  H  N N 291 
THR N    N  N N 292 
THR CA   C  N S 293 
THR C    C  N N 294 
THR O    O  N N 295 
THR CB   C  N R 296 
THR OG1  O  N N 297 
THR CG2  C  N N 298 
THR OXT  O  N N 299 
THR H    H  N N 300 
THR H2   H  N N 301 
THR HA   H  N N 302 
THR HB   H  N N 303 
THR HG1  H  N N 304 
THR HG21 H  N N 305 
THR HG22 H  N N 306 
THR HG23 H  N N 307 
THR HXT  H  N N 308 
TRP N    N  N N 309 
TRP CA   C  N S 310 
TRP C    C  N N 311 
TRP O    O  N N 312 
TRP CB   C  N N 313 
TRP CG   C  Y N 314 
TRP CD1  C  Y N 315 
TRP CD2  C  Y N 316 
TRP NE1  N  Y N 317 
TRP CE2  C  Y N 318 
TRP CE3  C  Y N 319 
TRP CZ2  C  Y N 320 
TRP CZ3  C  Y N 321 
TRP CH2  C  Y N 322 
TRP OXT  O  N N 323 
TRP H    H  N N 324 
TRP H2   H  N N 325 
TRP HA   H  N N 326 
TRP HB2  H  N N 327 
TRP HB3  H  N N 328 
TRP HD1  H  N N 329 
TRP HE1  H  N N 330 
TRP HE3  H  N N 331 
TRP HZ2  H  N N 332 
TRP HZ3  H  N N 333 
TRP HH2  H  N N 334 
TRP HXT  H  N N 335 
TYR N    N  N N 336 
TYR CA   C  N S 337 
TYR C    C  N N 338 
TYR O    O  N N 339 
TYR CB   C  N N 340 
TYR CG   C  Y N 341 
TYR CD1  C  Y N 342 
TYR CD2  C  Y N 343 
TYR CE1  C  Y N 344 
TYR CE2  C  Y N 345 
TYR CZ   C  Y N 346 
TYR OH   O  N N 347 
TYR OXT  O  N N 348 
TYR H    H  N N 349 
TYR H2   H  N N 350 
TYR HA   H  N N 351 
TYR HB2  H  N N 352 
TYR HB3  H  N N 353 
TYR HD1  H  N N 354 
TYR HD2  H  N N 355 
TYR HE1  H  N N 356 
TYR HE2  H  N N 357 
TYR HH   H  N N 358 
TYR HXT  H  N N 359 
VAL N    N  N N 360 
VAL CA   C  N S 361 
VAL C    C  N N 362 
VAL O    O  N N 363 
VAL CB   C  N N 364 
VAL CG1  C  N N 365 
VAL CG2  C  N N 366 
VAL OXT  O  N N 367 
VAL H    H  N N 368 
VAL H2   H  N N 369 
VAL HA   H  N N 370 
VAL HB   H  N N 371 
VAL HG11 H  N N 372 
VAL HG12 H  N N 373 
VAL HG13 H  N N 374 
VAL HG21 H  N N 375 
VAL HG22 H  N N 376 
VAL HG23 H  N N 377 
VAL HXT  H  N N 378 
YEN C1   C  Y N 379 
YEN C2   C  Y N 380 
YEN C3   C  Y N 381 
YEN C4   C  Y N 382 
YEN C5   C  Y N 383 
YEN C6   C  Y N 384 
YEN O1   O  N N 385 
YEN P1   P  N N 386 
YEN O2   O  N N 387 
YEN O3   O  N N 388 
YEN O4   O  N N 389 
YEN C7   C  N N 390 
YEN C8   C  N S 391 
YEN C9   C  N N 392 
YEN O5   O  N N 393 
YEN C10  C  N N 394 
YEN C11  C  N N 395 
YEN N1   N  N N 396 
YEN C12  C  N N 397 
YEN O7   O  N N 398 
YEN N2   N  N N 399 
YEN C13  C  N S 400 
YEN C14  C  N N 401 
YEN O8   O  N N 402 
YEN C15  C  N N 403 
YEN C16  C  N N 404 
YEN C17  C  N N 405 
YEN O9   O  N N 406 
YEN O10  O  N N 407 
YEN N3   N  N N 408 
YEN C18  C  N S 409 
YEN C19  C  N N 410 
YEN O12  O  N N 411 
YEN C20  C  N N 412 
YEN C21  C  N N 413 
YEN O13  O  N N 414 
YEN N4   N  N N 415 
YEN N5   N  N N 416 
YEN H1   H  N N 417 
YEN H2   H  N N 418 
YEN H3   H  N N 419 
YEN H4   H  N N 420 
YEN H5   H  N N 421 
YEN H6   H  N N 422 
YEN H7   H  N N 423 
YEN H8   H  N N 424 
YEN H9   H  N N 425 
YEN H11  H  N N 426 
YEN H12  H  N N 427 
YEN H13  H  N N 428 
YEN H14  H  N N 429 
YEN H15  H  N N 430 
YEN H16  H  N N 431 
YEN H17  H  N N 432 
YEN H19  H  N N 433 
YEN H20  H  N N 434 
YEN H21  H  N N 435 
YEN H22  H  N N 436 
YEN H23  H  N N 437 
YEN H24  H  N N 438 
YEN H26  H  N N 439 
YEN H28  H  N N 440 
YEN H29  H  N N 441 
YEN H30  H  N N 442 
YEN H31  H  N N 443 
YEN H32  H  N N 444 
YEN H34  H  N N 445 
YEN H35  H  N N 446 
# 
loop_
_chem_comp_bond.comp_id 
_chem_comp_bond.atom_id_1 
_chem_comp_bond.atom_id_2 
_chem_comp_bond.value_order 
_chem_comp_bond.pdbx_aromatic_flag 
_chem_comp_bond.pdbx_stereo_config 
_chem_comp_bond.pdbx_ordinal 
ALA N   CA   sing N N 1   
ALA N   H    sing N N 2   
ALA N   H2   sing N N 3   
ALA CA  C    sing N N 4   
ALA CA  CB   sing N N 5   
ALA CA  HA   sing N N 6   
ALA C   O    doub N N 7   
ALA C   OXT  sing N N 8   
ALA CB  HB1  sing N N 9   
ALA CB  HB2  sing N N 10  
ALA CB  HB3  sing N N 11  
ALA OXT HXT  sing N N 12  
ARG N   CA   sing N N 13  
ARG N   H    sing N N 14  
ARG N   H2   sing N N 15  
ARG CA  C    sing N N 16  
ARG CA  CB   sing N N 17  
ARG CA  HA   sing N N 18  
ARG C   O    doub N N 19  
ARG C   OXT  sing N N 20  
ARG CB  CG   sing N N 21  
ARG CB  HB2  sing N N 22  
ARG CB  HB3  sing N N 23  
ARG CG  CD   sing N N 24  
ARG CG  HG2  sing N N 25  
ARG CG  HG3  sing N N 26  
ARG CD  NE   sing N N 27  
ARG CD  HD2  sing N N 28  
ARG CD  HD3  sing N N 29  
ARG NE  CZ   sing N N 30  
ARG NE  HE   sing N N 31  
ARG CZ  NH1  sing N N 32  
ARG CZ  NH2  doub N N 33  
ARG NH1 HH11 sing N N 34  
ARG NH1 HH12 sing N N 35  
ARG NH2 HH21 sing N N 36  
ARG NH2 HH22 sing N N 37  
ARG OXT HXT  sing N N 38  
ASN N   CA   sing N N 39  
ASN N   H    sing N N 40  
ASN N   H2   sing N N 41  
ASN CA  C    sing N N 42  
ASN CA  CB   sing N N 43  
ASN CA  HA   sing N N 44  
ASN C   O    doub N N 45  
ASN C   OXT  sing N N 46  
ASN CB  CG   sing N N 47  
ASN CB  HB2  sing N N 48  
ASN CB  HB3  sing N N 49  
ASN CG  OD1  doub N N 50  
ASN CG  ND2  sing N N 51  
ASN ND2 HD21 sing N N 52  
ASN ND2 HD22 sing N N 53  
ASN OXT HXT  sing N N 54  
ASP N   CA   sing N N 55  
ASP N   H    sing N N 56  
ASP N   H2   sing N N 57  
ASP CA  C    sing N N 58  
ASP CA  CB   sing N N 59  
ASP CA  HA   sing N N 60  
ASP C   O    doub N N 61  
ASP C   OXT  sing N N 62  
ASP CB  CG   sing N N 63  
ASP CB  HB2  sing N N 64  
ASP CB  HB3  sing N N 65  
ASP CG  OD1  doub N N 66  
ASP CG  OD2  sing N N 67  
ASP OD2 HD2  sing N N 68  
ASP OXT HXT  sing N N 69  
GLN N   CA   sing N N 70  
GLN N   H    sing N N 71  
GLN N   H2   sing N N 72  
GLN CA  C    sing N N 73  
GLN CA  CB   sing N N 74  
GLN CA  HA   sing N N 75  
GLN C   O    doub N N 76  
GLN C   OXT  sing N N 77  
GLN CB  CG   sing N N 78  
GLN CB  HB2  sing N N 79  
GLN CB  HB3  sing N N 80  
GLN CG  CD   sing N N 81  
GLN CG  HG2  sing N N 82  
GLN CG  HG3  sing N N 83  
GLN CD  OE1  doub N N 84  
GLN CD  NE2  sing N N 85  
GLN NE2 HE21 sing N N 86  
GLN NE2 HE22 sing N N 87  
GLN OXT HXT  sing N N 88  
GLU N   CA   sing N N 89  
GLU N   H    sing N N 90  
GLU N   H2   sing N N 91  
GLU CA  C    sing N N 92  
GLU CA  CB   sing N N 93  
GLU CA  HA   sing N N 94  
GLU C   O    doub N N 95  
GLU C   OXT  sing N N 96  
GLU CB  CG   sing N N 97  
GLU CB  HB2  sing N N 98  
GLU CB  HB3  sing N N 99  
GLU CG  CD   sing N N 100 
GLU CG  HG2  sing N N 101 
GLU CG  HG3  sing N N 102 
GLU CD  OE1  doub N N 103 
GLU CD  OE2  sing N N 104 
GLU OE2 HE2  sing N N 105 
GLU OXT HXT  sing N N 106 
GLY N   CA   sing N N 107 
GLY N   H    sing N N 108 
GLY N   H2   sing N N 109 
GLY CA  C    sing N N 110 
GLY CA  HA2  sing N N 111 
GLY CA  HA3  sing N N 112 
GLY C   O    doub N N 113 
GLY C   OXT  sing N N 114 
GLY OXT HXT  sing N N 115 
HIS N   CA   sing N N 116 
HIS N   H    sing N N 117 
HIS N   H2   sing N N 118 
HIS CA  C    sing N N 119 
HIS CA  CB   sing N N 120 
HIS CA  HA   sing N N 121 
HIS C   O    doub N N 122 
HIS C   OXT  sing N N 123 
HIS CB  CG   sing N N 124 
HIS CB  HB2  sing N N 125 
HIS CB  HB3  sing N N 126 
HIS CG  ND1  sing Y N 127 
HIS CG  CD2  doub Y N 128 
HIS ND1 CE1  doub Y N 129 
HIS ND1 HD1  sing N N 130 
HIS CD2 NE2  sing Y N 131 
HIS CD2 HD2  sing N N 132 
HIS CE1 NE2  sing Y N 133 
HIS CE1 HE1  sing N N 134 
HIS NE2 HE2  sing N N 135 
HIS OXT HXT  sing N N 136 
HOH O   H1   sing N N 137 
HOH O   H2   sing N N 138 
ILE N   CA   sing N N 139 
ILE N   H    sing N N 140 
ILE N   H2   sing N N 141 
ILE CA  C    sing N N 142 
ILE CA  CB   sing N N 143 
ILE CA  HA   sing N N 144 
ILE C   O    doub N N 145 
ILE C   OXT  sing N N 146 
ILE CB  CG1  sing N N 147 
ILE CB  CG2  sing N N 148 
ILE CB  HB   sing N N 149 
ILE CG1 CD1  sing N N 150 
ILE CG1 HG12 sing N N 151 
ILE CG1 HG13 sing N N 152 
ILE CG2 HG21 sing N N 153 
ILE CG2 HG22 sing N N 154 
ILE CG2 HG23 sing N N 155 
ILE CD1 HD11 sing N N 156 
ILE CD1 HD12 sing N N 157 
ILE CD1 HD13 sing N N 158 
ILE OXT HXT  sing N N 159 
LEU N   CA   sing N N 160 
LEU N   H    sing N N 161 
LEU N   H2   sing N N 162 
LEU CA  C    sing N N 163 
LEU CA  CB   sing N N 164 
LEU CA  HA   sing N N 165 
LEU C   O    doub N N 166 
LEU C   OXT  sing N N 167 
LEU CB  CG   sing N N 168 
LEU CB  HB2  sing N N 169 
LEU CB  HB3  sing N N 170 
LEU CG  CD1  sing N N 171 
LEU CG  CD2  sing N N 172 
LEU CG  HG   sing N N 173 
LEU CD1 HD11 sing N N 174 
LEU CD1 HD12 sing N N 175 
LEU CD1 HD13 sing N N 176 
LEU CD2 HD21 sing N N 177 
LEU CD2 HD22 sing N N 178 
LEU CD2 HD23 sing N N 179 
LEU OXT HXT  sing N N 180 
LYS N   CA   sing N N 181 
LYS N   H    sing N N 182 
LYS N   H2   sing N N 183 
LYS CA  C    sing N N 184 
LYS CA  CB   sing N N 185 
LYS CA  HA   sing N N 186 
LYS C   O    doub N N 187 
LYS C   OXT  sing N N 188 
LYS CB  CG   sing N N 189 
LYS CB  HB2  sing N N 190 
LYS CB  HB3  sing N N 191 
LYS CG  CD   sing N N 192 
LYS CG  HG2  sing N N 193 
LYS CG  HG3  sing N N 194 
LYS CD  CE   sing N N 195 
LYS CD  HD2  sing N N 196 
LYS CD  HD3  sing N N 197 
LYS CE  NZ   sing N N 198 
LYS CE  HE2  sing N N 199 
LYS CE  HE3  sing N N 200 
LYS NZ  HZ1  sing N N 201 
LYS NZ  HZ2  sing N N 202 
LYS NZ  HZ3  sing N N 203 
LYS OXT HXT  sing N N 204 
MET N   CA   sing N N 205 
MET N   H    sing N N 206 
MET N   H2   sing N N 207 
MET CA  C    sing N N 208 
MET CA  CB   sing N N 209 
MET CA  HA   sing N N 210 
MET C   O    doub N N 211 
MET C   OXT  sing N N 212 
MET CB  CG   sing N N 213 
MET CB  HB2  sing N N 214 
MET CB  HB3  sing N N 215 
MET CG  SD   sing N N 216 
MET CG  HG2  sing N N 217 
MET CG  HG3  sing N N 218 
MET SD  CE   sing N N 219 
MET CE  HE1  sing N N 220 
MET CE  HE2  sing N N 221 
MET CE  HE3  sing N N 222 
MET OXT HXT  sing N N 223 
PHE N   CA   sing N N 224 
PHE N   H    sing N N 225 
PHE N   H2   sing N N 226 
PHE CA  C    sing N N 227 
PHE CA  CB   sing N N 228 
PHE CA  HA   sing N N 229 
PHE C   O    doub N N 230 
PHE C   OXT  sing N N 231 
PHE CB  CG   sing N N 232 
PHE CB  HB2  sing N N 233 
PHE CB  HB3  sing N N 234 
PHE CG  CD1  doub Y N 235 
PHE CG  CD2  sing Y N 236 
PHE CD1 CE1  sing Y N 237 
PHE CD1 HD1  sing N N 238 
PHE CD2 CE2  doub Y N 239 
PHE CD2 HD2  sing N N 240 
PHE CE1 CZ   doub Y N 241 
PHE CE1 HE1  sing N N 242 
PHE CE2 CZ   sing Y N 243 
PHE CE2 HE2  sing N N 244 
PHE CZ  HZ   sing N N 245 
PHE OXT HXT  sing N N 246 
PRO N   CA   sing N N 247 
PRO N   CD   sing N N 248 
PRO N   H    sing N N 249 
PRO CA  C    sing N N 250 
PRO CA  CB   sing N N 251 
PRO CA  HA   sing N N 252 
PRO C   O    doub N N 253 
PRO C   OXT  sing N N 254 
PRO CB  CG   sing N N 255 
PRO CB  HB2  sing N N 256 
PRO CB  HB3  sing N N 257 
PRO CG  CD   sing N N 258 
PRO CG  HG2  sing N N 259 
PRO CG  HG3  sing N N 260 
PRO CD  HD2  sing N N 261 
PRO CD  HD3  sing N N 262 
PRO OXT HXT  sing N N 263 
SER N   CA   sing N N 264 
SER N   H    sing N N 265 
SER N   H2   sing N N 266 
SER CA  C    sing N N 267 
SER CA  CB   sing N N 268 
SER CA  HA   sing N N 269 
SER C   O    doub N N 270 
SER C   OXT  sing N N 271 
SER CB  OG   sing N N 272 
SER CB  HB2  sing N N 273 
SER CB  HB3  sing N N 274 
SER OG  HG   sing N N 275 
SER OXT HXT  sing N N 276 
THR N   CA   sing N N 277 
THR N   H    sing N N 278 
THR N   H2   sing N N 279 
THR CA  C    sing N N 280 
THR CA  CB   sing N N 281 
THR CA  HA   sing N N 282 
THR C   O    doub N N 283 
THR C   OXT  sing N N 284 
THR CB  OG1  sing N N 285 
THR CB  CG2  sing N N 286 
THR CB  HB   sing N N 287 
THR OG1 HG1  sing N N 288 
THR CG2 HG21 sing N N 289 
THR CG2 HG22 sing N N 290 
THR CG2 HG23 sing N N 291 
THR OXT HXT  sing N N 292 
TRP N   CA   sing N N 293 
TRP N   H    sing N N 294 
TRP N   H2   sing N N 295 
TRP CA  C    sing N N 296 
TRP CA  CB   sing N N 297 
TRP CA  HA   sing N N 298 
TRP C   O    doub N N 299 
TRP C   OXT  sing N N 300 
TRP CB  CG   sing N N 301 
TRP CB  HB2  sing N N 302 
TRP CB  HB3  sing N N 303 
TRP CG  CD1  doub Y N 304 
TRP CG  CD2  sing Y N 305 
TRP CD1 NE1  sing Y N 306 
TRP CD1 HD1  sing N N 307 
TRP CD2 CE2  doub Y N 308 
TRP CD2 CE3  sing Y N 309 
TRP NE1 CE2  sing Y N 310 
TRP NE1 HE1  sing N N 311 
TRP CE2 CZ2  sing Y N 312 
TRP CE3 CZ3  doub Y N 313 
TRP CE3 HE3  sing N N 314 
TRP CZ2 CH2  doub Y N 315 
TRP CZ2 HZ2  sing N N 316 
TRP CZ3 CH2  sing Y N 317 
TRP CZ3 HZ3  sing N N 318 
TRP CH2 HH2  sing N N 319 
TRP OXT HXT  sing N N 320 
TYR N   CA   sing N N 321 
TYR N   H    sing N N 322 
TYR N   H2   sing N N 323 
TYR CA  C    sing N N 324 
TYR CA  CB   sing N N 325 
TYR CA  HA   sing N N 326 
TYR C   O    doub N N 327 
TYR C   OXT  sing N N 328 
TYR CB  CG   sing N N 329 
TYR CB  HB2  sing N N 330 
TYR CB  HB3  sing N N 331 
TYR CG  CD1  doub Y N 332 
TYR CG  CD2  sing Y N 333 
TYR CD1 CE1  sing Y N 334 
TYR CD1 HD1  sing N N 335 
TYR CD2 CE2  doub Y N 336 
TYR CD2 HD2  sing N N 337 
TYR CE1 CZ   doub Y N 338 
TYR CE1 HE1  sing N N 339 
TYR CE2 CZ   sing Y N 340 
TYR CE2 HE2  sing N N 341 
TYR CZ  OH   sing N N 342 
TYR OH  HH   sing N N 343 
TYR OXT HXT  sing N N 344 
VAL N   CA   sing N N 345 
VAL N   H    sing N N 346 
VAL N   H2   sing N N 347 
VAL CA  C    sing N N 348 
VAL CA  CB   sing N N 349 
VAL CA  HA   sing N N 350 
VAL C   O    doub N N 351 
VAL C   OXT  sing N N 352 
VAL CB  CG1  sing N N 353 
VAL CB  CG2  sing N N 354 
VAL CB  HB   sing N N 355 
VAL CG1 HG11 sing N N 356 
VAL CG1 HG12 sing N N 357 
VAL CG1 HG13 sing N N 358 
VAL CG2 HG21 sing N N 359 
VAL CG2 HG22 sing N N 360 
VAL CG2 HG23 sing N N 361 
VAL OXT HXT  sing N N 362 
YEN C1  C2   sing Y N 363 
YEN C1  C6   doub Y N 364 
YEN C1  H1   sing N N 365 
YEN C2  C3   doub Y N 366 
YEN C2  H2   sing N N 367 
YEN C3  C4   sing Y N 368 
YEN C3  O1   sing N N 369 
YEN C4  C5   doub Y N 370 
YEN C4  H3   sing N N 371 
YEN C5  C6   sing Y N 372 
YEN C5  H4   sing N N 373 
YEN C6  C7   sing N N 374 
YEN O1  P1   sing N N 375 
YEN P1  O2   sing N N 376 
YEN P1  O3   doub N N 377 
YEN P1  O4   sing N N 378 
YEN O2  H5   sing N N 379 
YEN O4  H6   sing N N 380 
YEN C7  C8   sing N N 381 
YEN C7  H7   sing N N 382 
YEN C7  H8   sing N N 383 
YEN C8  C9   sing N N 384 
YEN C8  C10  sing N N 385 
YEN C8  H9   sing N N 386 
YEN C9  O5   doub N N 387 
YEN C9  N2   sing N N 388 
YEN C10 C11  sing N N 389 
YEN C10 H11  sing N N 390 
YEN C10 H12  sing N N 391 
YEN C11 N1   sing N N 392 
YEN C11 O7   doub N N 393 
YEN N1  C12  sing N N 394 
YEN N1  H13  sing N N 395 
YEN C12 H14  sing N N 396 
YEN C12 H15  sing N N 397 
YEN C12 H16  sing N N 398 
YEN N2  C13  sing N N 399 
YEN N2  H17  sing N N 400 
YEN C13 C14  sing N N 401 
YEN C13 C15  sing N N 402 
YEN C13 H19  sing N N 403 
YEN C14 O8   doub N N 404 
YEN C14 N3   sing N N 405 
YEN C15 C16  sing N N 406 
YEN C15 H20  sing N N 407 
YEN C15 H21  sing N N 408 
YEN C16 C17  sing N N 409 
YEN C16 H22  sing N N 410 
YEN C16 H23  sing N N 411 
YEN C17 O9   doub N N 412 
YEN C17 O10  sing N N 413 
YEN O10 H24  sing N N 414 
YEN N3  C18  sing N N 415 
YEN N3  H26  sing N N 416 
YEN C18 C19  sing N N 417 
YEN C18 C20  sing N N 418 
YEN C18 H28  sing N N 419 
YEN C19 O12  doub N N 420 
YEN C19 N5   sing N N 421 
YEN C20 C21  sing N N 422 
YEN C20 H29  sing N N 423 
YEN C20 H30  sing N N 424 
YEN C21 O13  doub N N 425 
YEN C21 N4   sing N N 426 
YEN N4  H31  sing N N 427 
YEN N4  H32  sing N N 428 
YEN N5  H34  sing N N 429 
YEN N5  H35  sing N N 430 
# 
loop_
_pdbx_entity_nonpoly.entity_id 
_pdbx_entity_nonpoly.name 
_pdbx_entity_nonpoly.comp_id 
2 'N-{(2S)-4-(methylamino)-4-oxo-2-[4-(phosphonooxy)benzyl]butanoyl}-L-alpha-glutamyl-L-aspartamide' YEN 
3 'CHLORIDE ION'                                                                                     CL  
4 'MAGNESIUM ION'                                                                                    MG  
5 water                                                                                              HOH 
# 
_pdbx_initial_refinement_model.id               1 
_pdbx_initial_refinement_model.entity_id_list   ? 
_pdbx_initial_refinement_model.type             'experimental model' 
_pdbx_initial_refinement_model.source_name      PDB 
_pdbx_initial_refinement_model.accession_code   3C7I 
_pdbx_initial_refinement_model.details          'pdb entry 3C7I' 
# 
